data_9J8G
# 
_entry.id   9J8G 
# 
_audit_conform.dict_name       mmcif_pdbx.dic 
_audit_conform.dict_version    5.404 
_audit_conform.dict_location   http://mmcif.pdb.org/dictionaries/ascii/mmcif_pdbx.dic 
# 
loop_
_database_2.database_id 
_database_2.database_code 
_database_2.pdbx_database_accession 
_database_2.pdbx_DOI 
PDB   9J8G         pdb_00009j8g 10.2210/pdb9j8g/pdb 
WWPDB D_1300050609 ?            ?                   
# 
_pdbx_audit_revision_history.ordinal             1 
_pdbx_audit_revision_history.data_content_type   'Structure model' 
_pdbx_audit_revision_history.major_revision      1 
_pdbx_audit_revision_history.minor_revision      0 
_pdbx_audit_revision_history.revision_date       2025-06-25 
_pdbx_audit_revision_history.part_number         ? 
# 
_pdbx_audit_revision_details.ordinal             1 
_pdbx_audit_revision_details.revision_ordinal    1 
_pdbx_audit_revision_details.data_content_type   'Structure model' 
_pdbx_audit_revision_details.provider            repository 
_pdbx_audit_revision_details.type                'Initial release' 
_pdbx_audit_revision_details.description         ? 
_pdbx_audit_revision_details.details             ? 
# 
_pdbx_database_status.status_code                     REL 
_pdbx_database_status.status_code_sf                  REL 
_pdbx_database_status.status_code_mr                  ? 
_pdbx_database_status.entry_id                        9J8G 
_pdbx_database_status.recvd_initial_deposition_date   2024-08-21 
_pdbx_database_status.SG_entry                        N 
_pdbx_database_status.deposit_site                    PDBJ 
_pdbx_database_status.process_site                    PDBC 
_pdbx_database_status.status_code_cs                  ? 
_pdbx_database_status.status_code_nmr_data            ? 
_pdbx_database_status.methods_development_category    ? 
_pdbx_database_status.pdb_format_compatible           Y 
# 
_pdbx_database_related.db_name        PDB 
_pdbx_database_related.details        . 
_pdbx_database_related.db_id          9j89 
_pdbx_database_related.content_type   unspecified 
# 
_pdbx_contact_author.id                 2 
_pdbx_contact_author.email              chunzhou@zju.edu.cn 
_pdbx_contact_author.name_first         Chun 
_pdbx_contact_author.name_last          Zhou 
_pdbx_contact_author.name_mi            ? 
_pdbx_contact_author.role               'principal investigator/group leader' 
_pdbx_contact_author.identifier_ORCID   0000-0002-9257-468X 
# 
loop_
_audit_author.name 
_audit_author.pdbx_ordinal 
_audit_author.identifier_ORCID 
'Gao, A.M.' 1 ? 
'Zhoiu, C.' 2 ? 
# 
_citation.abstract                  ? 
_citation.abstract_id_CAS           ? 
_citation.book_id_ISBN              ? 
_citation.book_publisher            ? 
_citation.book_publisher_city       ? 
_citation.book_title                ? 
_citation.coordinate_linkage        ? 
_citation.country                   US 
_citation.database_id_Medline       ? 
_citation.details                   ? 
_citation.id                        primary 
_citation.journal_abbrev            Mol.Cell 
_citation.journal_id_ASTM           MOCEFL 
_citation.journal_id_CSD            2168 
_citation.journal_id_ISSN           1097-2765 
_citation.journal_full              ? 
_citation.journal_issue             ? 
_citation.journal_volume            85 
_citation.language                  ? 
_citation.page_first                1790 
_citation.page_last                 1805.e7 
_citation.title                     'ZBP1 senses spliceosome stress through Z-RNA:DNA hybrid recognition.' 
_citation.year                      2025 
_citation.database_id_CSD           ? 
_citation.pdbx_database_id_DOI      10.1016/j.molcel.2025.04.004 
_citation.pdbx_database_id_PubMed   40267921 
_citation.pdbx_database_id_patent   ? 
_citation.unpublished_flag          ? 
# 
loop_
_citation_author.citation_id 
_citation_author.name 
_citation_author.ordinal 
_citation_author.identifier_ORCID 
primary 'He, J.'    1  ? 
primary 'Zhu, Y.'   2  ? 
primary 'Tian, Z.'  3  ? 
primary 'Liu, M.'   4  ? 
primary 'Gao, A.'   5  ? 
primary 'Fu, W.'    6  ? 
primary 'Lu, F.'    7  ? 
primary 'Sun, Y.'   8  ? 
primary 'Guo, Y.'   9  ? 
primary 'Pan, R.'   10 ? 
primary 'Ji, Y.'    11 ? 
primary 'Chen, J.'  12 ? 
primary 'Lu, H.'    13 ? 
primary 'Lin, J.'   14 ? 
primary 'Liang, X.' 15 ? 
primary 'Kim, C.'   16 ? 
primary 'Zhou, C.'  17 ? 
primary 'Jiao, H.'  18 ? 
# 
loop_
_entity.id 
_entity.type 
_entity.src_method 
_entity.pdbx_description 
_entity.formula_weight 
_entity.pdbx_number_of_molecules 
_entity.pdbx_ec 
_entity.pdbx_mutation 
_entity.pdbx_fragment 
_entity.details 
1 polymer man 'Z-DNA-binding protein 1'           6556.586 1  ? ? ? ? 
2 polymer syn 
;DNA (5'-D(P*CP*AP*CP*GP*CP*A)-3')
;
1778.208 1  ? ? ? ? 
3 polymer syn 
;RNA (5'-R(P*UP*GP*CP*GP*UP*G)-3')
;
1908.173 1  ? ? ? ? 
4 water   nat water                               18.015   36 ? ? ? ? 
# 
_entity_name_com.entity_id   1 
_entity_name_com.name        
'DNA-dependent activator of IFN-regulatory factors,DAI,Tumor stroma and activated macrophage protein DLM-1' 
# 
loop_
_entity_poly.entity_id 
_entity_poly.type 
_entity_poly.nstd_linkage 
_entity_poly.nstd_monomer 
_entity_poly.pdbx_seq_one_letter_code 
_entity_poly.pdbx_seq_one_letter_code_can 
_entity_poly.pdbx_strand_id 
_entity_poly.pdbx_target_identifier 
1 'polypeptide(L)'        no no DNLEQKILQVLSDDGGPVKIGQLVKKCQVPKKTLNQVLYRLKKEDRVSSPEPATWSIGG 
DNLEQKILQVLSDDGGPVKIGQLVKKCQVPKKTLNQVLYRLKKEDRVSSPEPATWSIGG A ? 
2 polydeoxyribonucleotide no no '(DC)(DA)(DC)(DG)(DC)(DA)'                                  CACGCA C ? 
3 polyribonucleotide      no no UGCGUG                                                      UGCGUG B ? 
# 
_pdbx_entity_nonpoly.entity_id   4 
_pdbx_entity_nonpoly.name        water 
_pdbx_entity_nonpoly.comp_id     HOH 
# 
loop_
_entity_poly_seq.entity_id 
_entity_poly_seq.num 
_entity_poly_seq.mon_id 
_entity_poly_seq.hetero 
1 1  ASP n 
1 2  ASN n 
1 3  LEU n 
1 4  GLU n 
1 5  GLN n 
1 6  LYS n 
1 7  ILE n 
1 8  LEU n 
1 9  GLN n 
1 10 VAL n 
1 11 LEU n 
1 12 SER n 
1 13 ASP n 
1 14 ASP n 
1 15 GLY n 
1 16 GLY n 
1 17 PRO n 
1 18 VAL n 
1 19 LYS n 
1 20 ILE n 
1 21 GLY n 
1 22 GLN n 
1 23 LEU n 
1 24 VAL n 
1 25 LYS n 
1 26 LYS n 
1 27 CYS n 
1 28 GLN n 
1 29 VAL n 
1 30 PRO n 
1 31 LYS n 
1 32 LYS n 
1 33 THR n 
1 34 LEU n 
1 35 ASN n 
1 36 GLN n 
1 37 VAL n 
1 38 LEU n 
1 39 TYR n 
1 40 ARG n 
1 41 LEU n 
1 42 LYS n 
1 43 LYS n 
1 44 GLU n 
1 45 ASP n 
1 46 ARG n 
1 47 VAL n 
1 48 SER n 
1 49 SER n 
1 50 PRO n 
1 51 GLU n 
1 52 PRO n 
1 53 ALA n 
1 54 THR n 
1 55 TRP n 
1 56 SER n 
1 57 ILE n 
1 58 GLY n 
1 59 GLY n 
2 1  DC  n 
2 2  DA  n 
2 3  DC  n 
2 4  DG  n 
2 5  DC  n 
2 6  DA  n 
3 1  U   n 
3 2  G   n 
3 3  C   n 
3 4  G   n 
3 5  U   n 
3 6  G   n 
# 
_entity_src_gen.entity_id                          1 
_entity_src_gen.pdbx_src_id                        1 
_entity_src_gen.pdbx_alt_source_flag               sample 
_entity_src_gen.pdbx_seq_type                      'Biological sequence' 
_entity_src_gen.pdbx_beg_seq_num                   1 
_entity_src_gen.pdbx_end_seq_num                   59 
_entity_src_gen.gene_src_common_name               'house mouse' 
_entity_src_gen.gene_src_genus                     ? 
_entity_src_gen.pdbx_gene_src_gene                 'Zbp1, Dlm1' 
_entity_src_gen.gene_src_species                   ? 
_entity_src_gen.gene_src_strain                    ? 
_entity_src_gen.gene_src_tissue                    ? 
_entity_src_gen.gene_src_tissue_fraction           ? 
_entity_src_gen.gene_src_details                   ? 
_entity_src_gen.pdbx_gene_src_fragment             ? 
_entity_src_gen.pdbx_gene_src_scientific_name      'Mus musculus' 
_entity_src_gen.pdbx_gene_src_ncbi_taxonomy_id     10090 
_entity_src_gen.pdbx_gene_src_variant              ? 
_entity_src_gen.pdbx_gene_src_cell_line            ? 
_entity_src_gen.pdbx_gene_src_atcc                 ? 
_entity_src_gen.pdbx_gene_src_organ                ? 
_entity_src_gen.pdbx_gene_src_organelle            ? 
_entity_src_gen.pdbx_gene_src_cell                 ? 
_entity_src_gen.pdbx_gene_src_cellular_location    ? 
_entity_src_gen.host_org_common_name               ? 
_entity_src_gen.pdbx_host_org_scientific_name      'Escherichia coli' 
_entity_src_gen.pdbx_host_org_ncbi_taxonomy_id     562 
_entity_src_gen.host_org_genus                     ? 
_entity_src_gen.pdbx_host_org_gene                 ? 
_entity_src_gen.pdbx_host_org_organ                ? 
_entity_src_gen.host_org_species                   ? 
_entity_src_gen.pdbx_host_org_tissue               ? 
_entity_src_gen.pdbx_host_org_tissue_fraction      ? 
_entity_src_gen.pdbx_host_org_strain               ? 
_entity_src_gen.pdbx_host_org_variant              ? 
_entity_src_gen.pdbx_host_org_cell_line            ? 
_entity_src_gen.pdbx_host_org_atcc                 ? 
_entity_src_gen.pdbx_host_org_culture_collection   ? 
_entity_src_gen.pdbx_host_org_cell                 ? 
_entity_src_gen.pdbx_host_org_organelle            ? 
_entity_src_gen.pdbx_host_org_cellular_location    ? 
_entity_src_gen.pdbx_host_org_vector_type          ? 
_entity_src_gen.pdbx_host_org_vector               ? 
_entity_src_gen.host_org_details                   ? 
_entity_src_gen.expression_system_id               ? 
_entity_src_gen.plasmid_name                       ? 
_entity_src_gen.plasmid_details                    ? 
_entity_src_gen.pdbx_description                   ? 
# 
loop_
_pdbx_entity_src_syn.entity_id 
_pdbx_entity_src_syn.pdbx_src_id 
_pdbx_entity_src_syn.pdbx_alt_source_flag 
_pdbx_entity_src_syn.pdbx_beg_seq_num 
_pdbx_entity_src_syn.pdbx_end_seq_num 
_pdbx_entity_src_syn.organism_scientific 
_pdbx_entity_src_syn.organism_common_name 
_pdbx_entity_src_syn.ncbi_taxonomy_id 
_pdbx_entity_src_syn.details 
2 1 sample 1 6 'Homo sapiens' ? 9606 ? 
3 1 sample 1 6 'Homo sapiens' ? 9606 ? 
# 
loop_
_chem_comp.id 
_chem_comp.type 
_chem_comp.mon_nstd_flag 
_chem_comp.name 
_chem_comp.pdbx_synonyms 
_chem_comp.formula 
_chem_comp.formula_weight 
ALA 'L-peptide linking' y ALANINE                              ? 'C3 H7 N O2'      89.093  
ARG 'L-peptide linking' y ARGININE                             ? 'C6 H15 N4 O2 1'  175.209 
ASN 'L-peptide linking' y ASPARAGINE                           ? 'C4 H8 N2 O3'     132.118 
ASP 'L-peptide linking' y 'ASPARTIC ACID'                      ? 'C4 H7 N O4'      133.103 
C   'RNA linking'       y "CYTIDINE-5'-MONOPHOSPHATE"          ? 'C9 H14 N3 O8 P'  323.197 
CYS 'L-peptide linking' y CYSTEINE                             ? 'C3 H7 N O2 S'    121.158 
DA  'DNA linking'       y "2'-DEOXYADENOSINE-5'-MONOPHOSPHATE" ? 'C10 H14 N5 O6 P' 331.222 
DC  'DNA linking'       y "2'-DEOXYCYTIDINE-5'-MONOPHOSPHATE"  ? 'C9 H14 N3 O7 P'  307.197 
DG  'DNA linking'       y "2'-DEOXYGUANOSINE-5'-MONOPHOSPHATE" ? 'C10 H14 N5 O7 P' 347.221 
G   'RNA linking'       y "GUANOSINE-5'-MONOPHOSPHATE"         ? 'C10 H14 N5 O8 P' 363.221 
GLN 'L-peptide linking' y GLUTAMINE                            ? 'C5 H10 N2 O3'    146.144 
GLU 'L-peptide linking' y 'GLUTAMIC ACID'                      ? 'C5 H9 N O4'      147.129 
GLY 'peptide linking'   y GLYCINE                              ? 'C2 H5 N O2'      75.067  
HOH non-polymer         . WATER                                ? 'H2 O'            18.015  
ILE 'L-peptide linking' y ISOLEUCINE                           ? 'C6 H13 N O2'     131.173 
LEU 'L-peptide linking' y LEUCINE                              ? 'C6 H13 N O2'     131.173 
LYS 'L-peptide linking' y LYSINE                               ? 'C6 H15 N2 O2 1'  147.195 
PRO 'L-peptide linking' y PROLINE                              ? 'C5 H9 N O2'      115.130 
SER 'L-peptide linking' y SERINE                               ? 'C3 H7 N O3'      105.093 
THR 'L-peptide linking' y THREONINE                            ? 'C4 H9 N O3'      119.119 
TRP 'L-peptide linking' y TRYPTOPHAN                           ? 'C11 H12 N2 O2'   204.225 
TYR 'L-peptide linking' y TYROSINE                             ? 'C9 H11 N O3'     181.189 
U   'RNA linking'       y "URIDINE-5'-MONOPHOSPHATE"           ? 'C9 H13 N2 O9 P'  324.181 
VAL 'L-peptide linking' y VALINE                               ? 'C5 H11 N O2'     117.146 
# 
loop_
_pdbx_poly_seq_scheme.asym_id 
_pdbx_poly_seq_scheme.entity_id 
_pdbx_poly_seq_scheme.seq_id 
_pdbx_poly_seq_scheme.mon_id 
_pdbx_poly_seq_scheme.ndb_seq_num 
_pdbx_poly_seq_scheme.pdb_seq_num 
_pdbx_poly_seq_scheme.auth_seq_num 
_pdbx_poly_seq_scheme.pdb_mon_id 
_pdbx_poly_seq_scheme.auth_mon_id 
_pdbx_poly_seq_scheme.pdb_strand_id 
_pdbx_poly_seq_scheme.pdb_ins_code 
_pdbx_poly_seq_scheme.hetero 
A 1 1  ASP 1  12  12  ASP ASP A . n 
A 1 2  ASN 2  13  13  ASN ASN A . n 
A 1 3  LEU 3  14  14  LEU LEU A . n 
A 1 4  GLU 4  15  15  GLU GLU A . n 
A 1 5  GLN 5  16  16  GLN GLN A . n 
A 1 6  LYS 6  17  17  LYS LYS A . n 
A 1 7  ILE 7  18  18  ILE ILE A . n 
A 1 8  LEU 8  19  19  LEU LEU A . n 
A 1 9  GLN 9  20  20  GLN GLN A . n 
A 1 10 VAL 10 21  21  VAL VAL A . n 
A 1 11 LEU 11 22  22  LEU LEU A . n 
A 1 12 SER 12 23  23  SER SER A . n 
A 1 13 ASP 13 24  24  ASP ASP A . n 
A 1 14 ASP 14 25  25  ASP ASP A . n 
A 1 15 GLY 15 26  26  GLY GLY A . n 
A 1 16 GLY 16 27  27  GLY GLY A . n 
A 1 17 PRO 17 28  28  PRO PRO A . n 
A 1 18 VAL 18 29  29  VAL VAL A . n 
A 1 19 LYS 19 30  30  LYS LYS A . n 
A 1 20 ILE 20 31  31  ILE ILE A . n 
A 1 21 GLY 21 32  32  GLY GLY A . n 
A 1 22 GLN 22 33  33  GLN GLN A . n 
A 1 23 LEU 23 34  34  LEU LEU A . n 
A 1 24 VAL 24 35  35  VAL VAL A . n 
A 1 25 LYS 25 36  36  LYS LYS A . n 
A 1 26 LYS 26 37  37  LYS LYS A . n 
A 1 27 CYS 27 38  38  CYS CYS A . n 
A 1 28 GLN 28 39  39  GLN GLN A . n 
A 1 29 VAL 29 40  40  VAL VAL A . n 
A 1 30 PRO 30 41  41  PRO PRO A . n 
A 1 31 LYS 31 42  42  LYS LYS A . n 
A 1 32 LYS 32 43  43  LYS LYS A . n 
A 1 33 THR 33 44  44  THR THR A . n 
A 1 34 LEU 34 45  45  LEU LEU A . n 
A 1 35 ASN 35 46  46  ASN ASN A . n 
A 1 36 GLN 36 47  47  GLN GLN A . n 
A 1 37 VAL 37 48  48  VAL VAL A . n 
A 1 38 LEU 38 49  49  LEU LEU A . n 
A 1 39 TYR 39 50  50  TYR TYR A . n 
A 1 40 ARG 40 51  51  ARG ARG A . n 
A 1 41 LEU 41 52  52  LEU LEU A . n 
A 1 42 LYS 42 53  53  LYS LYS A . n 
A 1 43 LYS 43 54  54  LYS LYS A . n 
A 1 44 GLU 44 55  55  GLU GLU A . n 
A 1 45 ASP 45 56  56  ASP ASP A . n 
A 1 46 ARG 46 57  57  ARG ARG A . n 
A 1 47 VAL 47 58  58  VAL VAL A . n 
A 1 48 SER 48 59  59  SER SER A . n 
A 1 49 SER 49 60  60  SER SER A . n 
A 1 50 PRO 50 61  61  PRO PRO A . n 
A 1 51 GLU 51 62  62  GLU GLU A . n 
A 1 52 PRO 52 63  63  PRO PRO A . n 
A 1 53 ALA 53 64  64  ALA ALA A . n 
A 1 54 THR 54 65  65  THR THR A . n 
A 1 55 TRP 55 66  66  TRP TRP A . n 
A 1 56 SER 56 67  67  SER SER A . n 
A 1 57 ILE 57 68  68  ILE ILE A . n 
A 1 58 GLY 58 69  69  GLY GLY A . n 
A 1 59 GLY 59 70  ?   ?   ?   A . n 
B 2 1  DC  1  201 201 DC  DC  C . n 
B 2 2  DA  2  202 202 DA  DA  C . n 
B 2 3  DC  3  203 203 DC  DC  C . n 
B 2 4  DG  4  204 204 DG  DG  C . n 
B 2 5  DC  5  205 205 DC  DC  C . n 
B 2 6  DA  6  206 206 DA  DA  C . n 
C 3 1  U   1  1   1   U   U   B . n 
C 3 2  G   2  2   2   G   G   B . n 
C 3 3  C   3  3   3   C   C   B . n 
C 3 4  G   4  4   4   G   G   B . n 
C 3 5  U   5  5   5   U   U   B . n 
C 3 6  G   6  6   6   G   G   B . n 
# 
loop_
_pdbx_nonpoly_scheme.asym_id 
_pdbx_nonpoly_scheme.entity_id 
_pdbx_nonpoly_scheme.mon_id 
_pdbx_nonpoly_scheme.ndb_seq_num 
_pdbx_nonpoly_scheme.pdb_seq_num 
_pdbx_nonpoly_scheme.auth_seq_num 
_pdbx_nonpoly_scheme.pdb_mon_id 
_pdbx_nonpoly_scheme.auth_mon_id 
_pdbx_nonpoly_scheme.pdb_strand_id 
_pdbx_nonpoly_scheme.pdb_ins_code 
D 4 HOH 1  101 1  HOH HOH A . 
D 4 HOH 2  102 21 HOH HOH A . 
D 4 HOH 3  103 7  HOH HOH A . 
D 4 HOH 4  104 6  HOH HOH A . 
D 4 HOH 5  105 13 HOH HOH A . 
D 4 HOH 6  106 17 HOH HOH A . 
D 4 HOH 7  107 8  HOH HOH A . 
D 4 HOH 8  108 9  HOH HOH A . 
D 4 HOH 9  109 4  HOH HOH A . 
D 4 HOH 10 110 5  HOH HOH A . 
D 4 HOH 11 111 11 HOH HOH A . 
D 4 HOH 12 112 22 HOH HOH A . 
D 4 HOH 13 113 33 HOH HOH A . 
D 4 HOH 14 114 30 HOH HOH A . 
D 4 HOH 15 115 32 HOH HOH A . 
D 4 HOH 16 116 10 HOH HOH A . 
D 4 HOH 17 117 31 HOH HOH A . 
D 4 HOH 18 118 12 HOH HOH A . 
D 4 HOH 19 119 35 HOH HOH A . 
D 4 HOH 20 120 37 HOH HOH A . 
E 4 HOH 1  301 14 HOH HOH C . 
E 4 HOH 2  302 24 HOH HOH C . 
E 4 HOH 3  303 29 HOH HOH C . 
E 4 HOH 4  304 18 HOH HOH C . 
E 4 HOH 5  305 26 HOH HOH C . 
E 4 HOH 6  306 20 HOH HOH C . 
F 4 HOH 1  101 2  HOH HOH B . 
F 4 HOH 2  102 23 HOH HOH B . 
F 4 HOH 3  103 36 HOH HOH B . 
F 4 HOH 4  104 19 HOH HOH B . 
F 4 HOH 5  105 16 HOH HOH B . 
F 4 HOH 6  106 28 HOH HOH B . 
F 4 HOH 7  107 15 HOH HOH B . 
F 4 HOH 8  108 3  HOH HOH B . 
F 4 HOH 9  109 27 HOH HOH B . 
F 4 HOH 10 110 25 HOH HOH B . 
# 
loop_
_pdbx_unobs_or_zero_occ_atoms.id 
_pdbx_unobs_or_zero_occ_atoms.PDB_model_num 
_pdbx_unobs_or_zero_occ_atoms.polymer_flag 
_pdbx_unobs_or_zero_occ_atoms.occupancy_flag 
_pdbx_unobs_or_zero_occ_atoms.auth_asym_id 
_pdbx_unobs_or_zero_occ_atoms.auth_comp_id 
_pdbx_unobs_or_zero_occ_atoms.auth_seq_id 
_pdbx_unobs_or_zero_occ_atoms.PDB_ins_code 
_pdbx_unobs_or_zero_occ_atoms.auth_atom_id 
_pdbx_unobs_or_zero_occ_atoms.label_alt_id 
_pdbx_unobs_or_zero_occ_atoms.label_asym_id 
_pdbx_unobs_or_zero_occ_atoms.label_comp_id 
_pdbx_unobs_or_zero_occ_atoms.label_seq_id 
_pdbx_unobs_or_zero_occ_atoms.label_atom_id 
1 1 Y 1 A ASP 12 ? CG  ? A ASP 1  CG  
2 1 Y 1 A ASP 12 ? OD1 ? A ASP 1  OD1 
3 1 Y 1 A ASP 12 ? OD2 ? A ASP 1  OD2 
4 1 Y 1 A LYS 42 ? CD  ? A LYS 31 CD  
5 1 Y 1 A LYS 42 ? CE  ? A LYS 31 CE  
6 1 Y 1 A LYS 42 ? NZ  ? A LYS 31 NZ  
# 
loop_
_software.citation_id 
_software.classification 
_software.compiler_name 
_software.compiler_version 
_software.contact_author 
_software.contact_author_email 
_software.date 
_software.description 
_software.dependencies 
_software.hardware 
_software.language 
_software.location 
_software.mods 
_software.name 
_software.os 
_software.os_version 
_software.type 
_software.version 
_software.pdbx_ordinal 
? refinement       ? ? ? ? ? ? ? ? ? ? ? PHENIX  ? ? ? '(1.21rc1_4924: ???)' 1 
? 'data reduction' ? ? ? ? ? ? ? ? ? ? ? XDS     ? ? ? .                     2 
? 'data scaling'   ? ? ? ? ? ? ? ? ? ? ? Aimless ? ? ? .                     3 
? phasing          ? ? ? ? ? ? ? ? ? ? ? PHASER  ? ? ? .                     4 
# 
_cell.angle_alpha                  90.00 
_cell.angle_alpha_esd              ? 
_cell.angle_beta                   90.00 
_cell.angle_beta_esd               ? 
_cell.angle_gamma                  120.00 
_cell.angle_gamma_esd              ? 
_cell.entry_id                     9J8G 
_cell.details                      ? 
_cell.formula_units_Z              ? 
_cell.length_a                     63.381 
_cell.length_a_esd                 ? 
_cell.length_b                     63.381 
_cell.length_b_esd                 ? 
_cell.length_c                     71.150 
_cell.length_c_esd                 ? 
_cell.volume                       ? 
_cell.volume_esd                   ? 
_cell.Z_PDB                        12 
_cell.reciprocal_angle_alpha       ? 
_cell.reciprocal_angle_beta        ? 
_cell.reciprocal_angle_gamma       ? 
_cell.reciprocal_angle_alpha_esd   ? 
_cell.reciprocal_angle_beta_esd    ? 
_cell.reciprocal_angle_gamma_esd   ? 
_cell.reciprocal_length_a          ? 
_cell.reciprocal_length_b          ? 
_cell.reciprocal_length_c          ? 
_cell.reciprocal_length_a_esd      ? 
_cell.reciprocal_length_b_esd      ? 
_cell.reciprocal_length_c_esd      ? 
_cell.pdbx_unique_axis             ? 
_cell.pdbx_esd_method              ? 
# 
_symmetry.entry_id                         9J8G 
_symmetry.cell_setting                     ? 
_symmetry.Int_Tables_number                179 
_symmetry.space_group_name_Hall            ? 
_symmetry.space_group_name_H-M             'P 65 2 2' 
_symmetry.pdbx_full_space_group_name_H-M   ? 
# 
_exptl.absorpt_coefficient_mu     ? 
_exptl.absorpt_correction_T_max   ? 
_exptl.absorpt_correction_T_min   ? 
_exptl.absorpt_correction_type    ? 
_exptl.absorpt_process_details    ? 
_exptl.entry_id                   9J8G 
_exptl.crystals_number            1 
_exptl.details                    ? 
_exptl.method                     'X-RAY DIFFRACTION' 
_exptl.method_details             ? 
# 
_exptl_crystal.colour                       ? 
_exptl_crystal.density_diffrn               ? 
_exptl_crystal.density_Matthews             2.01 
_exptl_crystal.density_method               ? 
_exptl_crystal.density_percent_sol          38.92 
_exptl_crystal.description                  ? 
_exptl_crystal.F_000                        ? 
_exptl_crystal.id                           1 
_exptl_crystal.preparation                  ? 
_exptl_crystal.size_max                     ? 
_exptl_crystal.size_mid                     ? 
_exptl_crystal.size_min                     ? 
_exptl_crystal.size_rad                     ? 
_exptl_crystal.colour_lustre                ? 
_exptl_crystal.colour_modifier              ? 
_exptl_crystal.colour_primary               ? 
_exptl_crystal.density_meas                 ? 
_exptl_crystal.density_meas_esd             ? 
_exptl_crystal.density_meas_gt              ? 
_exptl_crystal.density_meas_lt              ? 
_exptl_crystal.density_meas_temp            ? 
_exptl_crystal.density_meas_temp_esd        ? 
_exptl_crystal.density_meas_temp_gt         ? 
_exptl_crystal.density_meas_temp_lt         ? 
_exptl_crystal.pdbx_crystal_image_url       ? 
_exptl_crystal.pdbx_crystal_image_format    ? 
_exptl_crystal.pdbx_mosaicity               ? 
_exptl_crystal.pdbx_mosaicity_esd           ? 
_exptl_crystal.pdbx_mosaic_method           ? 
_exptl_crystal.pdbx_mosaic_block_size       ? 
_exptl_crystal.pdbx_mosaic_block_size_esd   ? 
# 
_exptl_crystal_grow.apparatus       ? 
_exptl_crystal_grow.atmosphere      ? 
_exptl_crystal_grow.crystal_id      1 
_exptl_crystal_grow.details         ? 
_exptl_crystal_grow.method          'VAPOR DIFFUSION, HANGING DROP' 
_exptl_crystal_grow.method_ref      ? 
_exptl_crystal_grow.pH              ? 
_exptl_crystal_grow.pressure        ? 
_exptl_crystal_grow.pressure_esd    ? 
_exptl_crystal_grow.seeding         ? 
_exptl_crystal_grow.seeding_ref     ? 
_exptl_crystal_grow.temp_details    ? 
_exptl_crystal_grow.temp_esd        ? 
_exptl_crystal_grow.time            ? 
_exptl_crystal_grow.pdbx_details    'PEG 4000' 
_exptl_crystal_grow.pdbx_pH_range   ? 
_exptl_crystal_grow.temp            278 
# 
_diffrn.ambient_environment              ? 
_diffrn.ambient_temp                     100 
_diffrn.ambient_temp_details             ? 
_diffrn.ambient_temp_esd                 ? 
_diffrn.crystal_id                       1 
_diffrn.crystal_support                  ? 
_diffrn.crystal_treatment                ? 
_diffrn.details                          ? 
_diffrn.id                               1 
_diffrn.ambient_pressure                 ? 
_diffrn.ambient_pressure_esd             ? 
_diffrn.ambient_pressure_gt              ? 
_diffrn.ambient_pressure_lt              ? 
_diffrn.ambient_temp_gt                  ? 
_diffrn.ambient_temp_lt                  ? 
_diffrn.pdbx_serial_crystal_experiment   N 
# 
_diffrn_detector.details                      ? 
_diffrn_detector.detector                     PIXEL 
_diffrn_detector.diffrn_id                    1 
_diffrn_detector.type                         'DECTRIS PILATUS 6M' 
_diffrn_detector.area_resol_mean              ? 
_diffrn_detector.dtime                        ? 
_diffrn_detector.pdbx_frames_total            ? 
_diffrn_detector.pdbx_collection_time_total   ? 
_diffrn_detector.pdbx_collection_date         2024-05-11 
_diffrn_detector.pdbx_frequency               ? 
_diffrn_detector.id                           ? 
_diffrn_detector.number_of_axes               ? 
# 
_diffrn_radiation.collimation                      ? 
_diffrn_radiation.diffrn_id                        1 
_diffrn_radiation.filter_edge                      ? 
_diffrn_radiation.inhomogeneity                    ? 
_diffrn_radiation.monochromator                    ? 
_diffrn_radiation.polarisn_norm                    ? 
_diffrn_radiation.polarisn_ratio                   ? 
_diffrn_radiation.probe                            ? 
_diffrn_radiation.type                             ? 
_diffrn_radiation.xray_symbol                      ? 
_diffrn_radiation.wavelength_id                    1 
_diffrn_radiation.pdbx_monochromatic_or_laue_m_l   M 
_diffrn_radiation.pdbx_wavelength_list             ? 
_diffrn_radiation.pdbx_wavelength                  ? 
_diffrn_radiation.pdbx_diffrn_protocol             'SINGLE WAVELENGTH' 
_diffrn_radiation.pdbx_analyzer                    ? 
_diffrn_radiation.pdbx_scattering_type             x-ray 
# 
_diffrn_radiation_wavelength.id           1 
_diffrn_radiation_wavelength.wavelength   0.97907 
_diffrn_radiation_wavelength.wt           1.0 
# 
_diffrn_source.current                     ? 
_diffrn_source.details                     ? 
_diffrn_source.diffrn_id                   1 
_diffrn_source.power                       ? 
_diffrn_source.size                        ? 
_diffrn_source.source                      SYNCHROTRON 
_diffrn_source.target                      ? 
_diffrn_source.type                        'SSRF BEAMLINE BL19U1' 
_diffrn_source.voltage                     ? 
_diffrn_source.take-off_angle              ? 
_diffrn_source.pdbx_wavelength_list        0.97907 
_diffrn_source.pdbx_wavelength             ? 
_diffrn_source.pdbx_synchrotron_beamline   BL19U1 
_diffrn_source.pdbx_synchrotron_site       SSRF 
# 
_reflns.B_iso_Wilson_estimate                          ? 
_reflns.entry_id                                       9J8G 
_reflns.data_reduction_details                         ? 
_reflns.data_reduction_method                          ? 
_reflns.d_resolution_high                              1.8 
_reflns.d_resolution_low                               43.46 
_reflns.details                                        ? 
_reflns.limit_h_max                                    ? 
_reflns.limit_h_min                                    ? 
_reflns.limit_k_max                                    ? 
_reflns.limit_k_min                                    ? 
_reflns.limit_l_max                                    ? 
_reflns.limit_l_min                                    ? 
_reflns.number_all                                     ? 
_reflns.number_obs                                     14810 
_reflns.observed_criterion                             ? 
_reflns.observed_criterion_F_max                       ? 
_reflns.observed_criterion_F_min                       ? 
_reflns.observed_criterion_I_max                       ? 
_reflns.observed_criterion_I_min                       ? 
_reflns.observed_criterion_sigma_F                     ? 
_reflns.observed_criterion_sigma_I                     ? 
_reflns.percent_possible_obs                           99.89 
_reflns.R_free_details                                 ? 
_reflns.Rmerge_F_all                                   ? 
_reflns.Rmerge_F_obs                                   ? 
_reflns.Friedel_coverage                               ? 
_reflns.number_gt                                      ? 
_reflns.threshold_expression                           ? 
_reflns.pdbx_redundancy                                16.7 
_reflns.pdbx_netI_over_av_sigmaI                       ? 
_reflns.pdbx_netI_over_sigmaI                          16.17 
_reflns.pdbx_res_netI_over_av_sigmaI_2                 ? 
_reflns.pdbx_res_netI_over_sigmaI_2                    ? 
_reflns.pdbx_chi_squared                               ? 
_reflns.pdbx_scaling_rejects                           ? 
_reflns.pdbx_d_res_high_opt                            ? 
_reflns.pdbx_d_res_low_opt                             ? 
_reflns.pdbx_d_res_opt_method                          ? 
_reflns.phase_calculation_details                      ? 
_reflns.pdbx_Rrim_I_all                                ? 
_reflns.pdbx_Rpim_I_all                                ? 
_reflns.pdbx_d_opt                                     ? 
_reflns.pdbx_number_measured_all                       ? 
_reflns.pdbx_diffrn_id                                 1 
_reflns.pdbx_ordinal                                   1 
_reflns.pdbx_CC_half                                   0.999 
_reflns.pdbx_CC_star                                   ? 
_reflns.pdbx_R_split                                   ? 
_reflns.pdbx_Rmerge_I_obs                              0.09103 
_reflns.pdbx_Rmerge_I_all                              ? 
_reflns.pdbx_Rsym_value                                ? 
_reflns.pdbx_CC_split_method                           ? 
_reflns.pdbx_aniso_diffraction_limit_axis_1_ortho[1]   ? 
_reflns.pdbx_aniso_diffraction_limit_axis_1_ortho[2]   ? 
_reflns.pdbx_aniso_diffraction_limit_axis_1_ortho[3]   ? 
_reflns.pdbx_aniso_diffraction_limit_axis_2_ortho[1]   ? 
_reflns.pdbx_aniso_diffraction_limit_axis_2_ortho[2]   ? 
_reflns.pdbx_aniso_diffraction_limit_axis_2_ortho[3]   ? 
_reflns.pdbx_aniso_diffraction_limit_axis_3_ortho[1]   ? 
_reflns.pdbx_aniso_diffraction_limit_axis_3_ortho[2]   ? 
_reflns.pdbx_aniso_diffraction_limit_axis_3_ortho[3]   ? 
_reflns.pdbx_aniso_diffraction_limit_1                 ? 
_reflns.pdbx_aniso_diffraction_limit_2                 ? 
_reflns.pdbx_aniso_diffraction_limit_3                 ? 
_reflns.pdbx_aniso_B_tensor_eigenvector_1_ortho[1]     ? 
_reflns.pdbx_aniso_B_tensor_eigenvector_1_ortho[2]     ? 
_reflns.pdbx_aniso_B_tensor_eigenvector_1_ortho[3]     ? 
_reflns.pdbx_aniso_B_tensor_eigenvector_2_ortho[1]     ? 
_reflns.pdbx_aniso_B_tensor_eigenvector_2_ortho[2]     ? 
_reflns.pdbx_aniso_B_tensor_eigenvector_2_ortho[3]     ? 
_reflns.pdbx_aniso_B_tensor_eigenvector_3_ortho[1]     ? 
_reflns.pdbx_aniso_B_tensor_eigenvector_3_ortho[2]     ? 
_reflns.pdbx_aniso_B_tensor_eigenvector_3_ortho[3]     ? 
_reflns.pdbx_aniso_B_tensor_eigenvalue_1               ? 
_reflns.pdbx_aniso_B_tensor_eigenvalue_2               ? 
_reflns.pdbx_aniso_B_tensor_eigenvalue_3               ? 
_reflns.pdbx_orthogonalization_convention              ? 
_reflns.pdbx_percent_possible_ellipsoidal              ? 
_reflns.pdbx_percent_possible_spherical                ? 
_reflns.pdbx_percent_possible_ellipsoidal_anomalous    ? 
_reflns.pdbx_percent_possible_spherical_anomalous      ? 
_reflns.pdbx_redundancy_anomalous                      ? 
_reflns.pdbx_CC_half_anomalous                         ? 
_reflns.pdbx_absDiff_over_sigma_anomalous              ? 
_reflns.pdbx_percent_possible_anomalous                ? 
_reflns.pdbx_observed_signal_threshold                 ? 
_reflns.pdbx_signal_type                               ? 
_reflns.pdbx_signal_details                            ? 
_reflns.pdbx_signal_software_id                        ? 
# 
_reflns_shell.d_res_high                                    1.8 
_reflns_shell.d_res_low                                     1.94 
_reflns_shell.meanI_over_sigI_all                           ? 
_reflns_shell.meanI_over_sigI_obs                           ? 
_reflns_shell.number_measured_all                           ? 
_reflns_shell.number_measured_obs                           ? 
_reflns_shell.number_possible                               ? 
_reflns_shell.number_unique_all                             ? 
_reflns_shell.number_unique_obs                             1580 
_reflns_shell.percent_possible_obs                          ? 
_reflns_shell.Rmerge_F_all                                  ? 
_reflns_shell.Rmerge_F_obs                                  ? 
_reflns_shell.meanI_over_sigI_gt                            ? 
_reflns_shell.meanI_over_uI_all                             ? 
_reflns_shell.meanI_over_uI_gt                              ? 
_reflns_shell.number_measured_gt                            ? 
_reflns_shell.number_unique_gt                              ? 
_reflns_shell.percent_possible_gt                           ? 
_reflns_shell.Rmerge_F_gt                                   ? 
_reflns_shell.Rmerge_I_gt                                   ? 
_reflns_shell.pdbx_redundancy                               ? 
_reflns_shell.pdbx_chi_squared                              ? 
_reflns_shell.pdbx_netI_over_sigmaI_all                     ? 
_reflns_shell.pdbx_netI_over_sigmaI_obs                     ? 
_reflns_shell.pdbx_Rrim_I_all                               ? 
_reflns_shell.pdbx_Rpim_I_all                               ? 
_reflns_shell.pdbx_rejects                                  ? 
_reflns_shell.pdbx_ordinal                                  1 
_reflns_shell.pdbx_diffrn_id                                1 
_reflns_shell.pdbx_CC_half                                  0.811 
_reflns_shell.pdbx_CC_star                                  ? 
_reflns_shell.pdbx_R_split                                  ? 
_reflns_shell.percent_possible_all                          ? 
_reflns_shell.Rmerge_I_all                                  ? 
_reflns_shell.Rmerge_I_obs                                  0.8394 
_reflns_shell.pdbx_Rsym_value                               ? 
_reflns_shell.pdbx_percent_possible_ellipsoidal             ? 
_reflns_shell.pdbx_percent_possible_spherical               ? 
_reflns_shell.pdbx_percent_possible_ellipsoidal_anomalous   ? 
_reflns_shell.pdbx_percent_possible_spherical_anomalous     ? 
_reflns_shell.pdbx_redundancy_anomalous                     ? 
_reflns_shell.pdbx_CC_half_anomalous                        ? 
_reflns_shell.pdbx_absDiff_over_sigma_anomalous             ? 
_reflns_shell.pdbx_percent_possible_anomalous               ? 
# 
_refine.aniso_B[1][1]                            ? 
_refine.aniso_B[1][2]                            ? 
_refine.aniso_B[1][3]                            ? 
_refine.aniso_B[2][2]                            ? 
_refine.aniso_B[2][3]                            ? 
_refine.aniso_B[3][3]                            ? 
_refine.B_iso_max                                ? 
_refine.B_iso_mean                               ? 
_refine.B_iso_min                                ? 
_refine.correlation_coeff_Fo_to_Fc               ? 
_refine.correlation_coeff_Fo_to_Fc_free          ? 
_refine.details                                  ? 
_refine.diff_density_max                         ? 
_refine.diff_density_max_esd                     ? 
_refine.diff_density_min                         ? 
_refine.diff_density_min_esd                     ? 
_refine.diff_density_rms                         ? 
_refine.diff_density_rms_esd                     ? 
_refine.entry_id                                 9J8G 
_refine.pdbx_refine_id                           'X-RAY DIFFRACTION' 
_refine.ls_abs_structure_details                 ? 
_refine.ls_abs_structure_Flack                   ? 
_refine.ls_abs_structure_Flack_esd               ? 
_refine.ls_abs_structure_Rogers                  ? 
_refine.ls_abs_structure_Rogers_esd              ? 
_refine.ls_d_res_high                            1.80 
_refine.ls_d_res_low                             43.46 
_refine.ls_extinction_coef                       ? 
_refine.ls_extinction_coef_esd                   ? 
_refine.ls_extinction_expression                 ? 
_refine.ls_extinction_method                     ? 
_refine.ls_goodness_of_fit_all                   ? 
_refine.ls_goodness_of_fit_all_esd               ? 
_refine.ls_goodness_of_fit_obs                   ? 
_refine.ls_goodness_of_fit_obs_esd               ? 
_refine.ls_hydrogen_treatment                    ? 
_refine.ls_matrix_type                           ? 
_refine.ls_number_constraints                    ? 
_refine.ls_number_parameters                     ? 
_refine.ls_number_reflns_all                     ? 
_refine.ls_number_reflns_obs                     14810 
_refine.ls_number_reflns_R_free                  728 
_refine.ls_number_reflns_R_work                  ? 
_refine.ls_number_restraints                     ? 
_refine.ls_percent_reflns_obs                    99.89 
_refine.ls_percent_reflns_R_free                 4.92 
_refine.ls_R_factor_all                          ? 
_refine.ls_R_factor_obs                          0.2025 
_refine.ls_R_factor_R_free                       0.2344 
_refine.ls_R_factor_R_free_error                 ? 
_refine.ls_R_factor_R_free_error_details         ? 
_refine.ls_R_factor_R_work                       0.2008 
_refine.ls_R_Fsqd_factor_obs                     ? 
_refine.ls_R_I_factor_obs                        ? 
_refine.ls_redundancy_reflns_all                 ? 
_refine.ls_redundancy_reflns_obs                 ? 
_refine.ls_restrained_S_all                      ? 
_refine.ls_restrained_S_obs                      ? 
_refine.ls_shift_over_esd_max                    ? 
_refine.ls_shift_over_esd_mean                   ? 
_refine.ls_structure_factor_coef                 ? 
_refine.ls_weighting_details                     ? 
_refine.ls_weighting_scheme                      ? 
_refine.ls_wR_factor_all                         ? 
_refine.ls_wR_factor_obs                         ? 
_refine.ls_wR_factor_R_free                      ? 
_refine.ls_wR_factor_R_work                      ? 
_refine.occupancy_max                            ? 
_refine.occupancy_min                            ? 
_refine.solvent_model_details                    'FLAT BULK SOLVENT MODEL' 
_refine.solvent_model_param_bsol                 ? 
_refine.solvent_model_param_ksol                 ? 
_refine.pdbx_R_complete                          ? 
_refine.ls_R_factor_gt                           ? 
_refine.ls_goodness_of_fit_gt                    ? 
_refine.ls_goodness_of_fit_ref                   ? 
_refine.ls_shift_over_su_max                     ? 
_refine.ls_shift_over_su_max_lt                  ? 
_refine.ls_shift_over_su_mean                    ? 
_refine.ls_shift_over_su_mean_lt                 ? 
_refine.pdbx_ls_sigma_I                          ? 
_refine.pdbx_ls_sigma_F                          1.35 
_refine.pdbx_ls_sigma_Fsqd                       ? 
_refine.pdbx_data_cutoff_high_absF               ? 
_refine.pdbx_data_cutoff_high_rms_absF           ? 
_refine.pdbx_data_cutoff_low_absF                ? 
_refine.pdbx_isotropic_thermal_model             ? 
_refine.pdbx_ls_cross_valid_method               'FREE R-VALUE' 
_refine.pdbx_method_to_determine_struct          'MOLECULAR REPLACEMENT' 
_refine.pdbx_starting_model                      ? 
_refine.pdbx_stereochemistry_target_values       ML 
_refine.pdbx_R_Free_selection_details            ? 
_refine.pdbx_stereochem_target_val_spec_case     ? 
_refine.pdbx_overall_ESU_R                       ? 
_refine.pdbx_overall_ESU_R_Free                  ? 
_refine.pdbx_solvent_vdw_probe_radii             1.10 
_refine.pdbx_solvent_ion_probe_radii             ? 
_refine.pdbx_solvent_shrinkage_radii             0.90 
_refine.pdbx_real_space_R                        ? 
_refine.pdbx_density_correlation                 ? 
_refine.pdbx_pd_number_of_powder_patterns        ? 
_refine.pdbx_pd_number_of_points                 ? 
_refine.pdbx_pd_meas_number_of_points            ? 
_refine.pdbx_pd_proc_ls_prof_R_factor            ? 
_refine.pdbx_pd_proc_ls_prof_wR_factor           ? 
_refine.pdbx_pd_Marquardt_correlation_coeff      ? 
_refine.pdbx_pd_Fsqrd_R_factor                   ? 
_refine.pdbx_pd_ls_matrix_band_width             ? 
_refine.pdbx_overall_phase_error                 32.29 
_refine.pdbx_overall_SU_R_free_Cruickshank_DPI   ? 
_refine.pdbx_overall_SU_R_free_Blow_DPI          ? 
_refine.pdbx_overall_SU_R_Blow_DPI               ? 
_refine.pdbx_TLS_residual_ADP_flag               ? 
_refine.pdbx_diffrn_id                           1 
_refine.overall_SU_B                             ? 
_refine.overall_SU_ML                            0.22 
_refine.overall_SU_R_Cruickshank_DPI             ? 
_refine.overall_SU_R_free                        ? 
_refine.overall_FOM_free_R_set                   ? 
_refine.overall_FOM_work_R_set                   ? 
_refine.pdbx_average_fsc_overall                 ? 
_refine.pdbx_average_fsc_work                    ? 
_refine.pdbx_average_fsc_free                    ? 
# 
_refine_hist.pdbx_refine_id                   'X-RAY DIFFRACTION' 
_refine_hist.cycle_id                         LAST 
_refine_hist.details                          ? 
_refine_hist.d_res_high                       1.80 
_refine_hist.d_res_low                        43.46 
_refine_hist.number_atoms_solvent             36 
_refine_hist.number_atoms_total               735 
_refine_hist.number_reflns_all                ? 
_refine_hist.number_reflns_obs                ? 
_refine_hist.number_reflns_R_free             ? 
_refine_hist.number_reflns_R_work             ? 
_refine_hist.R_factor_all                     ? 
_refine_hist.R_factor_obs                     ? 
_refine_hist.R_factor_R_free                  ? 
_refine_hist.R_factor_R_work                  ? 
_refine_hist.pdbx_number_residues_total       ? 
_refine_hist.pdbx_B_iso_mean_ligand           ? 
_refine_hist.pdbx_B_iso_mean_solvent          ? 
_refine_hist.pdbx_number_atoms_protein        449 
_refine_hist.pdbx_number_atoms_nucleic_acid   250 
_refine_hist.pdbx_number_atoms_ligand         0 
_refine_hist.pdbx_number_atoms_lipid          ? 
_refine_hist.pdbx_number_atoms_carb           ? 
_refine_hist.pdbx_pseudo_atom_details         ? 
# 
loop_
_refine_ls_restr.pdbx_refine_id 
_refine_ls_restr.criterion 
_refine_ls_restr.dev_ideal 
_refine_ls_restr.dev_ideal_target 
_refine_ls_restr.number 
_refine_ls_restr.rejects 
_refine_ls_restr.type 
_refine_ls_restr.weight 
_refine_ls_restr.pdbx_restraint_function 
'X-RAY DIFFRACTION' ? 0.008  ? ?   ? f_bond_d           ? ? 
'X-RAY DIFFRACTION' ? 1.035  ? ?   ? f_angle_d          ? ? 
'X-RAY DIFFRACTION' ? 20.604 ? 186 ? f_dihedral_angle_d ? ? 
'X-RAY DIFFRACTION' ? 0.066  ? 126 ? f_chiral_restr     ? ? 
'X-RAY DIFFRACTION' ? 0.007  ? 90  ? f_plane_restr      ? ? 
# 
loop_
_refine_ls_shell.pdbx_refine_id 
_refine_ls_shell.d_res_high 
_refine_ls_shell.d_res_low 
_refine_ls_shell.number_reflns_all 
_refine_ls_shell.number_reflns_obs 
_refine_ls_shell.number_reflns_R_free 
_refine_ls_shell.number_reflns_R_work 
_refine_ls_shell.percent_reflns_obs 
_refine_ls_shell.percent_reflns_R_free 
_refine_ls_shell.R_factor_all 
_refine_ls_shell.R_factor_obs 
_refine_ls_shell.R_factor_R_free_error 
_refine_ls_shell.R_factor_R_work 
_refine_ls_shell.redundancy_reflns_all 
_refine_ls_shell.redundancy_reflns_obs 
_refine_ls_shell.wR_factor_all 
_refine_ls_shell.wR_factor_obs 
_refine_ls_shell.wR_factor_R_free 
_refine_ls_shell.wR_factor_R_work 
_refine_ls_shell.pdbx_R_complete 
_refine_ls_shell.pdbx_total_number_of_bins_used 
_refine_ls_shell.pdbx_phase_error 
_refine_ls_shell.pdbx_fsc_work 
_refine_ls_shell.pdbx_fsc_free 
_refine_ls_shell.R_factor_R_free 
'X-RAY DIFFRACTION' 1.80 1.94  . . 146 2787 99.00  . . . . 0.2794 . . . . . . . . . . . 0.3186 
'X-RAY DIFFRACTION' 1.94 2.13  . . 128 2833 100.00 . . . . 0.2368 . . . . . . . . . . . 0.2956 
'X-RAY DIFFRACTION' 2.13 2.44  . . 154 2834 100.00 . . . . 0.2318 . . . . . . . . . . . 0.2694 
'X-RAY DIFFRACTION' 2.44 3.08  . . 145 2808 100.00 . . . . 0.2243 . . . . . . . . . . . 0.2677 
'X-RAY DIFFRACTION' 3.08 43.46 . . 155 2820 100.00 . . . . 0.1694 . . . . . . . . . . . 0.2011 
# 
_struct.entry_id                     9J8G 
_struct.title                        'mouse zbp1 hybrid complex' 
_struct.pdbx_model_details           ? 
_struct.pdbx_formula_weight          ? 
_struct.pdbx_formula_weight_method   ? 
_struct.pdbx_model_type_details      ? 
_struct.pdbx_CASP_flag               N 
# 
_struct_keywords.entry_id        9J8G 
_struct_keywords.text            'zbp1, DNA BINDING PROTEIN/DNA/RNA, DNA BINDING PROTEIN-DNA-RNA complex' 
_struct_keywords.pdbx_keywords   'DNA BINDING PROTEIN/DNA/RNA' 
# 
loop_
_struct_asym.id 
_struct_asym.pdbx_blank_PDB_chainid_flag 
_struct_asym.pdbx_modified 
_struct_asym.entity_id 
_struct_asym.details 
A N N 1 ? 
B N N 2 ? 
C N N 3 ? 
D N N 4 ? 
E N N 4 ? 
F N N 4 ? 
# 
loop_
_struct_ref.id 
_struct_ref.db_name 
_struct_ref.db_code 
_struct_ref.pdbx_db_accession 
_struct_ref.pdbx_db_isoform 
_struct_ref.entity_id 
_struct_ref.pdbx_seq_one_letter_code 
_struct_ref.pdbx_align_begin 
1 UNP ZBP1_MOUSE Q9QY24 ? 1 DNLEQKILQVLSDDGGPVKIGQLVKKCQVPKKTLNQVLYRLKKEDRVSSPEPATWSIGG 12 
2 PDB 9J8G       9J8G   ? 2 ?                                                           1  
3 PDB 9J8G       9J8G   ? 3 ?                                                           1  
# 
loop_
_struct_ref_seq.align_id 
_struct_ref_seq.ref_id 
_struct_ref_seq.pdbx_PDB_id_code 
_struct_ref_seq.pdbx_strand_id 
_struct_ref_seq.seq_align_beg 
_struct_ref_seq.pdbx_seq_align_beg_ins_code 
_struct_ref_seq.seq_align_end 
_struct_ref_seq.pdbx_seq_align_end_ins_code 
_struct_ref_seq.pdbx_db_accession 
_struct_ref_seq.db_align_beg 
_struct_ref_seq.pdbx_db_align_beg_ins_code 
_struct_ref_seq.db_align_end 
_struct_ref_seq.pdbx_db_align_end_ins_code 
_struct_ref_seq.pdbx_auth_seq_align_beg 
_struct_ref_seq.pdbx_auth_seq_align_end 
1 1 9J8G A 1 ? 59 ? Q9QY24 12  ? 70  ? 12  70  
2 2 9J8G C 1 ? 6  ? 9J8G   201 ? 206 ? 201 206 
3 3 9J8G B 1 ? 6  ? 9J8G   1   ? 6   ? 1   6   
# 
_pdbx_struct_assembly.id                   1 
_pdbx_struct_assembly.details              author_defined_assembly 
_pdbx_struct_assembly.method_details       ? 
_pdbx_struct_assembly.oligomeric_details   hexameric 
_pdbx_struct_assembly.oligomeric_count     6 
# 
loop_
_pdbx_struct_assembly_gen.assembly_id 
_pdbx_struct_assembly_gen.oper_expression 
_pdbx_struct_assembly_gen.asym_id_list 
1 1 A,B,C,D,E,F 
1 2 A,B,C,D,E,F 
# 
_pdbx_struct_assembly_auth_evidence.id                     1 
_pdbx_struct_assembly_auth_evidence.assembly_id            1 
_pdbx_struct_assembly_auth_evidence.experimental_support   'gel filtration' 
_pdbx_struct_assembly_auth_evidence.details                ? 
# 
loop_
_pdbx_struct_oper_list.id 
_pdbx_struct_oper_list.type 
_pdbx_struct_oper_list.name 
_pdbx_struct_oper_list.symmetry_operation 
_pdbx_struct_oper_list.matrix[1][1] 
_pdbx_struct_oper_list.matrix[1][2] 
_pdbx_struct_oper_list.matrix[1][3] 
_pdbx_struct_oper_list.vector[1] 
_pdbx_struct_oper_list.matrix[2][1] 
_pdbx_struct_oper_list.matrix[2][2] 
_pdbx_struct_oper_list.matrix[2][3] 
_pdbx_struct_oper_list.vector[2] 
_pdbx_struct_oper_list.matrix[3][1] 
_pdbx_struct_oper_list.matrix[3][2] 
_pdbx_struct_oper_list.matrix[3][3] 
_pdbx_struct_oper_list.vector[3] 
1 'identity operation'         1_555  x,y,z            1.0000000000  0.0000000000 0.0000000000  0.0000000000  0.0000000000 1.0000000000  0.0000000000  0.0000000000 0.0000000000  0.0000000000  1.0000000000 0.0000000000 
2 'crystal symmetry operation' 10_445 -y-1,-x-1,-z+1/6 -0.9999418322 0.0010096332 -0.0107383858 35.2701747762 0.0010096332 -0.9824755541 -0.1863887501 2.3256857243 -0.0107383858 -0.1863887501 0.9824173863 0.4097151312 
# 
loop_
_struct_conf.conf_type_id 
_struct_conf.id 
_struct_conf.pdbx_PDB_helix_id 
_struct_conf.beg_label_comp_id 
_struct_conf.beg_label_asym_id 
_struct_conf.beg_label_seq_id 
_struct_conf.pdbx_beg_PDB_ins_code 
_struct_conf.end_label_comp_id 
_struct_conf.end_label_asym_id 
_struct_conf.end_label_seq_id 
_struct_conf.pdbx_end_PDB_ins_code 
_struct_conf.beg_auth_comp_id 
_struct_conf.beg_auth_asym_id 
_struct_conf.beg_auth_seq_id 
_struct_conf.end_auth_comp_id 
_struct_conf.end_auth_asym_id 
_struct_conf.end_auth_seq_id 
_struct_conf.pdbx_PDB_helix_class 
_struct_conf.details 
_struct_conf.pdbx_PDB_helix_length 
HELX_P HELX_P1 AA1 ASP A 1  ? GLY A 15 ? ASP A 12 GLY A 26 1 ? 15 
HELX_P HELX_P2 AA2 ILE A 20 ? GLN A 28 ? ILE A 31 GLN A 39 1 ? 9  
HELX_P HELX_P3 AA3 PRO A 30 ? GLU A 44 ? PRO A 41 GLU A 55 1 ? 15 
# 
_struct_conf_type.id          HELX_P 
_struct_conf_type.criteria    ? 
_struct_conf_type.reference   ? 
# 
loop_
_struct_conn.id 
_struct_conn.conn_type_id 
_struct_conn.pdbx_leaving_atom_flag 
_struct_conn.pdbx_PDB_id 
_struct_conn.ptnr1_label_asym_id 
_struct_conn.ptnr1_label_comp_id 
_struct_conn.ptnr1_label_seq_id 
_struct_conn.ptnr1_label_atom_id 
_struct_conn.pdbx_ptnr1_label_alt_id 
_struct_conn.pdbx_ptnr1_PDB_ins_code 
_struct_conn.pdbx_ptnr1_standard_comp_id 
_struct_conn.ptnr1_symmetry 
_struct_conn.ptnr2_label_asym_id 
_struct_conn.ptnr2_label_comp_id 
_struct_conn.ptnr2_label_seq_id 
_struct_conn.ptnr2_label_atom_id 
_struct_conn.pdbx_ptnr2_label_alt_id 
_struct_conn.pdbx_ptnr2_PDB_ins_code 
_struct_conn.ptnr1_auth_asym_id 
_struct_conn.ptnr1_auth_comp_id 
_struct_conn.ptnr1_auth_seq_id 
_struct_conn.ptnr2_auth_asym_id 
_struct_conn.ptnr2_auth_comp_id 
_struct_conn.ptnr2_auth_seq_id 
_struct_conn.ptnr2_symmetry 
_struct_conn.pdbx_ptnr3_label_atom_id 
_struct_conn.pdbx_ptnr3_label_seq_id 
_struct_conn.pdbx_ptnr3_label_comp_id 
_struct_conn.pdbx_ptnr3_label_asym_id 
_struct_conn.pdbx_ptnr3_label_alt_id 
_struct_conn.pdbx_ptnr3_PDB_ins_code 
_struct_conn.details 
_struct_conn.pdbx_dist_value 
_struct_conn.pdbx_value_order 
_struct_conn.pdbx_role 
hydrog1  hydrog ? ? C U  1 N3 B ? ? 1_555 C G  6 O6 B ? B U  1   B G  6   10_445 ? ? ? ? ? ? TYPE_28_PAIR    ? ? ? 
hydrog2  hydrog ? ? C U  1 O2 B ? ? 1_555 C G  6 N1 B ? B U  1   B G  6   10_445 ? ? ? ? ? ? TYPE_28_PAIR    ? ? ? 
hydrog3  hydrog ? ? C G  2 N1 B ? ? 1_555 C U  5 O2 B ? B G  2   B U  5   10_445 ? ? ? ? ? ? TYPE_28_PAIR    ? ? ? 
hydrog4  hydrog ? ? C G  2 O6 B ? ? 1_555 C U  5 N3 B ? B G  2   B U  5   10_445 ? ? ? ? ? ? TYPE_28_PAIR    ? ? ? 
hydrog5  hydrog ? ? C C  3 N3 B ? ? 1_555 C G  4 N1 B ? B C  3   B G  4   10_445 ? ? ? ? ? ? WATSON-CRICK    ? ? ? 
hydrog6  hydrog ? ? C C  3 N4 B ? ? 1_555 C G  4 O6 B ? B C  3   B G  4   10_445 ? ? ? ? ? ? WATSON-CRICK    ? ? ? 
hydrog7  hydrog ? ? C C  3 O2 B ? ? 1_555 C G  4 N2 B ? B C  3   B G  4   10_445 ? ? ? ? ? ? WATSON-CRICK    ? ? ? 
hydrog8  hydrog ? ? C G  4 N1 B ? ? 1_555 C C  3 N3 B ? B G  4   B C  3   10_445 ? ? ? ? ? ? WATSON-CRICK    ? ? ? 
hydrog9  hydrog ? ? C G  4 N2 B ? ? 1_555 C C  3 O2 B ? B G  4   B C  3   10_445 ? ? ? ? ? ? WATSON-CRICK    ? ? ? 
hydrog10 hydrog ? ? C G  4 O6 B ? ? 1_555 C C  3 N4 B ? B G  4   B C  3   10_445 ? ? ? ? ? ? WATSON-CRICK    ? ? ? 
hydrog11 hydrog ? ? C U  5 N3 B ? ? 1_555 C G  2 O6 B ? B U  5   B G  2   10_445 ? ? ? ? ? ? TYPE_28_PAIR    ? ? ? 
hydrog12 hydrog ? ? C U  5 O2 B ? ? 1_555 C G  2 N1 B ? B U  5   B G  2   10_445 ? ? ? ? ? ? TYPE_28_PAIR    ? ? ? 
hydrog13 hydrog ? ? C G  6 N1 B ? ? 1_555 C U  1 O2 B ? B G  6   B U  1   10_445 ? ? ? ? ? ? TYPE_28_PAIR    ? ? ? 
hydrog14 hydrog ? ? C G  6 O6 B ? ? 1_555 C U  1 N3 B ? B G  6   B U  1   10_445 ? ? ? ? ? ? TYPE_28_PAIR    ? ? ? 
hydrog15 hydrog ? ? B DC 1 N4 A ? ? 1_555 B DA 6 N1 A ? C DC 201 C DA 206 10_445 ? ? ? ? ? ? 'DC-DA MISPAIR' ? ? ? 
hydrog16 hydrog ? ? B DA 2 N6 A ? ? 1_555 B DC 5 N3 A ? C DA 202 C DC 205 10_445 ? ? ? ? ? ? 'DA-DC MISPAIR' ? ? ? 
hydrog17 hydrog ? ? B DC 3 N3 A ? ? 1_555 B DG 4 N1 A ? C DC 203 C DG 204 10_445 ? ? ? ? ? ? WATSON-CRICK    ? ? ? 
hydrog18 hydrog ? ? B DC 3 N4 A ? ? 1_555 B DG 4 O6 A ? C DC 203 C DG 204 10_445 ? ? ? ? ? ? WATSON-CRICK    ? ? ? 
hydrog19 hydrog ? ? B DC 3 O2 A ? ? 1_555 B DG 4 N2 A ? C DC 203 C DG 204 10_445 ? ? ? ? ? ? WATSON-CRICK    ? ? ? 
hydrog20 hydrog ? ? B DG 4 N1 A ? ? 1_555 B DC 3 N3 A ? C DG 204 C DC 203 10_445 ? ? ? ? ? ? WATSON-CRICK    ? ? ? 
hydrog21 hydrog ? ? B DG 4 N2 A ? ? 1_555 B DC 3 O2 A ? C DG 204 C DC 203 10_445 ? ? ? ? ? ? WATSON-CRICK    ? ? ? 
hydrog22 hydrog ? ? B DG 4 O6 A ? ? 1_555 B DC 3 N4 A ? C DG 204 C DC 203 10_445 ? ? ? ? ? ? WATSON-CRICK    ? ? ? 
hydrog23 hydrog ? ? B DC 5 N3 A ? ? 1_555 B DA 2 N6 A ? C DC 205 C DA 202 10_445 ? ? ? ? ? ? 'DC-DA MISPAIR' ? ? ? 
hydrog24 hydrog ? ? B DA 6 N1 A ? ? 1_555 B DC 1 N4 A ? C DA 206 C DC 201 10_445 ? ? ? ? ? ? 'DA-DC MISPAIR' ? ? ? 
# 
_struct_conn_type.id          hydrog 
_struct_conn_type.criteria    ? 
_struct_conn_type.reference   ? 
# 
_struct_sheet.id               AA1 
_struct_sheet.type             ? 
_struct_sheet.number_strands   3 
_struct_sheet.details          ? 
# 
loop_
_struct_sheet_order.sheet_id 
_struct_sheet_order.range_id_1 
_struct_sheet_order.range_id_2 
_struct_sheet_order.offset 
_struct_sheet_order.sense 
AA1 1 2 ? anti-parallel 
AA1 2 3 ? anti-parallel 
# 
loop_
_struct_sheet_range.sheet_id 
_struct_sheet_range.id 
_struct_sheet_range.beg_label_comp_id 
_struct_sheet_range.beg_label_asym_id 
_struct_sheet_range.beg_label_seq_id 
_struct_sheet_range.pdbx_beg_PDB_ins_code 
_struct_sheet_range.end_label_comp_id 
_struct_sheet_range.end_label_asym_id 
_struct_sheet_range.end_label_seq_id 
_struct_sheet_range.pdbx_end_PDB_ins_code 
_struct_sheet_range.beg_auth_comp_id 
_struct_sheet_range.beg_auth_asym_id 
_struct_sheet_range.beg_auth_seq_id 
_struct_sheet_range.end_auth_comp_id 
_struct_sheet_range.end_auth_asym_id 
_struct_sheet_range.end_auth_seq_id 
AA1 1 VAL A 18 ? LYS A 19 ? VAL A 29 LYS A 30 
AA1 2 THR A 54 ? ILE A 57 ? THR A 65 ILE A 68 
AA1 3 VAL A 47 ? GLU A 51 ? VAL A 58 GLU A 62 
# 
loop_
_pdbx_struct_sheet_hbond.sheet_id 
_pdbx_struct_sheet_hbond.range_id_1 
_pdbx_struct_sheet_hbond.range_id_2 
_pdbx_struct_sheet_hbond.range_1_label_atom_id 
_pdbx_struct_sheet_hbond.range_1_label_comp_id 
_pdbx_struct_sheet_hbond.range_1_label_asym_id 
_pdbx_struct_sheet_hbond.range_1_label_seq_id 
_pdbx_struct_sheet_hbond.range_1_PDB_ins_code 
_pdbx_struct_sheet_hbond.range_1_auth_atom_id 
_pdbx_struct_sheet_hbond.range_1_auth_comp_id 
_pdbx_struct_sheet_hbond.range_1_auth_asym_id 
_pdbx_struct_sheet_hbond.range_1_auth_seq_id 
_pdbx_struct_sheet_hbond.range_2_label_atom_id 
_pdbx_struct_sheet_hbond.range_2_label_comp_id 
_pdbx_struct_sheet_hbond.range_2_label_asym_id 
_pdbx_struct_sheet_hbond.range_2_label_seq_id 
_pdbx_struct_sheet_hbond.range_2_PDB_ins_code 
_pdbx_struct_sheet_hbond.range_2_auth_atom_id 
_pdbx_struct_sheet_hbond.range_2_auth_comp_id 
_pdbx_struct_sheet_hbond.range_2_auth_asym_id 
_pdbx_struct_sheet_hbond.range_2_auth_seq_id 
AA1 1 2 N VAL A 18 ? N VAL A 29 O TRP A 55 ? O TRP A 66 
AA1 2 3 O SER A 56 ? O SER A 67 N SER A 48 ? N SER A 59 
# 
_pdbx_entry_details.entry_id                   9J8G 
_pdbx_entry_details.compound_details           ? 
_pdbx_entry_details.source_details             ? 
_pdbx_entry_details.nonpolymer_details         ? 
_pdbx_entry_details.sequence_details           ? 
_pdbx_entry_details.has_ligand_of_interest     ? 
_pdbx_entry_details.has_protein_modification   N 
# 
_pdbx_validate_rmsd_bond.id                        1 
_pdbx_validate_rmsd_bond.PDB_model_num             1 
_pdbx_validate_rmsd_bond.auth_atom_id_1            "O3'" 
_pdbx_validate_rmsd_bond.auth_asym_id_1            C 
_pdbx_validate_rmsd_bond.auth_comp_id_1            DC 
_pdbx_validate_rmsd_bond.auth_seq_id_1             201 
_pdbx_validate_rmsd_bond.PDB_ins_code_1            ? 
_pdbx_validate_rmsd_bond.label_alt_id_1            A 
_pdbx_validate_rmsd_bond.auth_atom_id_2            "C3'" 
_pdbx_validate_rmsd_bond.auth_asym_id_2            C 
_pdbx_validate_rmsd_bond.auth_comp_id_2            DC 
_pdbx_validate_rmsd_bond.auth_seq_id_2             201 
_pdbx_validate_rmsd_bond.PDB_ins_code_2            ? 
_pdbx_validate_rmsd_bond.label_alt_id_2            A 
_pdbx_validate_rmsd_bond.bond_value                1.381 
_pdbx_validate_rmsd_bond.bond_target_value         1.419 
_pdbx_validate_rmsd_bond.bond_deviation            -0.038 
_pdbx_validate_rmsd_bond.bond_standard_deviation   0.006 
_pdbx_validate_rmsd_bond.linker_flag               N 
# 
_pdbx_struct_special_symmetry.id              1 
_pdbx_struct_special_symmetry.PDB_model_num   1 
_pdbx_struct_special_symmetry.auth_asym_id    A 
_pdbx_struct_special_symmetry.auth_comp_id    HOH 
_pdbx_struct_special_symmetry.auth_seq_id     116 
_pdbx_struct_special_symmetry.PDB_ins_code    ? 
_pdbx_struct_special_symmetry.label_asym_id   D 
_pdbx_struct_special_symmetry.label_comp_id   HOH 
_pdbx_struct_special_symmetry.label_seq_id    . 
# 
loop_
_pdbx_refine_tls.id 
_pdbx_refine_tls.pdbx_refine_id 
_pdbx_refine_tls.details 
_pdbx_refine_tls.method 
_pdbx_refine_tls.origin_x 
_pdbx_refine_tls.origin_y 
_pdbx_refine_tls.origin_z 
_pdbx_refine_tls.T[1][1] 
_pdbx_refine_tls.T[1][1]_esd 
_pdbx_refine_tls.T[1][2] 
_pdbx_refine_tls.T[1][2]_esd 
_pdbx_refine_tls.T[1][3] 
_pdbx_refine_tls.T[1][3]_esd 
_pdbx_refine_tls.T[2][2] 
_pdbx_refine_tls.T[2][2]_esd 
_pdbx_refine_tls.T[2][3] 
_pdbx_refine_tls.T[2][3]_esd 
_pdbx_refine_tls.T[3][3] 
_pdbx_refine_tls.T[3][3]_esd 
_pdbx_refine_tls.L[1][1] 
_pdbx_refine_tls.L[1][1]_esd 
_pdbx_refine_tls.L[1][2] 
_pdbx_refine_tls.L[1][2]_esd 
_pdbx_refine_tls.L[1][3] 
_pdbx_refine_tls.L[1][3]_esd 
_pdbx_refine_tls.L[2][2] 
_pdbx_refine_tls.L[2][2]_esd 
_pdbx_refine_tls.L[2][3] 
_pdbx_refine_tls.L[2][3]_esd 
_pdbx_refine_tls.L[3][3] 
_pdbx_refine_tls.L[3][3]_esd 
_pdbx_refine_tls.S[1][1] 
_pdbx_refine_tls.S[1][1]_esd 
_pdbx_refine_tls.S[1][2] 
_pdbx_refine_tls.S[1][2]_esd 
_pdbx_refine_tls.S[1][3] 
_pdbx_refine_tls.S[1][3]_esd 
_pdbx_refine_tls.S[2][1] 
_pdbx_refine_tls.S[2][1]_esd 
_pdbx_refine_tls.S[2][2] 
_pdbx_refine_tls.S[2][2]_esd 
_pdbx_refine_tls.S[2][3] 
_pdbx_refine_tls.S[2][3]_esd 
_pdbx_refine_tls.S[3][1] 
_pdbx_refine_tls.S[3][1]_esd 
_pdbx_refine_tls.S[3][2] 
_pdbx_refine_tls.S[3][2]_esd 
_pdbx_refine_tls.S[3][3] 
_pdbx_refine_tls.S[3][3]_esd 
1 'X-RAY DIFFRACTION' ? refined -5.3533 -1.6954 4.0230  0.2761 ? -0.0074 ? -0.0282 ? 0.3764 ? 0.0470  ? 0.4450 ? 3.0804 ? -3.9849 ? 2.7893  ? 8.2123 ? -4.9128 ? 4.1800 ? -0.0194 ? -0.6043 ? -0.0108 ? 0.3247  ? 0.2555  ? 0.8161  ? 0.1924  ? -0.7877 ? -0.4684 ? 
2 'X-RAY DIFFRACTION' ? refined 0.3507  5.8651  3.5968  0.2658 ? 0.0179  ? -0.1070 ? 0.3142 ? -0.0072 ? 0.3520 ? 1.9572 ? 0.8174  ? 2.1158  ? 5.5893 ? -0.6425 ? 5.8155 ? -0.0252 ? -0.0310 ? 0.2353  ? 0.3216  ? -0.0526 ? -0.1650 ? -0.0951 ? -0.2588 ? -0.0131 ? 
3 'X-RAY DIFFRACTION' ? refined 5.8766  -4.2685 -0.0811 0.2559 ? 0.0547  ? -0.0481 ? 0.2377 ? 0.0078  ? 0.5676 ? 7.9016 ? 2.1919  ? 3.4019  ? 4.2150 ? 1.9422  ? 7.2479 ? -0.0007 ? -0.0601 ? -0.9437 ? 0.2136  ? 0.3185  ? -0.7263 ? 0.6590  ? 0.4501  ? -0.2908 ? 
4 'X-RAY DIFFRACTION' ? refined -0.1927 -1.0402 -6.6145 0.3486 ? -0.0280 ? -0.0672 ? 0.3662 ? -0.0427 ? 0.3804 ? 8.2758 ? 2.4898  ? -0.2882 ? 6.2331 ? 0.7905  ? 4.7958 ? -0.4437 ? 0.9171  ? -0.4675 ? -0.9309 ? 0.3513  ? 0.1702  ? 0.1799  ? -0.5529 ? 0.0582  ? 
5 'X-RAY DIFFRACTION' ? refined 14.5415 0.5143  -3.4662 0.3329 ? 0.0225  ? -0.0895 ? 0.2867 ? 0.0240  ? 0.3888 ? 1.8213 ? 1.0715  ? -0.3789 ? 1.1651 ? 0.5780  ? 1.6431 ? -0.1240 ? 0.4195  ? 0.5039  ? -0.2027 ? 0.3106  ? 0.0156  ? -0.1994 ? -0.0525 ? -0.1979 ? 
6 'X-RAY DIFFRACTION' ? refined 14.9387 0.1906  -2.6996 0.2894 ? 0.0860  ? -0.1068 ? 0.2939 ? -0.0599 ? 0.6391 ? 2.6100 ? 1.1687  ? -1.1271 ? 1.3081 ? 0.4062  ? 1.5245 ? -0.0252 ? -0.1122 ? -0.0901 ? 0.1712  ? 0.2644  ? -0.2103 ? 0.3877  ? 0.3833  ? -0.4917 ? 
# 
loop_
_pdbx_refine_tls_group.id 
_pdbx_refine_tls_group.pdbx_refine_id 
_pdbx_refine_tls_group.refine_tls_id 
_pdbx_refine_tls_group.beg_label_asym_id 
_pdbx_refine_tls_group.beg_label_seq_id 
_pdbx_refine_tls_group.beg_auth_asym_id 
_pdbx_refine_tls_group.beg_auth_seq_id 
_pdbx_refine_tls_group.beg_PDB_ins_code 
_pdbx_refine_tls_group.end_label_asym_id 
_pdbx_refine_tls_group.end_label_seq_id 
_pdbx_refine_tls_group.end_auth_asym_id 
_pdbx_refine_tls_group.end_auth_seq_id 
_pdbx_refine_tls_group.end_PDB_ins_code 
_pdbx_refine_tls_group.selection 
_pdbx_refine_tls_group.selection_details 
1 'X-RAY DIFFRACTION' 1 ? ? ? ? ? ? ? ? ? ? ? 
;chain 'A' and (resid 12 through 25 )
;
2 'X-RAY DIFFRACTION' 2 ? ? ? ? ? ? ? ? ? ? ? 
;chain 'A' and (resid 26 through 41 )
;
3 'X-RAY DIFFRACTION' 3 ? ? ? ? ? ? ? ? ? ? ? 
;chain 'A' and (resid 42 through 54 )
;
4 'X-RAY DIFFRACTION' 4 ? ? ? ? ? ? ? ? ? ? ? 
;chain 'A' and (resid 55 through 69 )
;
5 'X-RAY DIFFRACTION' 5 ? ? ? ? ? ? ? ? ? ? ? 
;chain 'C' and (resid 201 through 206 )
;
6 'X-RAY DIFFRACTION' 6 ? ? ? ? ? ? ? ? ? ? ? 
;chain 'B' and (resid 1 through 6 )
;
# 
_pdbx_unobs_or_zero_occ_residues.id               1 
_pdbx_unobs_or_zero_occ_residues.PDB_model_num    1 
_pdbx_unobs_or_zero_occ_residues.polymer_flag     Y 
_pdbx_unobs_or_zero_occ_residues.occupancy_flag   1 
_pdbx_unobs_or_zero_occ_residues.auth_asym_id     A 
_pdbx_unobs_or_zero_occ_residues.auth_comp_id     GLY 
_pdbx_unobs_or_zero_occ_residues.auth_seq_id      70 
_pdbx_unobs_or_zero_occ_residues.PDB_ins_code     ? 
_pdbx_unobs_or_zero_occ_residues.label_asym_id    A 
_pdbx_unobs_or_zero_occ_residues.label_comp_id    GLY 
_pdbx_unobs_or_zero_occ_residues.label_seq_id     59 
# 
loop_
_chem_comp_atom.comp_id 
_chem_comp_atom.atom_id 
_chem_comp_atom.type_symbol 
_chem_comp_atom.pdbx_aromatic_flag 
_chem_comp_atom.pdbx_stereo_config 
_chem_comp_atom.pdbx_ordinal 
ALA N      N N N 1   
ALA CA     C N S 2   
ALA C      C N N 3   
ALA O      O N N 4   
ALA CB     C N N 5   
ALA OXT    O N N 6   
ALA H      H N N 7   
ALA H2     H N N 8   
ALA HA     H N N 9   
ALA HB1    H N N 10  
ALA HB2    H N N 11  
ALA HB3    H N N 12  
ALA HXT    H N N 13  
ARG N      N N N 14  
ARG CA     C N S 15  
ARG C      C N N 16  
ARG O      O N N 17  
ARG CB     C N N 18  
ARG CG     C N N 19  
ARG CD     C N N 20  
ARG NE     N N N 21  
ARG CZ     C N N 22  
ARG NH1    N N N 23  
ARG NH2    N N N 24  
ARG OXT    O N N 25  
ARG H      H N N 26  
ARG H2     H N N 27  
ARG HA     H N N 28  
ARG HB2    H N N 29  
ARG HB3    H N N 30  
ARG HG2    H N N 31  
ARG HG3    H N N 32  
ARG HD2    H N N 33  
ARG HD3    H N N 34  
ARG HE     H N N 35  
ARG HH11   H N N 36  
ARG HH12   H N N 37  
ARG HH21   H N N 38  
ARG HH22   H N N 39  
ARG HXT    H N N 40  
ASN N      N N N 41  
ASN CA     C N S 42  
ASN C      C N N 43  
ASN O      O N N 44  
ASN CB     C N N 45  
ASN CG     C N N 46  
ASN OD1    O N N 47  
ASN ND2    N N N 48  
ASN OXT    O N N 49  
ASN H      H N N 50  
ASN H2     H N N 51  
ASN HA     H N N 52  
ASN HB2    H N N 53  
ASN HB3    H N N 54  
ASN HD21   H N N 55  
ASN HD22   H N N 56  
ASN HXT    H N N 57  
ASP N      N N N 58  
ASP CA     C N S 59  
ASP C      C N N 60  
ASP O      O N N 61  
ASP CB     C N N 62  
ASP CG     C N N 63  
ASP OD1    O N N 64  
ASP OD2    O N N 65  
ASP OXT    O N N 66  
ASP H      H N N 67  
ASP H2     H N N 68  
ASP HA     H N N 69  
ASP HB2    H N N 70  
ASP HB3    H N N 71  
ASP HD2    H N N 72  
ASP HXT    H N N 73  
C   OP3    O N N 74  
C   P      P N N 75  
C   OP1    O N N 76  
C   OP2    O N N 77  
C   "O5'"  O N N 78  
C   "C5'"  C N N 79  
C   "C4'"  C N R 80  
C   "O4'"  O N N 81  
C   "C3'"  C N S 82  
C   "O3'"  O N N 83  
C   "C2'"  C N R 84  
C   "O2'"  O N N 85  
C   "C1'"  C N R 86  
C   N1     N N N 87  
C   C2     C N N 88  
C   O2     O N N 89  
C   N3     N N N 90  
C   C4     C N N 91  
C   N4     N N N 92  
C   C5     C N N 93  
C   C6     C N N 94  
C   HOP3   H N N 95  
C   HOP2   H N N 96  
C   "H5'"  H N N 97  
C   "H5''" H N N 98  
C   "H4'"  H N N 99  
C   "H3'"  H N N 100 
C   "HO3'" H N N 101 
C   "H2'"  H N N 102 
C   "HO2'" H N N 103 
C   "H1'"  H N N 104 
C   H41    H N N 105 
C   H42    H N N 106 
C   H5     H N N 107 
C   H6     H N N 108 
CYS N      N N N 109 
CYS CA     C N R 110 
CYS C      C N N 111 
CYS O      O N N 112 
CYS CB     C N N 113 
CYS SG     S N N 114 
CYS OXT    O N N 115 
CYS H      H N N 116 
CYS H2     H N N 117 
CYS HA     H N N 118 
CYS HB2    H N N 119 
CYS HB3    H N N 120 
CYS HG     H N N 121 
CYS HXT    H N N 122 
DA  OP3    O N N 123 
DA  P      P N N 124 
DA  OP1    O N N 125 
DA  OP2    O N N 126 
DA  "O5'"  O N N 127 
DA  "C5'"  C N N 128 
DA  "C4'"  C N R 129 
DA  "O4'"  O N N 130 
DA  "C3'"  C N S 131 
DA  "O3'"  O N N 132 
DA  "C2'"  C N N 133 
DA  "C1'"  C N R 134 
DA  N9     N Y N 135 
DA  C8     C Y N 136 
DA  N7     N Y N 137 
DA  C5     C Y N 138 
DA  C6     C Y N 139 
DA  N6     N N N 140 
DA  N1     N Y N 141 
DA  C2     C Y N 142 
DA  N3     N Y N 143 
DA  C4     C Y N 144 
DA  HOP3   H N N 145 
DA  HOP2   H N N 146 
DA  "H5'"  H N N 147 
DA  "H5''" H N N 148 
DA  "H4'"  H N N 149 
DA  "H3'"  H N N 150 
DA  "HO3'" H N N 151 
DA  "H2'"  H N N 152 
DA  "H2''" H N N 153 
DA  "H1'"  H N N 154 
DA  H8     H N N 155 
DA  H61    H N N 156 
DA  H62    H N N 157 
DA  H2     H N N 158 
DC  OP3    O N N 159 
DC  P      P N N 160 
DC  OP1    O N N 161 
DC  OP2    O N N 162 
DC  "O5'"  O N N 163 
DC  "C5'"  C N N 164 
DC  "C4'"  C N R 165 
DC  "O4'"  O N N 166 
DC  "C3'"  C N S 167 
DC  "O3'"  O N N 168 
DC  "C2'"  C N N 169 
DC  "C1'"  C N R 170 
DC  N1     N N N 171 
DC  C2     C N N 172 
DC  O2     O N N 173 
DC  N3     N N N 174 
DC  C4     C N N 175 
DC  N4     N N N 176 
DC  C5     C N N 177 
DC  C6     C N N 178 
DC  HOP3   H N N 179 
DC  HOP2   H N N 180 
DC  "H5'"  H N N 181 
DC  "H5''" H N N 182 
DC  "H4'"  H N N 183 
DC  "H3'"  H N N 184 
DC  "HO3'" H N N 185 
DC  "H2'"  H N N 186 
DC  "H2''" H N N 187 
DC  "H1'"  H N N 188 
DC  H41    H N N 189 
DC  H42    H N N 190 
DC  H5     H N N 191 
DC  H6     H N N 192 
DG  OP3    O N N 193 
DG  P      P N N 194 
DG  OP1    O N N 195 
DG  OP2    O N N 196 
DG  "O5'"  O N N 197 
DG  "C5'"  C N N 198 
DG  "C4'"  C N R 199 
DG  "O4'"  O N N 200 
DG  "C3'"  C N S 201 
DG  "O3'"  O N N 202 
DG  "C2'"  C N N 203 
DG  "C1'"  C N R 204 
DG  N9     N Y N 205 
DG  C8     C Y N 206 
DG  N7     N Y N 207 
DG  C5     C Y N 208 
DG  C6     C N N 209 
DG  O6     O N N 210 
DG  N1     N N N 211 
DG  C2     C N N 212 
DG  N2     N N N 213 
DG  N3     N N N 214 
DG  C4     C Y N 215 
DG  HOP3   H N N 216 
DG  HOP2   H N N 217 
DG  "H5'"  H N N 218 
DG  "H5''" H N N 219 
DG  "H4'"  H N N 220 
DG  "H3'"  H N N 221 
DG  "HO3'" H N N 222 
DG  "H2'"  H N N 223 
DG  "H2''" H N N 224 
DG  "H1'"  H N N 225 
DG  H8     H N N 226 
DG  H1     H N N 227 
DG  H21    H N N 228 
DG  H22    H N N 229 
G   OP3    O N N 230 
G   P      P N N 231 
G   OP1    O N N 232 
G   OP2    O N N 233 
G   "O5'"  O N N 234 
G   "C5'"  C N N 235 
G   "C4'"  C N R 236 
G   "O4'"  O N N 237 
G   "C3'"  C N S 238 
G   "O3'"  O N N 239 
G   "C2'"  C N R 240 
G   "O2'"  O N N 241 
G   "C1'"  C N R 242 
G   N9     N Y N 243 
G   C8     C Y N 244 
G   N7     N Y N 245 
G   C5     C Y N 246 
G   C6     C N N 247 
G   O6     O N N 248 
G   N1     N N N 249 
G   C2     C N N 250 
G   N2     N N N 251 
G   N3     N N N 252 
G   C4     C Y N 253 
G   HOP3   H N N 254 
G   HOP2   H N N 255 
G   "H5'"  H N N 256 
G   "H5''" H N N 257 
G   "H4'"  H N N 258 
G   "H3'"  H N N 259 
G   "HO3'" H N N 260 
G   "H2'"  H N N 261 
G   "HO2'" H N N 262 
G   "H1'"  H N N 263 
G   H8     H N N 264 
G   H1     H N N 265 
G   H21    H N N 266 
G   H22    H N N 267 
GLN N      N N N 268 
GLN CA     C N S 269 
GLN C      C N N 270 
GLN O      O N N 271 
GLN CB     C N N 272 
GLN CG     C N N 273 
GLN CD     C N N 274 
GLN OE1    O N N 275 
GLN NE2    N N N 276 
GLN OXT    O N N 277 
GLN H      H N N 278 
GLN H2     H N N 279 
GLN HA     H N N 280 
GLN HB2    H N N 281 
GLN HB3    H N N 282 
GLN HG2    H N N 283 
GLN HG3    H N N 284 
GLN HE21   H N N 285 
GLN HE22   H N N 286 
GLN HXT    H N N 287 
GLU N      N N N 288 
GLU CA     C N S 289 
GLU C      C N N 290 
GLU O      O N N 291 
GLU CB     C N N 292 
GLU CG     C N N 293 
GLU CD     C N N 294 
GLU OE1    O N N 295 
GLU OE2    O N N 296 
GLU OXT    O N N 297 
GLU H      H N N 298 
GLU H2     H N N 299 
GLU HA     H N N 300 
GLU HB2    H N N 301 
GLU HB3    H N N 302 
GLU HG2    H N N 303 
GLU HG3    H N N 304 
GLU HE2    H N N 305 
GLU HXT    H N N 306 
GLY N      N N N 307 
GLY CA     C N N 308 
GLY C      C N N 309 
GLY O      O N N 310 
GLY OXT    O N N 311 
GLY H      H N N 312 
GLY H2     H N N 313 
GLY HA2    H N N 314 
GLY HA3    H N N 315 
GLY HXT    H N N 316 
HOH O      O N N 317 
HOH H1     H N N 318 
HOH H2     H N N 319 
ILE N      N N N 320 
ILE CA     C N S 321 
ILE C      C N N 322 
ILE O      O N N 323 
ILE CB     C N S 324 
ILE CG1    C N N 325 
ILE CG2    C N N 326 
ILE CD1    C N N 327 
ILE OXT    O N N 328 
ILE H      H N N 329 
ILE H2     H N N 330 
ILE HA     H N N 331 
ILE HB     H N N 332 
ILE HG12   H N N 333 
ILE HG13   H N N 334 
ILE HG21   H N N 335 
ILE HG22   H N N 336 
ILE HG23   H N N 337 
ILE HD11   H N N 338 
ILE HD12   H N N 339 
ILE HD13   H N N 340 
ILE HXT    H N N 341 
LEU N      N N N 342 
LEU CA     C N S 343 
LEU C      C N N 344 
LEU O      O N N 345 
LEU CB     C N N 346 
LEU CG     C N N 347 
LEU CD1    C N N 348 
LEU CD2    C N N 349 
LEU OXT    O N N 350 
LEU H      H N N 351 
LEU H2     H N N 352 
LEU HA     H N N 353 
LEU HB2    H N N 354 
LEU HB3    H N N 355 
LEU HG     H N N 356 
LEU HD11   H N N 357 
LEU HD12   H N N 358 
LEU HD13   H N N 359 
LEU HD21   H N N 360 
LEU HD22   H N N 361 
LEU HD23   H N N 362 
LEU HXT    H N N 363 
LYS N      N N N 364 
LYS CA     C N S 365 
LYS C      C N N 366 
LYS O      O N N 367 
LYS CB     C N N 368 
LYS CG     C N N 369 
LYS CD     C N N 370 
LYS CE     C N N 371 
LYS NZ     N N N 372 
LYS OXT    O N N 373 
LYS H      H N N 374 
LYS H2     H N N 375 
LYS HA     H N N 376 
LYS HB2    H N N 377 
LYS HB3    H N N 378 
LYS HG2    H N N 379 
LYS HG3    H N N 380 
LYS HD2    H N N 381 
LYS HD3    H N N 382 
LYS HE2    H N N 383 
LYS HE3    H N N 384 
LYS HZ1    H N N 385 
LYS HZ2    H N N 386 
LYS HZ3    H N N 387 
LYS HXT    H N N 388 
PRO N      N N N 389 
PRO CA     C N S 390 
PRO C      C N N 391 
PRO O      O N N 392 
PRO CB     C N N 393 
PRO CG     C N N 394 
PRO CD     C N N 395 
PRO OXT    O N N 396 
PRO H      H N N 397 
PRO HA     H N N 398 
PRO HB2    H N N 399 
PRO HB3    H N N 400 
PRO HG2    H N N 401 
PRO HG3    H N N 402 
PRO HD2    H N N 403 
PRO HD3    H N N 404 
PRO HXT    H N N 405 
SER N      N N N 406 
SER CA     C N S 407 
SER C      C N N 408 
SER O      O N N 409 
SER CB     C N N 410 
SER OG     O N N 411 
SER OXT    O N N 412 
SER H      H N N 413 
SER H2     H N N 414 
SER HA     H N N 415 
SER HB2    H N N 416 
SER HB3    H N N 417 
SER HG     H N N 418 
SER HXT    H N N 419 
THR N      N N N 420 
THR CA     C N S 421 
THR C      C N N 422 
THR O      O N N 423 
THR CB     C N R 424 
THR OG1    O N N 425 
THR CG2    C N N 426 
THR OXT    O N N 427 
THR H      H N N 428 
THR H2     H N N 429 
THR HA     H N N 430 
THR HB     H N N 431 
THR HG1    H N N 432 
THR HG21   H N N 433 
THR HG22   H N N 434 
THR HG23   H N N 435 
THR HXT    H N N 436 
TRP N      N N N 437 
TRP CA     C N S 438 
TRP C      C N N 439 
TRP O      O N N 440 
TRP CB     C N N 441 
TRP CG     C Y N 442 
TRP CD1    C Y N 443 
TRP CD2    C Y N 444 
TRP NE1    N Y N 445 
TRP CE2    C Y N 446 
TRP CE3    C Y N 447 
TRP CZ2    C Y N 448 
TRP CZ3    C Y N 449 
TRP CH2    C Y N 450 
TRP OXT    O N N 451 
TRP H      H N N 452 
TRP H2     H N N 453 
TRP HA     H N N 454 
TRP HB2    H N N 455 
TRP HB3    H N N 456 
TRP HD1    H N N 457 
TRP HE1    H N N 458 
TRP HE3    H N N 459 
TRP HZ2    H N N 460 
TRP HZ3    H N N 461 
TRP HH2    H N N 462 
TRP HXT    H N N 463 
TYR N      N N N 464 
TYR CA     C N S 465 
TYR C      C N N 466 
TYR O      O N N 467 
TYR CB     C N N 468 
TYR CG     C Y N 469 
TYR CD1    C Y N 470 
TYR CD2    C Y N 471 
TYR CE1    C Y N 472 
TYR CE2    C Y N 473 
TYR CZ     C Y N 474 
TYR OH     O N N 475 
TYR OXT    O N N 476 
TYR H      H N N 477 
TYR H2     H N N 478 
TYR HA     H N N 479 
TYR HB2    H N N 480 
TYR HB3    H N N 481 
TYR HD1    H N N 482 
TYR HD2    H N N 483 
TYR HE1    H N N 484 
TYR HE2    H N N 485 
TYR HH     H N N 486 
TYR HXT    H N N 487 
U   OP3    O N N 488 
U   P      P N N 489 
U   OP1    O N N 490 
U   OP2    O N N 491 
U   "O5'"  O N N 492 
U   "C5'"  C N N 493 
U   "C4'"  C N R 494 
U   "O4'"  O N N 495 
U   "C3'"  C N S 496 
U   "O3'"  O N N 497 
U   "C2'"  C N R 498 
U   "O2'"  O N N 499 
U   "C1'"  C N R 500 
U   N1     N N N 501 
U   C2     C N N 502 
U   O2     O N N 503 
U   N3     N N N 504 
U   C4     C N N 505 
U   O4     O N N 506 
U   C5     C N N 507 
U   C6     C N N 508 
U   HOP3   H N N 509 
U   HOP2   H N N 510 
U   "H5'"  H N N 511 
U   "H5''" H N N 512 
U   "H4'"  H N N 513 
U   "H3'"  H N N 514 
U   "HO3'" H N N 515 
U   "H2'"  H N N 516 
U   "HO2'" H N N 517 
U   "H1'"  H N N 518 
U   H3     H N N 519 
U   H5     H N N 520 
U   H6     H N N 521 
VAL N      N N N 522 
VAL CA     C N S 523 
VAL C      C N N 524 
VAL O      O N N 525 
VAL CB     C N N 526 
VAL CG1    C N N 527 
VAL CG2    C N N 528 
VAL OXT    O N N 529 
VAL H      H N N 530 
VAL H2     H N N 531 
VAL HA     H N N 532 
VAL HB     H N N 533 
VAL HG11   H N N 534 
VAL HG12   H N N 535 
VAL HG13   H N N 536 
VAL HG21   H N N 537 
VAL HG22   H N N 538 
VAL HG23   H N N 539 
VAL HXT    H N N 540 
# 
loop_
_chem_comp_bond.comp_id 
_chem_comp_bond.atom_id_1 
_chem_comp_bond.atom_id_2 
_chem_comp_bond.value_order 
_chem_comp_bond.pdbx_aromatic_flag 
_chem_comp_bond.pdbx_stereo_config 
_chem_comp_bond.pdbx_ordinal 
ALA N     CA     sing N N 1   
ALA N     H      sing N N 2   
ALA N     H2     sing N N 3   
ALA CA    C      sing N N 4   
ALA CA    CB     sing N N 5   
ALA CA    HA     sing N N 6   
ALA C     O      doub N N 7   
ALA C     OXT    sing N N 8   
ALA CB    HB1    sing N N 9   
ALA CB    HB2    sing N N 10  
ALA CB    HB3    sing N N 11  
ALA OXT   HXT    sing N N 12  
ARG N     CA     sing N N 13  
ARG N     H      sing N N 14  
ARG N     H2     sing N N 15  
ARG CA    C      sing N N 16  
ARG CA    CB     sing N N 17  
ARG CA    HA     sing N N 18  
ARG C     O      doub N N 19  
ARG C     OXT    sing N N 20  
ARG CB    CG     sing N N 21  
ARG CB    HB2    sing N N 22  
ARG CB    HB3    sing N N 23  
ARG CG    CD     sing N N 24  
ARG CG    HG2    sing N N 25  
ARG CG    HG3    sing N N 26  
ARG CD    NE     sing N N 27  
ARG CD    HD2    sing N N 28  
ARG CD    HD3    sing N N 29  
ARG NE    CZ     sing N N 30  
ARG NE    HE     sing N N 31  
ARG CZ    NH1    sing N N 32  
ARG CZ    NH2    doub N N 33  
ARG NH1   HH11   sing N N 34  
ARG NH1   HH12   sing N N 35  
ARG NH2   HH21   sing N N 36  
ARG NH2   HH22   sing N N 37  
ARG OXT   HXT    sing N N 38  
ASN N     CA     sing N N 39  
ASN N     H      sing N N 40  
ASN N     H2     sing N N 41  
ASN CA    C      sing N N 42  
ASN CA    CB     sing N N 43  
ASN CA    HA     sing N N 44  
ASN C     O      doub N N 45  
ASN C     OXT    sing N N 46  
ASN CB    CG     sing N N 47  
ASN CB    HB2    sing N N 48  
ASN CB    HB3    sing N N 49  
ASN CG    OD1    doub N N 50  
ASN CG    ND2    sing N N 51  
ASN ND2   HD21   sing N N 52  
ASN ND2   HD22   sing N N 53  
ASN OXT   HXT    sing N N 54  
ASP N     CA     sing N N 55  
ASP N     H      sing N N 56  
ASP N     H2     sing N N 57  
ASP CA    C      sing N N 58  
ASP CA    CB     sing N N 59  
ASP CA    HA     sing N N 60  
ASP C     O      doub N N 61  
ASP C     OXT    sing N N 62  
ASP CB    CG     sing N N 63  
ASP CB    HB2    sing N N 64  
ASP CB    HB3    sing N N 65  
ASP CG    OD1    doub N N 66  
ASP CG    OD2    sing N N 67  
ASP OD2   HD2    sing N N 68  
ASP OXT   HXT    sing N N 69  
C   OP3   P      sing N N 70  
C   OP3   HOP3   sing N N 71  
C   P     OP1    doub N N 72  
C   P     OP2    sing N N 73  
C   P     "O5'"  sing N N 74  
C   OP2   HOP2   sing N N 75  
C   "O5'" "C5'"  sing N N 76  
C   "C5'" "C4'"  sing N N 77  
C   "C5'" "H5'"  sing N N 78  
C   "C5'" "H5''" sing N N 79  
C   "C4'" "O4'"  sing N N 80  
C   "C4'" "C3'"  sing N N 81  
C   "C4'" "H4'"  sing N N 82  
C   "O4'" "C1'"  sing N N 83  
C   "C3'" "O3'"  sing N N 84  
C   "C3'" "C2'"  sing N N 85  
C   "C3'" "H3'"  sing N N 86  
C   "O3'" "HO3'" sing N N 87  
C   "C2'" "O2'"  sing N N 88  
C   "C2'" "C1'"  sing N N 89  
C   "C2'" "H2'"  sing N N 90  
C   "O2'" "HO2'" sing N N 91  
C   "C1'" N1     sing N N 92  
C   "C1'" "H1'"  sing N N 93  
C   N1    C2     sing N N 94  
C   N1    C6     sing N N 95  
C   C2    O2     doub N N 96  
C   C2    N3     sing N N 97  
C   N3    C4     doub N N 98  
C   C4    N4     sing N N 99  
C   C4    C5     sing N N 100 
C   N4    H41    sing N N 101 
C   N4    H42    sing N N 102 
C   C5    C6     doub N N 103 
C   C5    H5     sing N N 104 
C   C6    H6     sing N N 105 
CYS N     CA     sing N N 106 
CYS N     H      sing N N 107 
CYS N     H2     sing N N 108 
CYS CA    C      sing N N 109 
CYS CA    CB     sing N N 110 
CYS CA    HA     sing N N 111 
CYS C     O      doub N N 112 
CYS C     OXT    sing N N 113 
CYS CB    SG     sing N N 114 
CYS CB    HB2    sing N N 115 
CYS CB    HB3    sing N N 116 
CYS SG    HG     sing N N 117 
CYS OXT   HXT    sing N N 118 
DA  OP3   P      sing N N 119 
DA  OP3   HOP3   sing N N 120 
DA  P     OP1    doub N N 121 
DA  P     OP2    sing N N 122 
DA  P     "O5'"  sing N N 123 
DA  OP2   HOP2   sing N N 124 
DA  "O5'" "C5'"  sing N N 125 
DA  "C5'" "C4'"  sing N N 126 
DA  "C5'" "H5'"  sing N N 127 
DA  "C5'" "H5''" sing N N 128 
DA  "C4'" "O4'"  sing N N 129 
DA  "C4'" "C3'"  sing N N 130 
DA  "C4'" "H4'"  sing N N 131 
DA  "O4'" "C1'"  sing N N 132 
DA  "C3'" "O3'"  sing N N 133 
DA  "C3'" "C2'"  sing N N 134 
DA  "C3'" "H3'"  sing N N 135 
DA  "O3'" "HO3'" sing N N 136 
DA  "C2'" "C1'"  sing N N 137 
DA  "C2'" "H2'"  sing N N 138 
DA  "C2'" "H2''" sing N N 139 
DA  "C1'" N9     sing N N 140 
DA  "C1'" "H1'"  sing N N 141 
DA  N9    C8     sing Y N 142 
DA  N9    C4     sing Y N 143 
DA  C8    N7     doub Y N 144 
DA  C8    H8     sing N N 145 
DA  N7    C5     sing Y N 146 
DA  C5    C6     sing Y N 147 
DA  C5    C4     doub Y N 148 
DA  C6    N6     sing N N 149 
DA  C6    N1     doub Y N 150 
DA  N6    H61    sing N N 151 
DA  N6    H62    sing N N 152 
DA  N1    C2     sing Y N 153 
DA  C2    N3     doub Y N 154 
DA  C2    H2     sing N N 155 
DA  N3    C4     sing Y N 156 
DC  OP3   P      sing N N 157 
DC  OP3   HOP3   sing N N 158 
DC  P     OP1    doub N N 159 
DC  P     OP2    sing N N 160 
DC  P     "O5'"  sing N N 161 
DC  OP2   HOP2   sing N N 162 
DC  "O5'" "C5'"  sing N N 163 
DC  "C5'" "C4'"  sing N N 164 
DC  "C5'" "H5'"  sing N N 165 
DC  "C5'" "H5''" sing N N 166 
DC  "C4'" "O4'"  sing N N 167 
DC  "C4'" "C3'"  sing N N 168 
DC  "C4'" "H4'"  sing N N 169 
DC  "O4'" "C1'"  sing N N 170 
DC  "C3'" "O3'"  sing N N 171 
DC  "C3'" "C2'"  sing N N 172 
DC  "C3'" "H3'"  sing N N 173 
DC  "O3'" "HO3'" sing N N 174 
DC  "C2'" "C1'"  sing N N 175 
DC  "C2'" "H2'"  sing N N 176 
DC  "C2'" "H2''" sing N N 177 
DC  "C1'" N1     sing N N 178 
DC  "C1'" "H1'"  sing N N 179 
DC  N1    C2     sing N N 180 
DC  N1    C6     sing N N 181 
DC  C2    O2     doub N N 182 
DC  C2    N3     sing N N 183 
DC  N3    C4     doub N N 184 
DC  C4    N4     sing N N 185 
DC  C4    C5     sing N N 186 
DC  N4    H41    sing N N 187 
DC  N4    H42    sing N N 188 
DC  C5    C6     doub N N 189 
DC  C5    H5     sing N N 190 
DC  C6    H6     sing N N 191 
DG  OP3   P      sing N N 192 
DG  OP3   HOP3   sing N N 193 
DG  P     OP1    doub N N 194 
DG  P     OP2    sing N N 195 
DG  P     "O5'"  sing N N 196 
DG  OP2   HOP2   sing N N 197 
DG  "O5'" "C5'"  sing N N 198 
DG  "C5'" "C4'"  sing N N 199 
DG  "C5'" "H5'"  sing N N 200 
DG  "C5'" "H5''" sing N N 201 
DG  "C4'" "O4'"  sing N N 202 
DG  "C4'" "C3'"  sing N N 203 
DG  "C4'" "H4'"  sing N N 204 
DG  "O4'" "C1'"  sing N N 205 
DG  "C3'" "O3'"  sing N N 206 
DG  "C3'" "C2'"  sing N N 207 
DG  "C3'" "H3'"  sing N N 208 
DG  "O3'" "HO3'" sing N N 209 
DG  "C2'" "C1'"  sing N N 210 
DG  "C2'" "H2'"  sing N N 211 
DG  "C2'" "H2''" sing N N 212 
DG  "C1'" N9     sing N N 213 
DG  "C1'" "H1'"  sing N N 214 
DG  N9    C8     sing Y N 215 
DG  N9    C4     sing Y N 216 
DG  C8    N7     doub Y N 217 
DG  C8    H8     sing N N 218 
DG  N7    C5     sing Y N 219 
DG  C5    C6     sing N N 220 
DG  C5    C4     doub Y N 221 
DG  C6    O6     doub N N 222 
DG  C6    N1     sing N N 223 
DG  N1    C2     sing N N 224 
DG  N1    H1     sing N N 225 
DG  C2    N2     sing N N 226 
DG  C2    N3     doub N N 227 
DG  N2    H21    sing N N 228 
DG  N2    H22    sing N N 229 
DG  N3    C4     sing N N 230 
G   OP3   P      sing N N 231 
G   OP3   HOP3   sing N N 232 
G   P     OP1    doub N N 233 
G   P     OP2    sing N N 234 
G   P     "O5'"  sing N N 235 
G   OP2   HOP2   sing N N 236 
G   "O5'" "C5'"  sing N N 237 
G   "C5'" "C4'"  sing N N 238 
G   "C5'" "H5'"  sing N N 239 
G   "C5'" "H5''" sing N N 240 
G   "C4'" "O4'"  sing N N 241 
G   "C4'" "C3'"  sing N N 242 
G   "C4'" "H4'"  sing N N 243 
G   "O4'" "C1'"  sing N N 244 
G   "C3'" "O3'"  sing N N 245 
G   "C3'" "C2'"  sing N N 246 
G   "C3'" "H3'"  sing N N 247 
G   "O3'" "HO3'" sing N N 248 
G   "C2'" "O2'"  sing N N 249 
G   "C2'" "C1'"  sing N N 250 
G   "C2'" "H2'"  sing N N 251 
G   "O2'" "HO2'" sing N N 252 
G   "C1'" N9     sing N N 253 
G   "C1'" "H1'"  sing N N 254 
G   N9    C8     sing Y N 255 
G   N9    C4     sing Y N 256 
G   C8    N7     doub Y N 257 
G   C8    H8     sing N N 258 
G   N7    C5     sing Y N 259 
G   C5    C6     sing N N 260 
G   C5    C4     doub Y N 261 
G   C6    O6     doub N N 262 
G   C6    N1     sing N N 263 
G   N1    C2     sing N N 264 
G   N1    H1     sing N N 265 
G   C2    N2     sing N N 266 
G   C2    N3     doub N N 267 
G   N2    H21    sing N N 268 
G   N2    H22    sing N N 269 
G   N3    C4     sing N N 270 
GLN N     CA     sing N N 271 
GLN N     H      sing N N 272 
GLN N     H2     sing N N 273 
GLN CA    C      sing N N 274 
GLN CA    CB     sing N N 275 
GLN CA    HA     sing N N 276 
GLN C     O      doub N N 277 
GLN C     OXT    sing N N 278 
GLN CB    CG     sing N N 279 
GLN CB    HB2    sing N N 280 
GLN CB    HB3    sing N N 281 
GLN CG    CD     sing N N 282 
GLN CG    HG2    sing N N 283 
GLN CG    HG3    sing N N 284 
GLN CD    OE1    doub N N 285 
GLN CD    NE2    sing N N 286 
GLN NE2   HE21   sing N N 287 
GLN NE2   HE22   sing N N 288 
GLN OXT   HXT    sing N N 289 
GLU N     CA     sing N N 290 
GLU N     H      sing N N 291 
GLU N     H2     sing N N 292 
GLU CA    C      sing N N 293 
GLU CA    CB     sing N N 294 
GLU CA    HA     sing N N 295 
GLU C     O      doub N N 296 
GLU C     OXT    sing N N 297 
GLU CB    CG     sing N N 298 
GLU CB    HB2    sing N N 299 
GLU CB    HB3    sing N N 300 
GLU CG    CD     sing N N 301 
GLU CG    HG2    sing N N 302 
GLU CG    HG3    sing N N 303 
GLU CD    OE1    doub N N 304 
GLU CD    OE2    sing N N 305 
GLU OE2   HE2    sing N N 306 
GLU OXT   HXT    sing N N 307 
GLY N     CA     sing N N 308 
GLY N     H      sing N N 309 
GLY N     H2     sing N N 310 
GLY CA    C      sing N N 311 
GLY CA    HA2    sing N N 312 
GLY CA    HA3    sing N N 313 
GLY C     O      doub N N 314 
GLY C     OXT    sing N N 315 
GLY OXT   HXT    sing N N 316 
HOH O     H1     sing N N 317 
HOH O     H2     sing N N 318 
ILE N     CA     sing N N 319 
ILE N     H      sing N N 320 
ILE N     H2     sing N N 321 
ILE CA    C      sing N N 322 
ILE CA    CB     sing N N 323 
ILE CA    HA     sing N N 324 
ILE C     O      doub N N 325 
ILE C     OXT    sing N N 326 
ILE CB    CG1    sing N N 327 
ILE CB    CG2    sing N N 328 
ILE CB    HB     sing N N 329 
ILE CG1   CD1    sing N N 330 
ILE CG1   HG12   sing N N 331 
ILE CG1   HG13   sing N N 332 
ILE CG2   HG21   sing N N 333 
ILE CG2   HG22   sing N N 334 
ILE CG2   HG23   sing N N 335 
ILE CD1   HD11   sing N N 336 
ILE CD1   HD12   sing N N 337 
ILE CD1   HD13   sing N N 338 
ILE OXT   HXT    sing N N 339 
LEU N     CA     sing N N 340 
LEU N     H      sing N N 341 
LEU N     H2     sing N N 342 
LEU CA    C      sing N N 343 
LEU CA    CB     sing N N 344 
LEU CA    HA     sing N N 345 
LEU C     O      doub N N 346 
LEU C     OXT    sing N N 347 
LEU CB    CG     sing N N 348 
LEU CB    HB2    sing N N 349 
LEU CB    HB3    sing N N 350 
LEU CG    CD1    sing N N 351 
LEU CG    CD2    sing N N 352 
LEU CG    HG     sing N N 353 
LEU CD1   HD11   sing N N 354 
LEU CD1   HD12   sing N N 355 
LEU CD1   HD13   sing N N 356 
LEU CD2   HD21   sing N N 357 
LEU CD2   HD22   sing N N 358 
LEU CD2   HD23   sing N N 359 
LEU OXT   HXT    sing N N 360 
LYS N     CA     sing N N 361 
LYS N     H      sing N N 362 
LYS N     H2     sing N N 363 
LYS CA    C      sing N N 364 
LYS CA    CB     sing N N 365 
LYS CA    HA     sing N N 366 
LYS C     O      doub N N 367 
LYS C     OXT    sing N N 368 
LYS CB    CG     sing N N 369 
LYS CB    HB2    sing N N 370 
LYS CB    HB3    sing N N 371 
LYS CG    CD     sing N N 372 
LYS CG    HG2    sing N N 373 
LYS CG    HG3    sing N N 374 
LYS CD    CE     sing N N 375 
LYS CD    HD2    sing N N 376 
LYS CD    HD3    sing N N 377 
LYS CE    NZ     sing N N 378 
LYS CE    HE2    sing N N 379 
LYS CE    HE3    sing N N 380 
LYS NZ    HZ1    sing N N 381 
LYS NZ    HZ2    sing N N 382 
LYS NZ    HZ3    sing N N 383 
LYS OXT   HXT    sing N N 384 
PRO N     CA     sing N N 385 
PRO N     CD     sing N N 386 
PRO N     H      sing N N 387 
PRO CA    C      sing N N 388 
PRO CA    CB     sing N N 389 
PRO CA    HA     sing N N 390 
PRO C     O      doub N N 391 
PRO C     OXT    sing N N 392 
PRO CB    CG     sing N N 393 
PRO CB    HB2    sing N N 394 
PRO CB    HB3    sing N N 395 
PRO CG    CD     sing N N 396 
PRO CG    HG2    sing N N 397 
PRO CG    HG3    sing N N 398 
PRO CD    HD2    sing N N 399 
PRO CD    HD3    sing N N 400 
PRO OXT   HXT    sing N N 401 
SER N     CA     sing N N 402 
SER N     H      sing N N 403 
SER N     H2     sing N N 404 
SER CA    C      sing N N 405 
SER CA    CB     sing N N 406 
SER CA    HA     sing N N 407 
SER C     O      doub N N 408 
SER C     OXT    sing N N 409 
SER CB    OG     sing N N 410 
SER CB    HB2    sing N N 411 
SER CB    HB3    sing N N 412 
SER OG    HG     sing N N 413 
SER OXT   HXT    sing N N 414 
THR N     CA     sing N N 415 
THR N     H      sing N N 416 
THR N     H2     sing N N 417 
THR CA    C      sing N N 418 
THR CA    CB     sing N N 419 
THR CA    HA     sing N N 420 
THR C     O      doub N N 421 
THR C     OXT    sing N N 422 
THR CB    OG1    sing N N 423 
THR CB    CG2    sing N N 424 
THR CB    HB     sing N N 425 
THR OG1   HG1    sing N N 426 
THR CG2   HG21   sing N N 427 
THR CG2   HG22   sing N N 428 
THR CG2   HG23   sing N N 429 
THR OXT   HXT    sing N N 430 
TRP N     CA     sing N N 431 
TRP N     H      sing N N 432 
TRP N     H2     sing N N 433 
TRP CA    C      sing N N 434 
TRP CA    CB     sing N N 435 
TRP CA    HA     sing N N 436 
TRP C     O      doub N N 437 
TRP C     OXT    sing N N 438 
TRP CB    CG     sing N N 439 
TRP CB    HB2    sing N N 440 
TRP CB    HB3    sing N N 441 
TRP CG    CD1    doub Y N 442 
TRP CG    CD2    sing Y N 443 
TRP CD1   NE1    sing Y N 444 
TRP CD1   HD1    sing N N 445 
TRP CD2   CE2    doub Y N 446 
TRP CD2   CE3    sing Y N 447 
TRP NE1   CE2    sing Y N 448 
TRP NE1   HE1    sing N N 449 
TRP CE2   CZ2    sing Y N 450 
TRP CE3   CZ3    doub Y N 451 
TRP CE3   HE3    sing N N 452 
TRP CZ2   CH2    doub Y N 453 
TRP CZ2   HZ2    sing N N 454 
TRP CZ3   CH2    sing Y N 455 
TRP CZ3   HZ3    sing N N 456 
TRP CH2   HH2    sing N N 457 
TRP OXT   HXT    sing N N 458 
TYR N     CA     sing N N 459 
TYR N     H      sing N N 460 
TYR N     H2     sing N N 461 
TYR CA    C      sing N N 462 
TYR CA    CB     sing N N 463 
TYR CA    HA     sing N N 464 
TYR C     O      doub N N 465 
TYR C     OXT    sing N N 466 
TYR CB    CG     sing N N 467 
TYR CB    HB2    sing N N 468 
TYR CB    HB3    sing N N 469 
TYR CG    CD1    doub Y N 470 
TYR CG    CD2    sing Y N 471 
TYR CD1   CE1    sing Y N 472 
TYR CD1   HD1    sing N N 473 
TYR CD2   CE2    doub Y N 474 
TYR CD2   HD2    sing N N 475 
TYR CE1   CZ     doub Y N 476 
TYR CE1   HE1    sing N N 477 
TYR CE2   CZ     sing Y N 478 
TYR CE2   HE2    sing N N 479 
TYR CZ    OH     sing N N 480 
TYR OH    HH     sing N N 481 
TYR OXT   HXT    sing N N 482 
U   OP3   P      sing N N 483 
U   OP3   HOP3   sing N N 484 
U   P     OP1    doub N N 485 
U   P     OP2    sing N N 486 
U   P     "O5'"  sing N N 487 
U   OP2   HOP2   sing N N 488 
U   "O5'" "C5'"  sing N N 489 
U   "C5'" "C4'"  sing N N 490 
U   "C5'" "H5'"  sing N N 491 
U   "C5'" "H5''" sing N N 492 
U   "C4'" "O4'"  sing N N 493 
U   "C4'" "C3'"  sing N N 494 
U   "C4'" "H4'"  sing N N 495 
U   "O4'" "C1'"  sing N N 496 
U   "C3'" "O3'"  sing N N 497 
U   "C3'" "C2'"  sing N N 498 
U   "C3'" "H3'"  sing N N 499 
U   "O3'" "HO3'" sing N N 500 
U   "C2'" "O2'"  sing N N 501 
U   "C2'" "C1'"  sing N N 502 
U   "C2'" "H2'"  sing N N 503 
U   "O2'" "HO2'" sing N N 504 
U   "C1'" N1     sing N N 505 
U   "C1'" "H1'"  sing N N 506 
U   N1    C2     sing N N 507 
U   N1    C6     sing N N 508 
U   C2    O2     doub N N 509 
U   C2    N3     sing N N 510 
U   N3    C4     sing N N 511 
U   N3    H3     sing N N 512 
U   C4    O4     doub N N 513 
U   C4    C5     sing N N 514 
U   C5    C6     doub N N 515 
U   C5    H5     sing N N 516 
U   C6    H6     sing N N 517 
VAL N     CA     sing N N 518 
VAL N     H      sing N N 519 
VAL N     H2     sing N N 520 
VAL CA    C      sing N N 521 
VAL CA    CB     sing N N 522 
VAL CA    HA     sing N N 523 
VAL C     O      doub N N 524 
VAL C     OXT    sing N N 525 
VAL CB    CG1    sing N N 526 
VAL CB    CG2    sing N N 527 
VAL CB    HB     sing N N 528 
VAL CG1   HG11   sing N N 529 
VAL CG1   HG12   sing N N 530 
VAL CG1   HG13   sing N N 531 
VAL CG2   HG21   sing N N 532 
VAL CG2   HG22   sing N N 533 
VAL CG2   HG23   sing N N 534 
VAL OXT   HXT    sing N N 535 
# 
_ndb_struct_conf_na.entry_id   9J8G 
_ndb_struct_conf_na.feature    'z-form double helix' 
# 
loop_
_ndb_struct_na_base_pair.model_number 
_ndb_struct_na_base_pair.i_label_asym_id 
_ndb_struct_na_base_pair.i_label_comp_id 
_ndb_struct_na_base_pair.i_label_seq_id 
_ndb_struct_na_base_pair.i_symmetry 
_ndb_struct_na_base_pair.j_label_asym_id 
_ndb_struct_na_base_pair.j_label_comp_id 
_ndb_struct_na_base_pair.j_label_seq_id 
_ndb_struct_na_base_pair.j_symmetry 
_ndb_struct_na_base_pair.shear 
_ndb_struct_na_base_pair.stretch 
_ndb_struct_na_base_pair.stagger 
_ndb_struct_na_base_pair.buckle 
_ndb_struct_na_base_pair.propeller 
_ndb_struct_na_base_pair.opening 
_ndb_struct_na_base_pair.pair_number 
_ndb_struct_na_base_pair.pair_name 
_ndb_struct_na_base_pair.i_auth_asym_id 
_ndb_struct_na_base_pair.i_auth_seq_id 
_ndb_struct_na_base_pair.i_PDB_ins_code 
_ndb_struct_na_base_pair.j_auth_asym_id 
_ndb_struct_na_base_pair.j_auth_seq_id 
_ndb_struct_na_base_pair.j_PDB_ins_code 
_ndb_struct_na_base_pair.hbond_type_28 
_ndb_struct_na_base_pair.hbond_type_12 
1 C U  1 1_555 C G  6 10_445 -0.286 -0.185 0.133  5.418   -7.073 -2.669 1  B_U1:G6_B       B 1   ? B 6   ? 28 1 
1 C G  2 1_555 C U  5 10_445 0.322  -0.528 0.598  0.800   -3.704 0.025  2  B_G2:U5_B       B 2   ? B 5   ? 28 1 
1 C C  3 1_555 C G  4 10_445 -0.456 -0.395 0.454  11.146  -3.209 0.522  3  B_C3:G4_B       B 3   ? B 4   ? 19 1 
1 C G  4 1_555 C C  3 10_445 0.456  -0.395 0.454  -11.146 -3.209 0.522  4  B_G4:C3_B       B 4   ? B 3   ? 19 1 
1 C U  5 1_555 C G  2 10_445 -0.322 -0.528 0.598  -0.800  -3.704 0.025  5  B_U5:G2_B       B 5   ? B 2   ? 28 1 
1 C G  6 1_555 C U  1 10_445 0.286  -0.185 0.133  -5.418  -7.073 -2.669 6  B_G6:U1_B       B 6   ? B 1   ? 28 1 
1 B DC 1 1_555 B DA 6 10_445 0.272  0.012  0.136  -2.786  -9.966 -6.228 7  C_DC201:DA206_C C 201 ? C 206 ? ?  1 
1 B DA 2 1_555 B DC 5 10_445 0.756  -0.266 -0.426 1.252   -7.239 -0.597 8  C_DA202:DC205_C C 202 ? C 205 ? ?  1 
1 B DC 3 1_555 B DG 4 10_445 -0.475 0.202  -0.735 11.711  -3.975 -5.766 9  C_DC203:DG204_C C 203 ? C 204 ? 19 1 
1 B DG 4 1_555 B DC 3 10_445 0.475  0.202  -0.735 -11.711 -3.975 -5.766 10 C_DG204:DC203_C C 204 ? C 203 ? 19 1 
1 B DC 5 1_555 B DA 2 10_445 -0.756 -0.266 -0.426 -1.252  -7.239 -0.597 11 C_DC205:DA202_C C 205 ? C 202 ? ?  1 
1 B DA 6 1_555 B DC 1 10_445 -0.272 0.012  0.136  2.786   -9.966 -6.228 12 C_DA206:DC201_C C 206 ? C 201 ? ?  1 
# 
loop_
_ndb_struct_na_base_pair_step.model_number 
_ndb_struct_na_base_pair_step.i_label_asym_id_1 
_ndb_struct_na_base_pair_step.i_label_comp_id_1 
_ndb_struct_na_base_pair_step.i_label_seq_id_1 
_ndb_struct_na_base_pair_step.i_symmetry_1 
_ndb_struct_na_base_pair_step.j_label_asym_id_1 
_ndb_struct_na_base_pair_step.j_label_comp_id_1 
_ndb_struct_na_base_pair_step.j_label_seq_id_1 
_ndb_struct_na_base_pair_step.j_symmetry_1 
_ndb_struct_na_base_pair_step.i_label_asym_id_2 
_ndb_struct_na_base_pair_step.i_label_comp_id_2 
_ndb_struct_na_base_pair_step.i_label_seq_id_2 
_ndb_struct_na_base_pair_step.i_symmetry_2 
_ndb_struct_na_base_pair_step.j_label_asym_id_2 
_ndb_struct_na_base_pair_step.j_label_comp_id_2 
_ndb_struct_na_base_pair_step.j_label_seq_id_2 
_ndb_struct_na_base_pair_step.j_symmetry_2 
_ndb_struct_na_base_pair_step.shift 
_ndb_struct_na_base_pair_step.slide 
_ndb_struct_na_base_pair_step.rise 
_ndb_struct_na_base_pair_step.tilt 
_ndb_struct_na_base_pair_step.roll 
_ndb_struct_na_base_pair_step.twist 
_ndb_struct_na_base_pair_step.x_displacement 
_ndb_struct_na_base_pair_step.y_displacement 
_ndb_struct_na_base_pair_step.helical_rise 
_ndb_struct_na_base_pair_step.inclination 
_ndb_struct_na_base_pair_step.tip 
_ndb_struct_na_base_pair_step.helical_twist 
_ndb_struct_na_base_pair_step.step_number 
_ndb_struct_na_base_pair_step.step_name 
_ndb_struct_na_base_pair_step.i_auth_asym_id_1 
_ndb_struct_na_base_pair_step.i_auth_seq_id_1 
_ndb_struct_na_base_pair_step.i_PDB_ins_code_1 
_ndb_struct_na_base_pair_step.j_auth_asym_id_1 
_ndb_struct_na_base_pair_step.j_auth_seq_id_1 
_ndb_struct_na_base_pair_step.j_PDB_ins_code_1 
_ndb_struct_na_base_pair_step.i_auth_asym_id_2 
_ndb_struct_na_base_pair_step.i_auth_seq_id_2 
_ndb_struct_na_base_pair_step.i_PDB_ins_code_2 
_ndb_struct_na_base_pair_step.j_auth_asym_id_2 
_ndb_struct_na_base_pair_step.j_auth_seq_id_2 
_ndb_struct_na_base_pair_step.j_PDB_ins_code_2 
1 C U  1 1_555 C G  6 10_445 C G  2 1_555 C U  5 10_445 0.084  4.714  3.620 -2.122 -5.061  -9.534  -13.126 -4.372 5.320 27.639 
-11.589 -10.998 1  BB_U1G2:U5G6_BB             B 1   ? B 6   ? B 2   ? B 5   ? 
1 C G  2 1_555 C U  5 10_445 C C  3 1_555 C G  4 10_445 -0.097 -1.401 3.098 1.459  -12.524 -50.055 2.380   -0.022 2.699 14.538 
1.693   -51.519 2  BB_G2C3:G4U5_BB             B 2   ? B 5   ? B 3   ? B 4   ? 
1 C C  3 1_555 C G  4 10_445 C G  4 1_555 C C  3 10_445 0.000  5.383  4.042 0.000  -8.711  -9.908  -6.034  0.000  6.588 41.413 
0.000   -13.185 3  BB_C3G4:C3G4_BB             B 3   ? B 4   ? B 4   ? B 3   ? 
1 C G  4 1_555 C C  3 10_445 C U  5 1_555 C G  2 10_445 0.097  -1.401 3.098 -1.459 -12.524 -50.055 2.380   0.022  2.699 14.538 
-1.693  -51.519 4  BB_G4U5:G2C3_BB             B 4   ? B 3   ? B 5   ? B 2   ? 
1 C U  5 1_555 C G  2 10_445 C G  6 1_555 C U  1 10_445 -0.084 4.714  3.620 2.122  -5.061  -9.534  -13.126 4.372  5.320 27.639 
11.589  -10.998 5  BB_U5G6:U1G2_BB             B 5   ? B 2   ? B 6   ? B 1   ? 
1 B DC 1 1_555 B DA 6 10_445 B DA 2 1_555 B DC 5 10_445 0.223  4.779  3.231 4.103  -11.127 -7.901  -1.704  7.379  5.459 52.955 
19.528  -14.242 6  CC_DC201DA202:DC205DA206_CC C 201 ? C 206 ? C 202 ? C 205 ? 
1 B DA 2 1_555 B DC 5 10_445 B DC 3 1_555 B DG 4 10_445 -0.123 -1.329 3.159 0.874  -11.912 -49.225 2.334   -0.087 2.789 14.061 
1.032   -50.565 7  CC_DA202DC203:DG204DC205_CC C 202 ? C 205 ? C 203 ? C 204 ? 
1 B DC 3 1_555 B DG 4 10_445 B DG 4 1_555 B DC 3 10_445 0.000  5.657  3.815 0.000  -8.959  -9.204  -6.273  0.000  6.677 44.318 
0.000   -12.838 8  CC_DC203DG204:DC203DG204_CC C 203 ? C 204 ? C 204 ? C 203 ? 
1 B DG 4 1_555 B DC 3 10_445 B DC 5 1_555 B DA 2 10_445 0.123  -1.329 3.159 -0.874 -11.912 -49.225 2.334   0.087  2.789 14.061 
-1.032  -50.565 9  CC_DG204DC205:DA202DC203_CC C 204 ? C 203 ? C 205 ? C 202 ? 
1 B DC 5 1_555 B DA 2 10_445 B DA 6 1_555 B DC 1 10_445 -0.223 4.779  3.231 -4.103 -11.127 -7.901  -1.704  -7.379 5.459 52.955 
-19.528 -14.242 10 CC_DC205DA206:DC201DA202_CC C 205 ? C 202 ? C 206 ? C 201 ? 
# 
_pdbx_audit_support.funding_organization   'National Science Foundation (NSF, China)' 
_pdbx_audit_support.country                China 
_pdbx_audit_support.grant_number           ? 
_pdbx_audit_support.ordinal                1 
# 
_pdbx_initial_refinement_model.id               1 
_pdbx_initial_refinement_model.entity_id_list   ? 
_pdbx_initial_refinement_model.type             'experimental model' 
_pdbx_initial_refinement_model.source_name      PDB 
_pdbx_initial_refinement_model.accession_code   1j75 
_pdbx_initial_refinement_model.details          ? 
# 
_atom_sites.entry_id                    9J8G 
_atom_sites.Cartn_transf_matrix[1][1]   ? 
_atom_sites.Cartn_transf_matrix[1][2]   ? 
_atom_sites.Cartn_transf_matrix[1][3]   ? 
_atom_sites.Cartn_transf_matrix[2][1]   ? 
_atom_sites.Cartn_transf_matrix[2][2]   ? 
_atom_sites.Cartn_transf_matrix[2][3]   ? 
_atom_sites.Cartn_transf_matrix[3][1]   ? 
_atom_sites.Cartn_transf_matrix[3][2]   ? 
_atom_sites.Cartn_transf_matrix[3][3]   ? 
_atom_sites.Cartn_transf_vector[1]      ? 
_atom_sites.Cartn_transf_vector[2]      ? 
_atom_sites.Cartn_transf_vector[3]      ? 
_atom_sites.Cartn_transform_axes        ? 
_atom_sites.fract_transf_matrix[1][1]   -0.01550586 
_atom_sites.fract_transf_matrix[1][2]   0.00348883 
_atom_sites.fract_transf_matrix[1][3]   -0.00890593 
_atom_sites.fract_transf_matrix[2][1]   -0.01560374 
_atom_sites.fract_transf_matrix[2][2]   0.00178338 
_atom_sites.fract_transf_matrix[2][3]   0.00923246 
_atom_sites.fract_transf_matrix[3][1]   0.00235159 
_atom_sites.fract_transf_matrix[3][2]   0.01379484 
_atom_sites.fract_transf_matrix[3][3]   0.00130974 
_atom_sites.fract_transf_vector[1]      -0.096894 
_atom_sites.fract_transf_vector[2]      -0.360664 
_atom_sites.fract_transf_vector[3]      0.025554 
_atom_sites.solution_primary            ? 
_atom_sites.solution_secondary          ? 
_atom_sites.solution_hydrogens          ? 
_atom_sites.special_details             ? 
# 
loop_
_atom_type.symbol 
C 
N 
O 
P 
S 
# 
loop_
_atom_site.group_PDB 
_atom_site.id 
_atom_site.type_symbol 
_atom_site.label_atom_id 
_atom_site.label_alt_id 
_atom_site.label_comp_id 
_atom_site.label_asym_id 
_atom_site.label_entity_id 
_atom_site.label_seq_id 
_atom_site.pdbx_PDB_ins_code 
_atom_site.Cartn_x 
_atom_site.Cartn_y 
_atom_site.Cartn_z 
_atom_site.occupancy 
_atom_site.B_iso_or_equiv 
_atom_site.pdbx_formal_charge 
_atom_site.auth_seq_id 
_atom_site.auth_comp_id 
_atom_site.auth_asym_id 
_atom_site.auth_atom_id 
_atom_site.pdbx_PDB_model_num 
ATOM   1   N N     . ASP A 1 1  ? 0.380   -9.167  7.507   1.00 58.62 ? 12  ASP A N     1 
ATOM   2   C CA    . ASP A 1 1  ? -0.881  -9.840  7.922   1.00 66.49 ? 12  ASP A CA    1 
ATOM   3   C C     . ASP A 1 1  ? -1.863  -8.765  8.390   1.00 59.71 ? 12  ASP A C     1 
ATOM   4   O O     . ASP A 1 1  ? -2.700  -8.350  7.577   1.00 45.86 ? 12  ASP A O     1 
ATOM   5   C CB    . ASP A 1 1  ? -0.619  -10.905 8.987   1.00 65.80 ? 12  ASP A CB    1 
ATOM   6   N N     . ASN A 1 2  ? -1.766  -8.337  9.650   1.00 55.03 ? 13  ASN A N     1 
ATOM   7   C CA    . ASN A 1 2  ? -2.611  -7.206  10.112  1.00 54.05 ? 13  ASN A CA    1 
ATOM   8   C C     . ASN A 1 2  ? -2.204  -5.971  9.304   1.00 43.31 ? 13  ASN A C     1 
ATOM   9   O O     . ASN A 1 2  ? -3.098  -5.245  8.860   1.00 46.46 ? 13  ASN A O     1 
ATOM   10  C CB    . ASN A 1 2  ? -2.472  -6.971  11.618  1.00 62.45 ? 13  ASN A CB    1 
ATOM   11  C CG    . ASN A 1 2  ? -2.848  -5.567  12.042  1.00 79.77 ? 13  ASN A CG    1 
ATOM   12  O OD1   . ASN A 1 2  ? -4.009  -5.175  11.955  1.00 78.50 ? 13  ASN A OD1   1 
ATOM   13  N ND2   . ASN A 1 2  ? -1.873  -4.803  12.506  1.00 79.44 ? 13  ASN A ND2   1 
ATOM   14  N N     . LEU A 1 3  ? -0.899  -5.779  9.091   1.00 39.79 ? 14  LEU A N     1 
ATOM   15  C CA    . LEU A 1 3  ? -0.413  -4.639  8.271   1.00 37.20 ? 14  LEU A CA    1 
ATOM   16  C C     . LEU A 1 3  ? -0.931  -4.789  6.839   1.00 38.46 ? 14  LEU A C     1 
ATOM   17  O O     . LEU A 1 3  ? -1.296  -3.782  6.255   1.00 33.59 ? 14  LEU A O     1 
ATOM   18  C CB    . LEU A 1 3  ? 1.117   -4.586  8.291   1.00 40.69 ? 14  LEU A CB    1 
ATOM   19  C CG    . LEU A 1 3  ? 1.740   -3.439  7.498   1.00 40.57 ? 14  LEU A CG    1 
ATOM   20  C CD1   . LEU A 1 3  ? 1.203   -2.096  7.970   1.00 30.94 ? 14  LEU A CD1   1 
ATOM   21  C CD2   . LEU A 1 3  ? 3.256   -3.471  7.590   1.00 37.16 ? 14  LEU A CD2   1 
ATOM   22  N N     . GLU A 1 4  ? -0.917  -6.009  6.297   1.00 36.41 ? 15  GLU A N     1 
ATOM   23  C CA    . GLU A 1 4  ? -1.430  -6.255  4.924   1.00 35.86 ? 15  GLU A CA    1 
ATOM   24  C C     . GLU A 1 4  ? -2.895  -5.817  4.867   1.00 37.45 ? 15  GLU A C     1 
ATOM   25  O O     . GLU A 1 4  ? -3.264  -5.110  3.920   1.00 33.34 ? 15  GLU A O     1 
ATOM   26  C CB    . GLU A 1 4  ? -1.284  -7.734  4.564   1.00 43.73 ? 15  GLU A CB    1 
ATOM   27  C CG    . GLU A 1 4  ? -2.085  -8.158  3.349   1.00 50.64 ? 15  GLU A CG    1 
ATOM   28  C CD    . GLU A 1 4  ? -2.029  -9.648  3.071   1.00 62.54 ? 15  GLU A CD    1 
ATOM   29  O OE1   . GLU A 1 4  ? -3.098  -10.288 3.072   1.00 70.18 ? 15  GLU A OE1   1 
ATOM   30  O OE2   . GLU A 1 4  ? -0.915  -10.167 2.861   1.00 67.94 ? 15  GLU A OE2   1 
ATOM   31  N N     . GLN A 1 5  ? -3.679  -6.199  5.874   1.00 36.78 ? 16  GLN A N     1 
ATOM   32  C CA    . GLN A 1 5  ? -5.119  -5.846  5.899   1.00 36.63 ? 16  GLN A CA    1 
ATOM   33  C C     . GLN A 1 5  ? -5.254  -4.325  5.981   1.00 41.05 ? 16  GLN A C     1 
ATOM   34  O O     . GLN A 1 5  ? -6.104  -3.787  5.277   1.00 39.10 ? 16  GLN A O     1 
ATOM   35  C CB    . GLN A 1 5  ? -5.829  -6.540  7.060   1.00 48.12 ? 16  GLN A CB    1 
ATOM   36  C CG    . GLN A 1 5  ? -6.074  -8.025  6.831   1.00 75.13 ? 16  GLN A CG    1 
ATOM   37  C CD    . GLN A 1 5  ? -6.477  -8.355  5.414   1.00 79.48 ? 16  GLN A CD    1 
ATOM   38  O OE1   . GLN A 1 5  ? -5.776  -9.068  4.699   1.00 73.90 ? 16  GLN A OE1   1 
ATOM   39  N NE2   . GLN A 1 5  ? -7.625  -7.844  4.997   1.00 66.36 ? 16  GLN A NE2   1 
ATOM   40  N N     . LYS A 1 6  ? -4.429  -3.673  6.802   1.00 35.19 ? 17  LYS A N     1 
ATOM   41  C CA    . LYS A 1 6  ? -4.523  -2.202  6.975   1.00 36.35 ? 17  LYS A CA    1 
ATOM   42  C C     . LYS A 1 6  ? -4.209  -1.524  5.642   1.00 35.58 ? 17  LYS A C     1 
ATOM   43  O O     . LYS A 1 6  ? -4.953  -0.617  5.257   1.00 32.27 ? 17  LYS A O     1 
ATOM   44  C CB    . LYS A 1 6  ? -3.567  -1.734  8.075   1.00 43.65 ? 17  LYS A CB    1 
ATOM   45  C CG    . LYS A 1 6  ? -3.663  -0.260  8.441   1.00 44.00 ? 17  LYS A CG    1 
ATOM   46  C CD    . LYS A 1 6  ? -5.050  0.161   8.876   1.00 51.01 ? 17  LYS A CD    1 
ATOM   47  C CE    . LYS A 1 6  ? -5.077  1.530   9.520   1.00 56.43 ? 17  LYS A CE    1 
ATOM   48  N NZ    . LYS A 1 6  ? -6.203  2.353   9.018   1.00 51.36 ? 17  LYS A NZ    1 
ATOM   49  N N     . ILE A 1 7  ? -3.178  -2.002  4.945   1.00 30.68 ? 18  ILE A N     1 
ATOM   50  C CA    . ILE A 1 7  ? -2.776  -1.383  3.654   1.00 30.71 ? 18  ILE A CA    1 
ATOM   51  C C     . ILE A 1 7  ? -3.954  -1.556  2.702   1.00 31.97 ? 18  ILE A C     1 
ATOM   52  O O     . ILE A 1 7  ? -4.348  -0.573  2.059   1.00 30.43 ? 18  ILE A O     1 
ATOM   53  C CB    . ILE A 1 7  ? -1.514  -2.071  3.100   1.00 29.95 ? 18  ILE A CB    1 
ATOM   54  C CG1   . ILE A 1 7  ? -0.259  -1.679  3.881   1.00 27.45 ? 18  ILE A CG1   1 
ATOM   55  C CG2   . ILE A 1 7  ? -1.354  -1.810  1.612   1.00 31.33 ? 18  ILE A CG2   1 
ATOM   56  C CD1   . ILE A 1 7  ? 0.959   -2.487  3.514   1.00 30.59 ? 18  ILE A CD1   1 
ATOM   57  N N     . LEU A 1 8  ? -4.540  -2.753  2.696   1.00 27.15 ? 19  LEU A N     1 
ATOM   58  C CA    . LEU A 1 8  ? -5.632  -3.016  1.734   1.00 32.16 ? 19  LEU A CA    1 
ATOM   59  C C     . LEU A 1 8  ? -6.789  -2.069  2.050   1.00 34.24 ? 19  LEU A C     1 
ATOM   60  O O     . LEU A 1 8  ? -7.242  -1.417  1.129   1.00 37.26 ? 19  LEU A O     1 
ATOM   61  C CB    . LEU A 1 8  ? -6.035  -4.490  1.818   1.00 33.24 ? 19  LEU A CB    1 
ATOM   62  C CG    . LEU A 1 8  ? -5.019  -5.472  1.237   1.00 34.75 ? 19  LEU A CG    1 
ATOM   63  C CD1   . LEU A 1 8  ? -5.438  -6.910  1.497   1.00 43.57 ? 19  LEU A CD1   1 
ATOM   64  C CD2   . LEU A 1 8  ? -4.817  -5.234  -0.251  1.00 30.79 ? 19  LEU A CD2   1 
ATOM   65  N N     . GLN A 1 9  ? -7.135  -1.901  3.325   1.00 34.33 ? 20  GLN A N     1 
ATOM   66  C CA    . GLN A 1 9  ? -8.281  -1.038  3.707   1.00 41.05 ? 20  GLN A CA    1 
ATOM   67  C C     . GLN A 1 9  ? -7.984  0.399   3.272   1.00 35.21 ? 20  GLN A C     1 
ATOM   68  O O     . GLN A 1 9  ? -8.851  1.012   2.642   1.00 34.44 ? 20  GLN A O     1 
ATOM   69  C CB    . GLN A 1 9  ? -8.506  -1.114  5.216   1.00 42.79 ? 20  GLN A CB    1 
ATOM   70  C CG    . GLN A 1 9  ? -9.463  -0.062  5.757   1.00 53.96 ? 20  GLN A CG    1 
ATOM   71  C CD    . GLN A 1 9  ? -8.763  0.971   6.607   1.00 65.40 ? 20  GLN A CD    1 
ATOM   72  O OE1   . GLN A 1 9  ? -8.212  0.664   7.659   1.00 60.38 ? 20  GLN A OE1   1 
ATOM   73  N NE2   . GLN A 1 9  ? -8.783  2.213   6.153   1.00 52.81 ? 20  GLN A NE2   1 
ATOM   74  N N     . VAL A 1 10 ? -6.768  0.879   3.531   1.00 32.68 ? 21  VAL A N     1 
ATOM   75  C CA    . VAL A 1 10 ? -6.441  2.297   3.202   1.00 30.54 ? 21  VAL A CA    1 
ATOM   76  C C     . VAL A 1 10 ? -6.542  2.482   1.686   1.00 30.26 ? 21  VAL A C     1 
ATOM   77  O O     . VAL A 1 10 ? -7.137  3.476   1.256   1.00 31.04 ? 21  VAL A O     1 
ATOM   78  C CB    . VAL A 1 10 ? -5.061  2.704   3.753   1.00 31.62 ? 21  VAL A CB    1 
ATOM   79  C CG1   . VAL A 1 10 ? -4.650  4.091   3.287   1.00 31.78 ? 21  VAL A CG1   1 
ATOM   80  C CG2   . VAL A 1 10 ? -5.017  2.620   5.270   1.00 32.21 ? 21  VAL A CG2   1 
ATOM   81  N N     . LEU A 1 11 ? -6.007  1.537   0.912   1.00 28.61 ? 22  LEU A N     1 
ATOM   82  C CA    . LEU A 1 11 ? -6.018  1.685   -0.566  1.00 30.66 ? 22  LEU A CA    1 
ATOM   83  C C     . LEU A 1 11 ? -7.462  1.616   -1.074  1.00 29.50 ? 22  LEU A C     1 
ATOM   84  O O     . LEU A 1 11 ? -7.802  2.376   -1.990  1.00 34.59 ? 22  LEU A O     1 
ATOM   85  C CB    . LEU A 1 11 ? -5.155  0.585   -1.186  1.00 33.62 ? 22  LEU A CB    1 
ATOM   86  C CG    . LEU A 1 11 ? -3.654  0.707   -0.933  1.00 28.28 ? 22  LEU A CG    1 
ATOM   87  C CD1   . LEU A 1 11 ? -2.888  -0.341  -1.719  1.00 26.24 ? 22  LEU A CD1   1 
ATOM   88  C CD2   . LEU A 1 11 ? -3.157  2.097   -1.286  1.00 30.16 ? 22  LEU A CD2   1 
ATOM   89  N N     . SER A 1 12 ? -8.272  0.741   -0.486  1.00 29.95 ? 23  SER A N     1 
ATOM   90  C CA    . SER A 1 12 ? -9.659  0.521   -0.965  1.00 32.91 ? 23  SER A CA    1 
ATOM   91  C C     . SER A 1 12 ? -10.535 1.698   -0.537  1.00 34.16 ? 23  SER A C     1 
ATOM   92  O O     . SER A 1 12 ? -11.333 2.180   -1.377  1.00 37.72 ? 23  SER A O     1 
ATOM   93  C CB    . SER A 1 12 ? -10.196 -0.782  -0.433  1.00 38.67 ? 23  SER A CB    1 
ATOM   94  O OG    . SER A 1 12 ? -9.302  -1.854  -0.681  1.00 35.95 ? 23  SER A OG    1 
ATOM   95  N N     . ASP A 1 13 ? -10.379 2.156   0.708   1.00 34.94 ? 24  ASP A N     1 
ATOM   96  C CA    . ASP A 1 13 ? -11.183 3.318   1.079   1.00 35.85 ? 24  ASP A CA    1 
ATOM   97  C C     . ASP A 1 13 ? -10.834 4.525   0.237   1.00 35.56 ? 24  ASP A C     1 
ATOM   98  O O     . ASP A 1 13 ? -11.721 5.309   -0.122  1.00 41.01 ? 24  ASP A O     1 
ATOM   99  C CB    . ASP A 1 13 ? -11.037 3.656   2.568   1.00 40.52 ? 24  ASP A CB    1 
ATOM   100 C CG    . ASP A 1 13 ? -11.628 2.594   3.480   1.00 51.73 ? 24  ASP A CG    1 
ATOM   101 O OD1   . ASP A 1 13 ? -12.530 1.843   3.033   1.00 51.97 ? 24  ASP A OD1   1 
ATOM   102 O OD2   . ASP A 1 13 ? -11.227 2.552   4.663   1.00 48.34 ? 24  ASP A OD2   1 
ATOM   103 N N     . ASP A 1 14 ? -9.551  4.698   -0.078  1.00 38.58 ? 25  ASP A N     1 
ATOM   104 C CA    . ASP A 1 14 ? -9.135  5.795   -0.940  1.00 41.50 ? 25  ASP A CA    1 
ATOM   105 C C     . ASP A 1 14 ? -9.664  5.620   -2.355  1.00 42.44 ? 25  ASP A C     1 
ATOM   106 O O     . ASP A 1 14 ? -10.222 6.557   -2.938  1.00 45.24 ? 25  ASP A O     1 
ATOM   107 C CB    . ASP A 1 14 ? -7.614  5.907   -0.945  1.00 33.40 ? 25  ASP A CB    1 
ATOM   108 C CG    . ASP A 1 14 ? -7.143  7.172   -1.624  1.00 42.54 ? 25  ASP A CG    1 
ATOM   109 O OD1   . ASP A 1 14 ? -7.291  7.256   -2.867  1.00 35.02 ? 25  ASP A OD1   1 
ATOM   110 O OD2   . ASP A 1 14 ? -6.668  8.092   -0.918  1.00 41.13 ? 25  ASP A OD2   1 
ATOM   111 N N     . GLY A 1 15 ? -9.475  4.439   -2.936  1.00 37.51 ? 26  GLY A N     1 
ATOM   112 C CA    . GLY A 1 15 ? -9.966  4.169   -4.266  1.00 33.76 ? 26  GLY A CA    1 
ATOM   113 C C     . GLY A 1 15 ? -9.126  4.733   -5.389  1.00 41.41 ? 26  GLY A C     1 
ATOM   114 O O     . GLY A 1 15 ? -9.428  4.469   -6.554  1.00 40.86 ? 26  GLY A O     1 
ATOM   115 N N     . GLY A 1 16 ? -8.073  5.478   -5.086  1.00 34.06 ? 27  GLY A N     1 
ATOM   116 C CA    . GLY A 1 16 ? -7.260  6.087   -6.109  1.00 30.60 ? 27  GLY A CA    1 
ATOM   117 C C     . GLY A 1 16 ? -5.800  5.824   -5.812  1.00 28.85 ? 27  GLY A C     1 
ATOM   118 O O     . GLY A 1 16 ? -5.460  5.030   -4.923  1.00 33.62 ? 27  GLY A O     1 
ATOM   119 N N     . PRO A 1 17 ? -4.909  6.466   -6.565  1.00 38.19 ? 28  PRO A N     1 
ATOM   120 C CA    . PRO A 1 17 ? -3.470  6.329   -6.294  1.00 31.01 ? 28  PRO A CA    1 
ATOM   121 C C     . PRO A 1 17 ? -3.146  6.927   -4.934  1.00 37.53 ? 28  PRO A C     1 
ATOM   122 O O     . PRO A 1 17 ? -3.589  8.037   -4.624  1.00 28.62 ? 28  PRO A O     1 
ATOM   123 C CB    . PRO A 1 17 ? -2.811  7.138   -7.426  1.00 34.60 ? 28  PRO A CB    1 
ATOM   124 C CG    . PRO A 1 17 ? -3.890  7.415   -8.402  1.00 39.00 ? 28  PRO A CG    1 
ATOM   125 C CD    . PRO A 1 17 ? -5.176  7.427   -7.645  1.00 36.05 ? 28  PRO A CD    1 
ATOM   126 N N     . VAL A 1 18 ? -2.372  6.194   -4.128  1.00 26.22 ? 29  VAL A N     1 
ATOM   127 C CA    . VAL A 1 18 ? -1.987  6.638   -2.786  1.00 25.37 ? 29  VAL A CA    1 
ATOM   128 C C     . VAL A 1 18 ? -0.473  6.658   -2.692  1.00 27.68 ? 29  VAL A C     1 
ATOM   129 O O     . VAL A 1 18 ? 0.184   5.668   -3.038  1.00 24.98 ? 29  VAL A O     1 
ATOM   130 C CB    . VAL A 1 18 ? -2.569  5.734   -1.682  1.00 24.98 ? 29  VAL A CB    1 
ATOM   131 C CG1   . VAL A 1 18 ? -2.143  6.255   -0.282  1.00 24.99 ? 29  VAL A CG1   1 
ATOM   132 C CG2   . VAL A 1 18 ? -4.101  5.643   -1.805  1.00 30.59 ? 29  VAL A CG2   1 
ATOM   133 N N     . LYS A 1 19 ? 0.085   7.773   -2.219  1.00 25.37 ? 30  LYS A N     1 
ATOM   134 C CA    . LYS A 1 19 ? 1.533   7.857   -2.079  1.00 25.60 ? 30  LYS A CA    1 
ATOM   135 C C     . LYS A 1 19 ? 2.013   7.083   -0.863  1.00 25.03 ? 30  LYS A C     1 
ATOM   136 O O     . LYS A 1 19 ? 1.315   6.968   0.152   1.00 28.31 ? 30  LYS A O     1 
ATOM   137 C CB    . LYS A 1 19 ? 2.024   9.300   -1.936  1.00 29.40 ? 30  LYS A CB    1 
ATOM   138 C CG    . LYS A 1 19 ? 1.685   10.240  -3.063  1.00 34.42 ? 30  LYS A CG    1 
ATOM   139 C CD    . LYS A 1 19 ? 2.535   9.973   -4.299  1.00 38.72 ? 30  LYS A CD    1 
ATOM   140 C CE    . LYS A 1 19 ? 1.778   10.455  -5.542  1.00 51.15 ? 30  LYS A CE    1 
ATOM   141 N NZ    . LYS A 1 19 ? 2.501   10.171  -6.809  1.00 47.62 ? 30  LYS A NZ    1 
ATOM   142 N N     . ILE A 1 20 ? 3.244   6.577   -0.956  1.00 27.28 ? 31  ILE A N     1 
ATOM   143 C CA    . ILE A 1 20 ? 3.787   5.800   0.153   1.00 25.58 ? 31  ILE A CA    1 
ATOM   144 C C     . ILE A 1 20 ? 3.758   6.620   1.444   1.00 26.96 ? 31  ILE A C     1 
ATOM   145 O O     . ILE A 1 20 ? 3.421   6.102   2.515   1.00 33.66 ? 31  ILE A O     1 
ATOM   146 C CB    . ILE A 1 20 ? 5.203   5.296   -0.205  1.00 26.44 ? 31  ILE A CB    1 
ATOM   147 C CG1   . ILE A 1 20 ? 5.761   4.364   0.878   1.00 37.50 ? 31  ILE A CG1   1 
ATOM   148 C CG2   . ILE A 1 20 ? 6.146   6.465   -0.477  1.00 28.30 ? 31  ILE A CG2   1 
ATOM   149 C CD1   . ILE A 1 20 ? 4.986   3.085   0.998   1.00 39.12 ? 31  ILE A CD1   1 
ATOM   150 N N     . GLY A 1 21 ? 4.042   7.931   1.357   1.00 26.06 ? 32  GLY A N     1 
ATOM   151 C CA    . GLY A 1 21 ? 4.014   8.750   2.559   1.00 27.50 ? 32  GLY A CA    1 
ATOM   152 C C     . GLY A 1 21 ? 2.638   8.810   3.197   1.00 33.54 ? 32  GLY A C     1 
ATOM   153 O O     . GLY A 1 21 ? 2.511   8.906   4.427   1.00 30.71 ? 32  GLY A O     1 
ATOM   154 N N     . GLN A 1 22 ? 1.591   8.749   2.376   1.00 25.92 ? 33  GLN A N     1 
ATOM   155 C CA    . GLN A 1 22 ? 0.236   8.783   2.921   1.00 29.46 ? 33  GLN A CA    1 
ATOM   156 C C     . GLN A 1 22 ? -0.092  7.472   3.619   1.00 33.42 ? 33  GLN A C     1 
ATOM   157 O O     . GLN A 1 22 ? -0.797  7.459   4.640   1.00 29.42 ? 33  GLN A O     1 
ATOM   158 C CB    . GLN A 1 22 ? -0.764  9.066   1.804   1.00 27.50 ? 33  GLN A CB    1 
ATOM   159 C CG    . GLN A 1 22 ? -0.452  10.352  1.012   1.00 29.02 ? 33  GLN A CG    1 
ATOM   160 C CD    . GLN A 1 22 ? -1.489  10.607  -0.059  1.00 30.03 ? 33  GLN A CD    1 
ATOM   161 O OE1   . GLN A 1 22 ? -1.676  9.765   -0.944  1.00 32.57 ? 33  GLN A OE1   1 
ATOM   162 N NE2   . GLN A 1 22 ? -2.100  11.808  -0.059  1.00 33.23 ? 33  GLN A NE2   1 
ATOM   163 N N     . LEU A 1 23 ? 0.424   6.362   3.089   1.00 26.43 ? 34  LEU A N     1 
ATOM   164 C CA    . LEU A 1 23 ? 0.284   5.081   3.783   1.00 25.26 ? 34  LEU A CA    1 
ATOM   165 C C     . LEU A 1 23 ? 1.031   5.059   5.110   1.00 32.12 ? 34  LEU A C     1 
ATOM   166 O O     . LEU A 1 23 ? 0.550   4.458   6.077   1.00 34.23 ? 34  LEU A O     1 
ATOM   167 C CB    . LEU A 1 23 ? 0.752   3.934   2.893   1.00 28.66 ? 34  LEU A CB    1 
ATOM   168 C CG    . LEU A 1 23 ? -0.196  3.588   1.759   1.00 31.81 ? 34  LEU A CG    1 
ATOM   169 C CD1   . LEU A 1 23 ? 0.564   2.789   0.721   1.00 33.28 ? 34  LEU A CD1   1 
ATOM   170 C CD2   . LEU A 1 23 ? -1.336  2.758   2.331   1.00 31.53 ? 34  LEU A CD2   1 
ATOM   171 N N     . VAL A 1 24 ? 2.221   5.667   5.175   1.00 28.95 ? 35  VAL A N     1 
ATOM   172 C CA    . VAL A 1 24 ? 2.935   5.745   6.448   1.00 27.93 ? 35  VAL A CA    1 
ATOM   173 C C     . VAL A 1 24 ? 2.048   6.380   7.514   1.00 32.78 ? 35  VAL A C     1 
ATOM   174 O O     . VAL A 1 24 ? 1.959   5.889   8.646   1.00 29.50 ? 35  VAL A O     1 
ATOM   175 C CB    . VAL A 1 24 ? 4.252   6.529   6.276   1.00 29.33 ? 35  VAL A CB    1 
ATOM   176 C CG1   . VAL A 1 24 ? 4.814   6.910   7.638   1.00 33.18 ? 35  VAL A CG1   1 
ATOM   177 C CG2   . VAL A 1 24 ? 5.250   5.702   5.501   1.00 34.12 ? 35  VAL A CG2   1 
ATOM   178 N N     . LYS A 1 25 ? 1.378   7.491   7.171   1.00 32.11 ? 36  LYS A N     1 
ATOM   179 C CA    . LYS A 1 25 ? 0.566   8.191   8.166   1.00 34.54 ? 36  LYS A CA    1 
ATOM   180 C C     . LYS A 1 25 ? -0.577  7.314   8.646   1.00 37.17 ? 36  LYS A C     1 
ATOM   181 O O     . LYS A 1 25 ? -0.883  7.279   9.844   1.00 37.46 ? 36  LYS A O     1 
ATOM   182 C CB    . LYS A 1 25 ? 0.012   9.487   7.587   1.00 33.94 ? 36  LYS A CB    1 
ATOM   183 C CG    . LYS A 1 25 ? 0.935   10.633  7.696   1.00 40.26 ? 36  LYS A CG    1 
ATOM   184 C CD    . LYS A 1 25 ? 0.186   11.943  7.523   1.00 39.05 ? 36  LYS A CD    1 
ATOM   185 C CE    . LYS A 1 25 ? 0.966   12.817  6.574   1.00 44.48 ? 36  LYS A CE    1 
ATOM   186 N NZ    . LYS A 1 25 ? 1.614   13.912  7.323   1.00 61.22 ? 36  LYS A NZ    1 
ATOM   187 N N     . LYS A 1 26 ? -1.219  6.597   7.722   1.00 30.72 ? 37  LYS A N     1 
ATOM   188 C CA    . LYS A 1 26 ? -2.385  5.802   8.074   1.00 35.80 ? 37  LYS A CA    1 
ATOM   189 C C     . LYS A 1 26 ? -1.983  4.501   8.763   1.00 40.41 ? 37  LYS A C     1 
ATOM   190 O O     . LYS A 1 26 ? -2.672  4.047   9.679   1.00 44.41 ? 37  LYS A O     1 
ATOM   191 C CB    . LYS A 1 26 ? -3.206  5.520   6.811   1.00 34.14 ? 37  LYS A CB    1 
ATOM   192 C CG    . LYS A 1 26 ? -3.826  6.750   6.137   1.00 42.11 ? 37  LYS A CG    1 
ATOM   193 C CD    . LYS A 1 26 ? -4.748  7.527   7.080   1.00 49.91 ? 37  LYS A CD    1 
ATOM   194 C CE    . LYS A 1 26 ? -5.839  8.265   6.298   1.00 54.79 ? 37  LYS A CE    1 
ATOM   195 N NZ    . LYS A 1 26 ? -7.103  7.472   6.160   1.00 69.24 ? 37  LYS A NZ    1 
ATOM   196 N N     . CYS A 1 27 ? -0.873  3.888   8.341   1.00 34.36 ? 38  CYS A N     1 
ATOM   197 C CA    . CYS A 1 27 ? -0.480  2.582   8.857   1.00 33.08 ? 38  CYS A CA    1 
ATOM   198 C C     . CYS A 1 27 ? 0.523   2.638   9.981   1.00 37.61 ? 38  CYS A C     1 
ATOM   199 O O     . CYS A 1 27 ? 0.774   1.603   10.599  1.00 36.16 ? 38  CYS A O     1 
ATOM   200 C CB    . CYS A 1 27 ? 0.092   1.696   7.751   1.00 34.03 ? 38  CYS A CB    1 
ATOM   201 S SG    . CYS A 1 27 ? -0.992  1.518   6.352   1.00 34.55 ? 38  CYS A SG    1 
ATOM   202 N N     . GLN A 1 28 ? 1.125   3.790   10.243  1.00 35.08 ? 39  GLN A N     1 
ATOM   203 C CA    . GLN A 1 28 ? 1.974   3.968   11.422  1.00 31.16 ? 39  GLN A CA    1 
ATOM   204 C C     . GLN A 1 28 ? 3.160   2.991   11.458  1.00 39.66 ? 39  GLN A C     1 
ATOM   205 O O     . GLN A 1 28 ? 3.617   2.582   12.537  1.00 38.85 ? 39  GLN A O     1 
ATOM   206 C CB    . GLN A 1 28 ? 1.129   3.888   12.701  1.00 38.84 ? 39  GLN A CB    1 
ATOM   207 C CG    . GLN A 1 28 ? -0.182  4.680   12.545  1.00 40.15 ? 39  GLN A CG    1 
ATOM   208 C CD    . GLN A 1 28 ? -0.993  4.827   13.827  1.00 54.61 ? 39  GLN A CD    1 
ATOM   209 O OE1   . GLN A 1 28 ? -0.944  3.976   14.721  1.00 58.77 ? 39  GLN A OE1   1 
ATOM   210 N NE2   . GLN A 1 28 ? -1.756  5.925   13.916  1.00 47.66 ? 39  GLN A NE2   1 
ATOM   211 N N     . VAL A 1 29 ? 3.681   2.634   10.283  1.00 32.27 ? 40  VAL A N     1 
ATOM   212 C CA    . VAL A 1 29 ? 4.948   1.911   10.150  1.00 33.29 ? 40  VAL A CA    1 
ATOM   213 C C     . VAL A 1 29 ? 5.823   2.640   9.129   1.00 39.37 ? 40  VAL A C     1 
ATOM   214 O O     . VAL A 1 29 ? 5.322   3.413   8.299   1.00 32.62 ? 40  VAL A O     1 
ATOM   215 C CB    . VAL A 1 29 ? 4.721   0.435   9.746   1.00 40.29 ? 40  VAL A CB    1 
ATOM   216 C CG1   . VAL A 1 29 ? 3.728   -0.229  10.676  1.00 41.24 ? 40  VAL A CG1   1 
ATOM   217 C CG2   . VAL A 1 29 ? 4.184   0.370   8.317   1.00 33.09 ? 40  VAL A CG2   1 
ATOM   218 N N     . PRO A 1 30 ? 7.132   2.396   9.161   1.00 36.97 ? 41  PRO A N     1 
ATOM   219 C CA    . PRO A 1 30 ? 8.043   3.083   8.228   1.00 41.76 ? 41  PRO A CA    1 
ATOM   220 C C     . PRO A 1 30 ? 7.845   2.660   6.780   1.00 39.25 ? 41  PRO A C     1 
ATOM   221 O O     . PRO A 1 30 ? 7.274   1.611   6.477   1.00 40.69 ? 41  PRO A O     1 
ATOM   222 C CB    . PRO A 1 30 ? 9.421   2.642   8.715   1.00 34.93 ? 41  PRO A CB    1 
ATOM   223 C CG    . PRO A 1 30 ? 9.195   2.178   10.156  1.00 45.56 ? 41  PRO A CG    1 
ATOM   224 C CD    . PRO A 1 30 ? 7.868   1.528   10.102  1.00 38.94 ? 41  PRO A CD    1 
ATOM   225 N N     . LYS A 1 31 ? 8.412   3.483   5.885   1.00 32.63 ? 42  LYS A N     1 
ATOM   226 C CA    . LYS A 1 31 ? 8.319   3.255   4.445   1.00 38.15 ? 42  LYS A CA    1 
ATOM   227 C C     . LYS A 1 31 ? 8.877   1.891   4.038   1.00 32.95 ? 42  LYS A C     1 
ATOM   228 O O     . LYS A 1 31 ? 8.272   1.210   3.212   1.00 34.14 ? 42  LYS A O     1 
ATOM   229 C CB    . LYS A 1 31 ? 9.046   4.360   3.683   1.00 39.90 ? 42  LYS A CB    1 
ATOM   230 C CG    . LYS A 1 31 ? 8.956   4.176   2.198   1.00 45.41 ? 42  LYS A CG    1 
ATOM   231 N N     . LYS A 1 32 ? 10.007  1.475   4.617   1.00 35.88 ? 43  LYS A N     1 
ATOM   232 C CA    . LYS A 1 32 ? 10.618  0.168   4.240   1.00 31.89 ? 43  LYS A CA    1 
ATOM   233 C C     . LYS A 1 32 ? 9.638   -0.954  4.587   1.00 39.16 ? 43  LYS A C     1 
ATOM   234 O O     . LYS A 1 32 ? 9.433   -1.840  3.745   1.00 36.68 ? 43  LYS A O     1 
ATOM   235 C CB    . LYS A 1 32 ? 11.934  -0.084  4.979   1.00 34.27 ? 43  LYS A CB    1 
ATOM   236 C CG    . LYS A 1 32 ? 12.562  -1.448  4.726   1.00 36.55 ? 43  LYS A CG    1 
ATOM   237 C CD    . LYS A 1 32 ? 13.834  -1.679  5.505   1.00 40.32 ? 43  LYS A CD    1 
ATOM   238 C CE    . LYS A 1 32 ? 15.065  -1.673  4.625   1.00 42.69 ? 43  LYS A CE    1 
ATOM   239 N NZ    . LYS A 1 32 ? 16.308  -1.573  5.426   1.00 46.23 ? 43  LYS A NZ    1 
ATOM   240 N N     . THR A 1 33 ? 9.055   -0.898  5.783   1.00 31.81 ? 44  THR A N     1 
ATOM   241 C CA    . THR A 1 33 ? 8.115   -1.929  6.211   1.00 34.41 ? 44  THR A CA    1 
ATOM   242 C C     . THR A 1 33 ? 6.895   -1.970  5.314   1.00 38.92 ? 44  THR A C     1 
ATOM   243 O O     . THR A 1 33 ? 6.395   -3.055  4.987   1.00 30.86 ? 44  THR A O     1 
ATOM   244 C CB    . THR A 1 33 ? 7.714   -1.673  7.655   1.00 39.32 ? 44  THR A CB    1 
ATOM   245 O OG1   . THR A 1 33 ? 8.911   -1.448  8.403   1.00 36.04 ? 44  THR A OG1   1 
ATOM   246 C CG2   . THR A 1 33 ? 6.921   -2.829  8.226   1.00 38.22 ? 44  THR A CG2   1 
ATOM   247 N N     . LEU A 1 34 ? 6.393   -0.800  4.922   1.00 32.99 ? 45  LEU A N     1 
ATOM   248 C CA    . LEU A 1 34 ? 5.297   -0.751  3.964   1.00 32.03 ? 45  LEU A CA    1 
ATOM   249 C C     . LEU A 1 34 ? 5.714   -1.369  2.642   1.00 35.02 ? 45  LEU A C     1 
ATOM   250 O O     . LEU A 1 34 ? 4.985   -2.183  2.059   1.00 36.61 ? 45  LEU A O     1 
ATOM   251 C CB    . LEU A 1 34 ? 4.855   0.697   3.763   1.00 29.07 ? 45  LEU A CB    1 
ATOM   252 C CG    . LEU A 1 34 ? 3.970   1.233   4.880   1.00 38.77 ? 45  LEU A CG    1 
ATOM   253 C CD1   . LEU A 1 34 ? 3.694   2.700   4.704   1.00 34.90 ? 45  LEU A CD1   1 
ATOM   254 C CD2   . LEU A 1 34 ? 2.669   0.461   4.917   1.00 42.39 ? 45  LEU A CD2   1 
ATOM   255 N N     . ASN A 1 35 ? 6.896   -1.000  2.156   1.00 31.42 ? 46  ASN A N     1 
ATOM   256 C CA    . ASN A 1 35 ? 7.289   -1.446  0.830   1.00 28.42 ? 46  ASN A CA    1 
ATOM   257 C C     . ASN A 1 35 ? 7.514   -2.946  0.788   1.00 33.71 ? 46  ASN A C     1 
ATOM   258 O O     . ASN A 1 35 ? 7.235   -3.574  -0.239  1.00 33.65 ? 46  ASN A O     1 
ATOM   259 C CB    . ASN A 1 35 ? 8.531   -0.686  0.358   1.00 32.34 ? 46  ASN A CB    1 
ATOM   260 C CG    . ASN A 1 35 ? 8.174   0.651   -0.266  1.00 32.39 ? 46  ASN A CG    1 
ATOM   261 O OD1   . ASN A 1 35 ? 7.117   0.783   -0.905  1.00 33.71 ? 46  ASN A OD1   1 
ATOM   262 N ND2   . ASN A 1 35 ? 9.028   1.648   -0.080  1.00 30.48 ? 46  ASN A ND2   1 
ATOM   263 N N     . GLN A 1 36 ? 8.012   -3.540  1.878   1.00 30.19 ? 47  GLN A N     1 
ATOM   264 C CA    . GLN A 1 36 ? 8.116   -4.995  1.914   1.00 32.69 ? 47  GLN A CA    1 
ATOM   265 C C     . GLN A 1 36 ? 6.771   -5.642  1.617   1.00 35.10 ? 47  GLN A C     1 
ATOM   266 O O     . GLN A 1 36 ? 6.682   -6.579  0.814   1.00 38.45 ? 47  GLN A O     1 
ATOM   267 C CB    . GLN A 1 36 ? 8.649   -5.471  3.268   1.00 35.25 ? 47  GLN A CB    1 
ATOM   268 C CG    . GLN A 1 36 ? 10.137  -5.170  3.472   1.00 43.10 ? 47  GLN A CG    1 
ATOM   269 C CD    . GLN A 1 36 ? 10.568  -5.237  4.929   1.00 43.37 ? 47  GLN A CD    1 
ATOM   270 O OE1   . GLN A 1 36 ? 9.748   -5.136  5.846   1.00 40.91 ? 47  GLN A OE1   1 
ATOM   271 N NE2   . GLN A 1 36 ? 11.861  -5.433  5.145   1.00 42.26 ? 47  GLN A NE2   1 
ATOM   272 N N     . VAL A 1 37 ? 5.705   -5.157  2.259   1.00 32.19 ? 48  VAL A N     1 
ATOM   273 C CA    . VAL A 1 37 ? 4.390   -5.761  2.047   1.00 34.06 ? 48  VAL A CA    1 
ATOM   274 C C     . VAL A 1 37 ? 3.832   -5.384  0.686   1.00 34.86 ? 48  VAL A C     1 
ATOM   275 O O     . VAL A 1 37 ? 3.278   -6.236  -0.024  1.00 34.08 ? 48  VAL A O     1 
ATOM   276 C CB    . VAL A 1 37 ? 3.412   -5.363  3.165   1.00 39.37 ? 48  VAL A CB    1 
ATOM   277 C CG1   . VAL A 1 37 ? 2.089   -6.087  2.966   1.00 40.10 ? 48  VAL A CG1   1 
ATOM   278 C CG2   . VAL A 1 37 ? 3.987   -5.721  4.527   1.00 32.42 ? 48  VAL A CG2   1 
ATOM   279 N N     . LEU A 1 38 ? 3.973   -4.105  0.315   1.00 31.06 ? 49  LEU A N     1 
ATOM   280 C CA    . LEU A 1 38 ? 3.416   -3.603  -0.938  1.00 29.17 ? 49  LEU A CA    1 
ATOM   281 C C     . LEU A 1 38 ? 3.977   -4.358  -2.127  1.00 30.12 ? 49  LEU A C     1 
ATOM   282 O O     . LEU A 1 38 ? 3.236   -4.783  -3.017  1.00 33.94 ? 49  LEU A O     1 
ATOM   283 C CB    . LEU A 1 38 ? 3.704   -2.116  -1.064  1.00 28.17 ? 49  LEU A CB    1 
ATOM   284 C CG    . LEU A 1 38 ? 2.796   -1.239  -0.204  1.00 27.59 ? 49  LEU A CG    1 
ATOM   285 C CD1   . LEU A 1 38 ? 3.372   0.162   -0.175  1.00 27.22 ? 49  LEU A CD1   1 
ATOM   286 C CD2   . LEU A 1 38 ? 1.364   -1.239  -0.768  1.00 27.67 ? 49  LEU A CD2   1 
ATOM   287 N N     . TYR A 1 39 ? 5.289   -4.562  -2.147  1.00 32.08 ? 50  TYR A N     1 
ATOM   288 C CA    . TYR A 1 39 ? 5.860   -5.296  -3.265  1.00 29.63 ? 50  TYR A CA    1 
ATOM   289 C C     . TYR A 1 39 ? 5.475   -6.769  -3.235  1.00 38.73 ? 50  TYR A C     1 
ATOM   290 O O     . TYR A 1 39 ? 5.374   -7.404  -4.294  1.00 41.12 ? 50  TYR A O     1 
ATOM   291 C CB    . TYR A 1 39 ? 7.373   -5.122  -3.271  1.00 33.59 ? 50  TYR A CB    1 
ATOM   292 C CG    . TYR A 1 39 ? 7.732   -3.807  -3.917  1.00 33.64 ? 50  TYR A CG    1 
ATOM   293 C CD1   . TYR A 1 39 ? 7.812   -3.697  -5.305  1.00 36.19 ? 50  TYR A CD1   1 
ATOM   294 C CD2   . TYR A 1 39 ? 7.915   -2.665  -3.154  1.00 34.03 ? 50  TYR A CD2   1 
ATOM   295 C CE1   . TYR A 1 39 ? 8.114   -2.494  -5.909  1.00 33.52 ? 50  TYR A CE1   1 
ATOM   296 C CE2   . TYR A 1 39 ? 8.217   -1.454  -3.752  1.00 33.03 ? 50  TYR A CE2   1 
ATOM   297 C CZ    . TYR A 1 39 ? 8.309   -1.375  -5.133  1.00 35.93 ? 50  TYR A CZ    1 
ATOM   298 O OH    . TYR A 1 39 ? 8.614   -0.169  -5.739  1.00 39.19 ? 50  TYR A OH    1 
ATOM   299 N N     . ARG A 1 40 ? 5.248   -7.322  -2.043  1.00 32.53 ? 51  ARG A N     1 
ATOM   300 C CA    . ARG A 1 40 ? 4.755   -8.723  -1.966  1.00 35.94 ? 51  ARG A CA    1 
ATOM   301 C C     . ARG A 1 40 ? 3.319   -8.731  -2.492  1.00 38.18 ? 51  ARG A C     1 
ATOM   302 O O     . ARG A 1 40 ? 3.000   -9.596  -3.321  1.00 40.68 ? 51  ARG A O     1 
ATOM   303 C CB    . ARG A 1 40 ? 4.814   -9.243  -0.531  1.00 43.21 ? 51  ARG A CB    1 
ATOM   304 C CG    . ARG A 1 40 ? 4.355   -10.685 -0.375  1.00 51.77 ? 51  ARG A CG    1 
ATOM   305 C CD    . ARG A 1 40 ? 4.309   -11.114 1.078   1.00 53.20 ? 51  ARG A CD    1 
ATOM   306 N NE    . ARG A 1 40 ? 3.095   -10.675 1.747   1.00 67.88 ? 51  ARG A NE    1 
ATOM   307 C CZ    . ARG A 1 40 ? 3.073   -9.968  2.868   1.00 74.52 ? 51  ARG A CZ    1 
ATOM   308 N NH1   . ARG A 1 40 ? 4.206   -9.614  3.450   1.00 70.31 ? 51  ARG A NH1   1 
ATOM   309 N NH2   . ARG A 1 40 ? 1.920   -9.618  3.406   1.00 70.79 ? 51  ARG A NH2   1 
ATOM   310 N N     . LEU A 1 41 ? 2.491   -7.794  -2.021  1.00 33.23 ? 52  LEU A N     1 
ATOM   311 C CA    . LEU A 1 41 ? 1.129   -7.683  -2.545  1.00 35.36 ? 52  LEU A CA    1 
ATOM   312 C C     . LEU A 1 41 ? 1.131   -7.448  -4.050  1.00 39.88 ? 52  LEU A C     1 
ATOM   313 O O     . LEU A 1 41 ? 0.288   -7.995  -4.774  1.00 42.54 ? 52  LEU A O     1 
ATOM   314 C CB    . LEU A 1 41 ? 0.368   -6.564  -1.834  1.00 36.14 ? 52  LEU A CB    1 
ATOM   315 C CG    . LEU A 1 41 ? 0.034   -6.795  -0.362  1.00 34.35 ? 52  LEU A CG    1 
ATOM   316 C CD1   . LEU A 1 41 ? -0.669  -5.558  0.214   1.00 32.81 ? 52  LEU A CD1   1 
ATOM   317 C CD2   . LEU A 1 41 ? -0.873  -7.996  -0.266  1.00 42.58 ? 52  LEU A CD2   1 
ATOM   318 N N     . LYS A 1 42 ? 2.074   -6.642  -4.542  1.00 35.12 ? 53  LYS A N     1 
ATOM   319 C CA    . LYS A 1 42 ? 2.187   -6.424  -5.981  1.00 37.64 ? 53  LYS A CA    1 
ATOM   320 C C     . LYS A 1 42 ? 2.471   -7.731  -6.704  1.00 42.81 ? 53  LYS A C     1 
ATOM   321 O O     . LYS A 1 42 ? 1.797   -8.063  -7.685  1.00 47.83 ? 53  LYS A O     1 
ATOM   322 C CB    . LYS A 1 42 ? 3.279   -5.398  -6.281  1.00 38.93 ? 53  LYS A CB    1 
ATOM   323 C CG    . LYS A 1 42 ? 3.333   -4.920  -7.737  1.00 47.14 ? 53  LYS A CG    1 
ATOM   324 C CD    . LYS A 1 42 ? 4.615   -4.140  -8.035  1.00 49.54 ? 53  LYS A CD    1 
ATOM   325 C CE    . LYS A 1 42 ? 4.626   -3.574  -9.452  1.00 56.64 ? 53  LYS A CE    1 
ATOM   326 N NZ    . LYS A 1 42 ? 4.388   -4.603  -10.494 1.00 65.82 ? 53  LYS A NZ    1 
ATOM   327 N N     . LYS A 1 43 ? 3.462   -8.495  -6.221  1.00 43.36 ? 54  LYS A N     1 
ATOM   328 C CA    . LYS A 1 43 ? 3.740   -9.818  -6.781  1.00 45.77 ? 54  LYS A CA    1 
ATOM   329 C C     . LYS A 1 43 ? 2.485   -10.678 -6.842  1.00 50.88 ? 54  LYS A C     1 
ATOM   330 O O     . LYS A 1 43 ? 2.300   -11.447 -7.793  1.00 54.61 ? 54  LYS A O     1 
ATOM   331 C CB    . LYS A 1 43 ? 4.806   -10.538 -5.947  1.00 46.36 ? 54  LYS A CB    1 
ATOM   332 C CG    . LYS A 1 43 ? 5.801   -11.379 -6.747  1.00 59.93 ? 54  LYS A CG    1 
ATOM   333 C CD    . LYS A 1 43 ? 6.991   -10.546 -7.217  1.00 76.55 ? 54  LYS A CD    1 
ATOM   334 C CE    . LYS A 1 43 ? 7.815   -10.023 -6.036  1.00 82.89 ? 54  LYS A CE    1 
ATOM   335 N NZ    . LYS A 1 43 ? 8.623   -8.810  -6.364  1.00 80.83 ? 54  LYS A NZ    1 
ATOM   336 N N     . GLU A 1 44 ? 1.609   -10.550 -5.843  1.00 47.65 ? 55  GLU A N     1 
ATOM   337 C CA    . GLU A 1 44 ? 0.391   -11.338 -5.730  1.00 49.99 ? 55  GLU A CA    1 
ATOM   338 C C     . GLU A 1 44 ? -0.778  -10.759 -6.527  1.00 52.80 ? 55  GLU A C     1 
ATOM   339 O O     . GLU A 1 44 ? -1.892  -11.290 -6.434  1.00 49.30 ? 55  GLU A O     1 
ATOM   340 C CB    . GLU A 1 44 ? 0.005   -11.470 -4.257  1.00 50.49 ? 55  GLU A CB    1 
ATOM   341 C CG    . GLU A 1 44 ? 0.687   -12.611 -3.525  1.00 60.16 ? 55  GLU A CG    1 
ATOM   342 C CD    . GLU A 1 44 ? 0.854   -12.344 -2.038  1.00 59.20 ? 55  GLU A CD    1 
ATOM   343 O OE1   . GLU A 1 44 ? 0.024   -11.601 -1.464  1.00 60.77 ? 55  GLU A OE1   1 
ATOM   344 O OE2   . GLU A 1 44 ? 1.803   -12.897 -1.439  1.00 69.51 ? 55  GLU A OE2   1 
ATOM   345 N N     . ASP A 1 45 ? -0.544  -9.705  -7.314  1.00 48.64 ? 56  ASP A N     1 
ATOM   346 C CA    . ASP A 1 45 ? -1.595  -9.009  -8.065  1.00 51.86 ? 56  ASP A CA    1 
ATOM   347 C C     . ASP A 1 45 ? -2.738  -8.579  -7.156  1.00 53.12 ? 56  ASP A C     1 
ATOM   348 O O     . ASP A 1 45 ? -3.906  -8.569  -7.549  1.00 49.41 ? 56  ASP A O     1 
ATOM   349 C CB    . ASP A 1 45 ? -2.109  -9.849  -9.235  1.00 50.10 ? 56  ASP A CB    1 
ATOM   350 C CG    . ASP A 1 45 ? -0.984  -10.448 -10.062 1.00 61.51 ? 56  ASP A CG    1 
ATOM   351 O OD1   . ASP A 1 45 ? -0.960  -11.683 -10.248 1.00 66.80 ? 56  ASP A OD1   1 
ATOM   352 O OD2   . ASP A 1 45 ? -0.120  -9.674  -10.540 1.00 70.55 ? 56  ASP A OD2   1 
ATOM   353 N N     . ARG A 1 46 ? -2.389  -8.176  -5.930  1.00 38.67 ? 57  ARG A N     1 
ATOM   354 C CA    . ARG A 1 46 ? -3.410  -7.657  -4.985  1.00 43.21 ? 57  ARG A CA    1 
ATOM   355 C C     . ARG A 1 46 ? -3.397  -6.125  -5.035  1.00 40.22 ? 57  ARG A C     1 
ATOM   356 O O     . ARG A 1 46 ? -4.455  -5.521  -4.818  1.00 40.23 ? 57  ARG A O     1 
ATOM   357 C CB    . ARG A 1 46 ? -3.127  -8.145  -3.564  1.00 39.87 ? 57  ARG A CB    1 
ATOM   358 C CG    . ARG A 1 46 ? -3.232  -9.651  -3.381  1.00 47.55 ? 57  ARG A CG    1 
ATOM   359 C CD    . ARG A 1 46 ? -4.647  -10.194 -3.457  1.00 50.10 ? 57  ARG A CD    1 
ATOM   360 N NE    . ARG A 1 46 ? -5.673  -9.291  -2.955  1.00 62.72 ? 57  ARG A NE    1 
ATOM   361 C CZ    . ARG A 1 46 ? -6.253  -9.382  -1.764  1.00 57.04 ? 57  ARG A CZ    1 
ATOM   362 N NH1   . ARG A 1 46 ? -5.905  -10.347 -0.930  1.00 54.13 ? 57  ARG A NH1   1 
ATOM   363 N NH2   . ARG A 1 46 ? -7.177  -8.509  -1.412  1.00 77.71 ? 57  ARG A NH2   1 
ATOM   364 N N     . VAL A 1 47 ? -2.239  -5.521  -5.308  1.00 33.00 ? 58  VAL A N     1 
ATOM   365 C CA    . VAL A 1 47 ? -2.167  -4.067  -5.434  1.00 33.01 ? 58  VAL A CA    1 
ATOM   366 C C     . VAL A 1 47 ? -1.440  -3.766  -6.740  1.00 43.90 ? 58  VAL A C     1 
ATOM   367 O O     . VAL A 1 47 ? -0.817  -4.641  -7.346  1.00 40.86 ? 58  VAL A O     1 
ATOM   368 C CB    . VAL A 1 47 ? -1.440  -3.386  -4.247  1.00 30.73 ? 58  VAL A CB    1 
ATOM   369 C CG1   . VAL A 1 47 ? -2.181  -3.643  -2.933  1.00 33.95 ? 58  VAL A CG1   1 
ATOM   370 C CG2   . VAL A 1 47 ? 0.044   -3.802  -4.187  1.00 28.93 ? 58  VAL A CG2   1 
ATOM   371 N N     . SER A 1 48 ? -1.532  -2.516  -7.185  1.00 41.14 ? 59  SER A N     1 
ATOM   372 C CA    . SER A 1 48 ? -0.783  -2.070  -8.354  1.00 41.35 ? 59  SER A CA    1 
ATOM   373 C C     . SER A 1 48 ? -0.023  -0.792  -8.024  1.00 39.69 ? 59  SER A C     1 
ATOM   374 O O     . SER A 1 48 ? -0.288  -0.121  -7.022  1.00 35.22 ? 59  SER A O     1 
ATOM   375 C CB    . SER A 1 48 ? -1.688  -1.845  -9.567  1.00 47.24 ? 59  SER A CB    1 
ATOM   376 O OG    . SER A 1 48 ? -2.958  -1.375  -9.160  1.00 59.07 ? 59  SER A OG    1 
ATOM   377 N N     . SER A 1 49 ? 0.931   -0.448  -8.883  1.00 39.63 ? 60  SER A N     1 
ATOM   378 C CA    . SER A 1 49 ? 1.713   0.771   -8.692  1.00 37.75 ? 60  SER A CA    1 
ATOM   379 C C     . SER A 1 49 ? 1.630   1.610   -9.964  1.00 45.16 ? 60  SER A C     1 
ATOM   380 O O     . SER A 1 49 ? 2.488   1.502   -10.848 1.00 49.21 ? 60  SER A O     1 
ATOM   381 C CB    . SER A 1 49 ? 3.155   0.450   -8.321  1.00 41.47 ? 60  SER A CB    1 
ATOM   382 O OG    . SER A 1 49 ? 3.801   1.614   -7.852  1.00 42.35 ? 60  SER A OG    1 
ATOM   383 N N     . PRO A 1 50 ? 0.613   2.476   -10.075 1.00 40.56 ? 61  PRO A N     1 
ATOM   384 C CA    . PRO A 1 50 ? 0.422   3.239   -11.324 1.00 45.43 ? 61  PRO A CA    1 
ATOM   385 C C     . PRO A 1 50 ? 1.495   4.278   -11.550 1.00 45.97 ? 61  PRO A C     1 
ATOM   386 O O     . PRO A 1 50 ? 1.578   4.854   -12.645 1.00 44.71 ? 61  PRO A O     1 
ATOM   387 C CB    . PRO A 1 50 ? -0.940  3.914   -11.113 1.00 42.78 ? 61  PRO A CB    1 
ATOM   388 C CG    . PRO A 1 50 ? -0.978  4.108   -9.612  1.00 38.82 ? 61  PRO A CG    1 
ATOM   389 C CD    . PRO A 1 50 ? -0.403  2.825   -9.068  1.00 42.76 ? 61  PRO A CD    1 
ATOM   390 N N     . GLU A 1 51 ? 2.300   4.538   -10.535 1.00 39.94 ? 62  GLU A N     1 
ATOM   391 C CA    . GLU A 1 51 ? 3.310   5.582   -10.531 1.00 44.63 ? 62  GLU A CA    1 
ATOM   392 C C     . GLU A 1 51 ? 4.365   5.198   -9.519  1.00 44.44 ? 62  GLU A C     1 
ATOM   393 O O     . GLU A 1 51 ? 4.063   4.493   -8.550  1.00 39.21 ? 62  GLU A O     1 
ATOM   394 C CB    . GLU A 1 51 ? 2.715   6.921   -10.121 1.00 38.13 ? 62  GLU A CB    1 
ATOM   395 C CG    . GLU A 1 51 ? 2.160   7.788   -11.144 1.00 57.25 ? 62  GLU A CG    1 
ATOM   396 C CD    . GLU A 1 51 ? 1.575   8.945   -10.417 1.00 77.12 ? 62  GLU A CD    1 
ATOM   397 O OE1   . GLU A 1 51 ? 2.409   9.763   -9.996  1.00 78.10 ? 62  GLU A OE1   1 
ATOM   398 O OE2   . GLU A 1 51 ? 0.332   9.021   -10.239 1.00 66.43 ? 62  GLU A OE2   1 
ATOM   399 N N     . PRO A 1 52 ? 5.587   5.696   -9.669  1.00 45.57 ? 63  PRO A N     1 
ATOM   400 C CA    . PRO A 1 52 ? 6.619   5.403   -8.666  1.00 37.90 ? 63  PRO A CA    1 
ATOM   401 C C     . PRO A 1 52 ? 6.198   5.845   -7.267  1.00 37.90 ? 63  PRO A C     1 
ATOM   402 O O     . PRO A 1 52 ? 5.643   6.935   -7.066  1.00 33.56 ? 63  PRO A O     1 
ATOM   403 C CB    . PRO A 1 52 ? 7.844   6.156   -9.196  1.00 44.12 ? 63  PRO A CB    1 
ATOM   404 C CG    . PRO A 1 52 ? 7.298   7.216   -10.065 1.00 49.52 ? 63  PRO A CG    1 
ATOM   405 C CD    . PRO A 1 52 ? 6.069   6.625   -10.699 1.00 41.22 ? 63  PRO A CD    1 
ATOM   406 N N     . ALA A 1 53 ? 6.410   4.939   -6.311  1.00 30.86 ? 64  ALA A N     1 
ATOM   407 C CA    . ALA A 1 53 ? 6.074   5.085   -4.896  1.00 26.93 ? 64  ALA A CA    1 
ATOM   408 C C     . ALA A 1 53 ? 4.607   5.422   -4.688  1.00 29.78 ? 64  ALA A C     1 
ATOM   409 O O     . ALA A 1 53 ? 4.242   6.026   -3.679  1.00 26.38 ? 64  ALA A O     1 
ATOM   410 C CB    . ALA A 1 53 ? 6.958   6.129   -4.207  1.00 36.22 ? 64  ALA A CB    1 
ATOM   411 N N     . THR A 1 54 ? 3.760   5.016   -5.626  1.00 30.47 ? 65  THR A N     1 
ATOM   412 C CA    . THR A 1 54 ? 2.335   5.289   -5.577  1.00 26.67 ? 65  THR A CA    1 
ATOM   413 C C     . THR A 1 54 ? 1.587   3.981   -5.775  1.00 36.15 ? 65  THR A C     1 
ATOM   414 O O     . THR A 1 54 ? 1.949   3.187   -6.646  1.00 31.37 ? 65  THR A O     1 
ATOM   415 C CB    . THR A 1 54 ? 1.955   6.270   -6.652  1.00 33.90 ? 65  THR A CB    1 
ATOM   416 O OG1   . THR A 1 54 ? 2.817   7.408   -6.552  1.00 37.04 ? 65  THR A OG1   1 
ATOM   417 C CG2   . THR A 1 54 ? 0.523   6.720   -6.472  1.00 33.88 ? 65  THR A CG2   1 
ATOM   418 N N     . TRP A 1 55 ? 0.527   3.766   -4.988  1.00 25.27 ? 66  TRP A N     1 
ATOM   419 C CA    . TRP A 1 55 ? -0.072  2.440   -4.873  1.00 25.25 ? 66  TRP A CA    1 
ATOM   420 C C     . TRP A 1 55 ? -1.582  2.537   -4.921  1.00 29.05 ? 66  TRP A C     1 
ATOM   421 O O     . TRP A 1 55 ? -2.173  3.522   -4.465  1.00 28.78 ? 66  TRP A O     1 
ATOM   422 C CB    . TRP A 1 55 ? 0.358   1.755   -3.570  1.00 27.81 ? 66  TRP A CB    1 
ATOM   423 C CG    . TRP A 1 55 ? 1.811   1.611   -3.528  1.00 27.94 ? 66  TRP A CG    1 
ATOM   424 C CD1   . TRP A 1 55 ? 2.726   2.523   -3.055  1.00 32.34 ? 66  TRP A CD1   1 
ATOM   425 C CD2   . TRP A 1 55 ? 2.561   0.502   -4.010  1.00 26.48 ? 66  TRP A CD2   1 
ATOM   426 N NE1   . TRP A 1 55 ? 4.008   2.034   -3.211  1.00 25.90 ? 66  TRP A NE1   1 
ATOM   427 C CE2   . TRP A 1 55 ? 3.928   0.789   -3.784  1.00 27.95 ? 66  TRP A CE2   1 
ATOM   428 C CE3   . TRP A 1 55 ? 2.210   -0.723  -4.590  1.00 24.59 ? 66  TRP A CE3   1 
ATOM   429 C CZ2   . TRP A 1 55 ? 4.938   -0.098  -4.128  1.00 36.90 ? 66  TRP A CZ2   1 
ATOM   430 C CZ3   . TRP A 1 55 ? 3.221   -1.600  -4.936  1.00 28.84 ? 66  TRP A CZ3   1 
ATOM   431 C CH2   . TRP A 1 55 ? 4.566   -1.284  -4.705  1.00 29.85 ? 66  TRP A CH2   1 
ATOM   432 N N     . SER A 1 56 ? -2.211  1.502   -5.483  1.00 28.08 ? 67  SER A N     1 
ATOM   433 C CA    . SER A 1 56 ? -3.664  1.491   -5.558  1.00 30.00 ? 67  SER A CA    1 
ATOM   434 C C     . SER A 1 56 ? -4.141  0.044   -5.547  1.00 30.76 ? 67  SER A C     1 
ATOM   435 O O     . SER A 1 56 ? -3.351  -0.891  -5.683  1.00 33.41 ? 67  SER A O     1 
ATOM   436 C CB    . SER A 1 56 ? -4.149  2.260   -6.791  1.00 34.93 ? 67  SER A CB    1 
ATOM   437 O OG    . SER A 1 56 ? -3.674  1.636   -7.962  1.00 40.49 ? 67  SER A OG    1 
ATOM   438 N N     . ILE A 1 57 ? -5.450  -0.138  -5.368  1.00 36.03 ? 68  ILE A N     1 
ATOM   439 C CA    . ILE A 1 57 ? -6.008  -1.489  -5.365  1.00 33.90 ? 68  ILE A CA    1 
ATOM   440 C C     . ILE A 1 57 ? -6.000  -2.009  -6.800  1.00 44.54 ? 68  ILE A C     1 
ATOM   441 O O     . ILE A 1 57 ? -6.561  -1.382  -7.709  1.00 43.89 ? 68  ILE A O     1 
ATOM   442 C CB    . ILE A 1 57 ? -7.424  -1.515  -4.777  1.00 35.65 ? 68  ILE A CB    1 
ATOM   443 C CG1   . ILE A 1 57 ? -7.382  -1.630  -3.255  1.00 49.44 ? 68  ILE A CG1   1 
ATOM   444 C CG2   . ILE A 1 57 ? -8.113  -2.793  -5.214  1.00 38.28 ? 68  ILE A CG2   1 
ATOM   445 C CD1   . ILE A 1 57 ? -6.713  -2.897  -2.755  1.00 40.17 ? 68  ILE A CD1   1 
ATOM   446 N N     . GLY A 1 58 ? -5.342  -3.147  -7.012  1.00 51.62 ? 69  GLY A N     1 
ATOM   447 C CA    . GLY A 1 58 ? -5.067  -3.633  -8.357  1.00 50.69 ? 69  GLY A CA    1 
ATOM   448 C C     . GLY A 1 58 ? -4.058  -4.765  -8.457  1.00 51.12 ? 69  GLY A C     1 
ATOM   449 O O     . GLY A 1 58 ? -4.169  -5.628  -9.345  1.00 57.87 ? 69  GLY A O     1 
ATOM   450 P P     A DC  B 2 1  ? 14.432  10.570  -11.063 0.56 44.33 ? 201 DC  C P     1 
ATOM   451 O OP1   A DC  B 2 1  ? 13.996  11.960  -10.867 0.56 46.05 ? 201 DC  C OP1   1 
ATOM   452 O OP2   A DC  B 2 1  ? 15.866  10.211  -11.066 0.56 48.33 ? 201 DC  C OP2   1 
ATOM   453 O "O5'" A DC  B 2 1  ? 13.800  9.741   -9.865  0.56 53.09 ? 201 DC  C "O5'" 1 
ATOM   454 C "C5'" A DC  B 2 1  ? 12.781  10.333  -9.118  0.56 44.57 ? 201 DC  C "C5'" 1 
ATOM   455 C "C4'" A DC  B 2 1  ? 12.535  9.615   -7.808  0.56 38.94 ? 201 DC  C "C4'" 1 
ATOM   456 O "O4'" A DC  B 2 1  ? 13.797  9.219   -7.187  0.56 41.84 ? 201 DC  C "O4'" 1 
ATOM   457 C "C3'" A DC  B 2 1  ? 11.845  10.490  -6.777  0.56 40.53 ? 201 DC  C "C3'" 1 
ATOM   458 O "O3'" A DC  B 2 1  ? 11.105  9.691   -5.928  0.56 38.51 ? 201 DC  C "O3'" 1 
ATOM   459 C "C2'" A DC  B 2 1  ? 13.026  11.112  -6.057  0.56 39.15 ? 201 DC  C "C2'" 1 
ATOM   460 C "C1'" A DC  B 2 1  ? 13.916  9.890   -5.937  0.56 39.64 ? 201 DC  C "C1'" 1 
ATOM   461 N N1    A DC  B 2 1  ? 15.352  10.219  -5.666  0.56 38.76 ? 201 DC  C N1    1 
ATOM   462 C C2    A DC  B 2 1  ? 15.759  10.487  -4.350  0.56 36.10 ? 201 DC  C C2    1 
ATOM   463 O O2    A DC  B 2 1  ? 14.922  10.451  -3.442  0.56 35.60 ? 201 DC  C O2    1 
ATOM   464 N N3    A DC  B 2 1  ? 17.062  10.780  -4.112  0.56 36.07 ? 201 DC  C N3    1 
ATOM   465 C C4    A DC  B 2 1  ? 17.934  10.821  -5.122  0.56 38.04 ? 201 DC  C C4    1 
ATOM   466 N N4    A DC  B 2 1  ? 19.210  11.115  -4.836  0.56 36.79 ? 201 DC  C N4    1 
ATOM   467 C C5    A DC  B 2 1  ? 17.540  10.552  -6.470  0.56 37.83 ? 201 DC  C C5    1 
ATOM   468 C C6    A DC  B 2 1  ? 16.252  10.256  -6.693  0.56 38.48 ? 201 DC  C C6    1 
ATOM   469 P P     A DA  B 2 2  ? 9.625   9.247   -6.360  0.56 41.04 ? 202 DA  C P     1 
ATOM   470 O OP1   A DA  B 2 2  ? 9.222   10.110  -7.490  0.56 40.32 ? 202 DA  C OP1   1 
ATOM   471 O OP2   A DA  B 2 2  ? 8.804   9.151   -5.129  0.56 43.34 ? 202 DA  C OP2   1 
ATOM   472 O "O5'" A DA  B 2 2  ? 9.824   7.806   -7.006  0.56 38.36 ? 202 DA  C "O5'" 1 
ATOM   473 C "C5'" A DA  B 2 2  ? 10.308  6.720   -6.245  0.56 38.93 ? 202 DA  C "C5'" 1 
ATOM   474 C "C4'" A DA  B 2 2  ? 10.475  5.522   -7.152  0.56 39.01 ? 202 DA  C "C4'" 1 
ATOM   475 O "O4'" A DA  B 2 2  ? 11.321  5.883   -8.268  0.56 41.43 ? 202 DA  C "O4'" 1 
ATOM   476 C "C3'" A DA  B 2 2  ? 11.081  4.296   -6.507  0.56 39.14 ? 202 DA  C "C3'" 1 
ATOM   477 O "O3'" A DA  B 2 2  ? 10.028  3.414   -6.119  0.56 37.82 ? 202 DA  C "O3'" 1 
ATOM   478 C "C2'" A DA  B 2 2  ? 11.953  3.681   -7.607  0.56 40.25 ? 202 DA  C "C2'" 1 
ATOM   479 C "C1'" A DA  B 2 2  ? 12.238  4.849   -8.556  0.56 37.23 ? 202 DA  C "C1'" 1 
ATOM   480 N N9    A DA  B 2 2  ? 13.590  5.408   -8.472  0.56 41.28 ? 202 DA  C N9    1 
ATOM   481 C C8    A DA  B 2 2  ? 14.449  5.619   -9.514  0.56 37.48 ? 202 DA  C C8    1 
ATOM   482 N N7    A DA  B 2 2  ? 15.592  6.151   -9.160  0.56 37.94 ? 202 DA  C N7    1 
ATOM   483 C C5    A DA  B 2 2  ? 15.477  6.310   -7.791  0.56 38.19 ? 202 DA  C C5    1 
ATOM   484 C C6    A DA  B 2 2  ? 16.357  6.824   -6.829  0.56 36.72 ? 202 DA  C C6    1 
ATOM   485 N N6    A DA  B 2 2  ? 17.575  7.285   -7.131  0.56 34.43 ? 202 DA  C N6    1 
ATOM   486 N N1    A DA  B 2 2  ? 15.939  6.843   -5.541  0.56 34.50 ? 202 DA  C N1    1 
ATOM   487 C C2    A DA  B 2 2  ? 14.716  6.378   -5.251  0.56 36.07 ? 202 DA  C C2    1 
ATOM   488 N N3    A DA  B 2 2  ? 13.799  5.870   -6.073  0.56 38.92 ? 202 DA  C N3    1 
ATOM   489 C C4    A DA  B 2 2  ? 14.248  5.862   -7.344  0.56 38.42 ? 202 DA  C C4    1 
ATOM   490 P P     A DC  B 2 3  ? 9.880   3.005   -4.574  0.56 34.73 ? 203 DC  C P     1 
ATOM   491 O OP1   A DC  B 2 3  ? 8.677   2.167   -4.367  0.56 31.19 ? 203 DC  C OP1   1 
ATOM   492 O OP2   A DC  B 2 3  ? 10.033  4.304   -3.872  0.56 35.49 ? 203 DC  C OP2   1 
ATOM   493 O "O5'" A DC  B 2 3  ? 11.185  2.115   -4.319  0.56 34.57 ? 203 DC  C "O5'" 1 
ATOM   494 C "C5'" A DC  B 2 3  ? 11.120  0.933   -3.538  0.56 32.99 ? 203 DC  C "C5'" 1 
ATOM   495 C "C4'" A DC  B 2 3  ? 12.387  0.798   -2.718  0.56 33.25 ? 203 DC  C "C4'" 1 
ATOM   496 O "O4'" A DC  B 2 3  ? 13.550  0.863   -3.596  0.56 32.19 ? 203 DC  C "O4'" 1 
ATOM   497 C "C3'" A DC  B 2 3  ? 12.598  1.913   -1.691  0.56 30.53 ? 203 DC  C "C3'" 1 
ATOM   498 O "O3'" A DC  B 2 3  ? 13.242  1.386   -0.579  0.56 30.17 ? 203 DC  C "O3'" 1 
ATOM   499 C "C2'" A DC  B 2 3  ? 13.524  2.869   -2.429  0.56 32.18 ? 203 DC  C "C2'" 1 
ATOM   500 C "C1'" A DC  B 2 3  ? 14.422  1.862   -3.107  0.56 32.02 ? 203 DC  C "C1'" 1 
ATOM   501 N N1    A DC  B 2 3  ? 15.223  2.421   -4.219  0.56 32.87 ? 203 DC  C N1    1 
ATOM   502 C C2    A DC  B 2 3  ? 16.378  3.144   -3.919  0.56 33.39 ? 203 DC  C C2    1 
ATOM   503 O O2    A DC  B 2 3  ? 16.688  3.310   -2.734  0.56 32.23 ? 203 DC  C O2    1 
ATOM   504 N N3    A DC  B 2 3  ? 17.122  3.647   -4.934  0.56 35.14 ? 203 DC  C N3    1 
ATOM   505 C C4    A DC  B 2 3  ? 16.744  3.449   -6.199  0.56 37.39 ? 203 DC  C C4    1 
ATOM   506 N N4    A DC  B 2 3  ? 17.510  3.962   -7.168  0.56 35.71 ? 203 DC  C N4    1 
ATOM   507 C C5    A DC  B 2 3  ? 15.571  2.705   -6.523  0.56 33.55 ? 203 DC  C C5    1 
ATOM   508 C C6    A DC  B 2 3  ? 14.846  2.215   -5.512  0.56 33.38 ? 203 DC  C C6    1 
ATOM   509 P P     A DG  B 2 4  ? 12.435  1.160   0.784   0.56 26.41 ? 204 DG  C P     1 
ATOM   510 O OP1   A DG  B 2 4  ? 11.312  2.115   0.855   0.56 30.53 ? 204 DG  C OP1   1 
ATOM   511 O OP2   A DG  B 2 4  ? 13.461  1.050   1.859   0.56 33.48 ? 204 DG  C OP2   1 
ATOM   512 O "O5'" A DG  B 2 4  ? 11.769  -0.279  0.581   0.56 25.07 ? 204 DG  C "O5'" 1 
ATOM   513 C "C5'" A DG  B 2 4  ? 12.582  -1.419  0.418   0.56 30.66 ? 204 DG  C "C5'" 1 
ATOM   514 C "C4'" A DG  B 2 4  ? 11.756  -2.584  -0.074  0.56 30.40 ? 204 DG  C "C4'" 1 
ATOM   515 O "O4'" A DG  B 2 4  ? 11.154  -2.243  -1.339  0.56 28.82 ? 204 DG  C "O4'" 1 
ATOM   516 C "C3'" A DG  B 2 4  ? 12.558  -3.840  -0.311  0.56 31.30 ? 204 DG  C "C3'" 1 
ATOM   517 O "O3'" A DG  B 2 4  ? 12.516  -4.629  0.860   0.56 33.02 ? 204 DG  C "O3'" 1 
ATOM   518 C "C2'" A DG  B 2 4  ? 11.852  -4.518  -1.491  0.56 31.44 ? 204 DG  C "C2'" 1 
ATOM   519 C "C1'" A DG  B 2 4  ? 11.152  -3.358  -2.207  0.56 31.69 ? 204 DG  C "C1'" 1 
ATOM   520 N N9    A DG  B 2 4  ? 11.767  -2.926  -3.458  0.56 33.10 ? 204 DG  C N9    1 
ATOM   521 C C8    A DG  B 2 4  ? 11.176  -2.878  -4.700  0.56 32.04 ? 204 DG  C C8    1 
ATOM   522 N N7    A DG  B 2 4  ? 11.953  -2.392  -5.631  0.56 34.06 ? 204 DG  C N7    1 
ATOM   523 C C5    A DG  B 2 4  ? 13.130  -2.084  -4.959  0.56 33.67 ? 204 DG  C C5    1 
ATOM   524 C C6    A DG  B 2 4  ? 14.337  -1.527  -5.446  0.56 30.94 ? 204 DG  C C6    1 
ATOM   525 O O6    A DG  B 2 4  ? 14.614  -1.195  -6.611  0.56 30.79 ? 204 DG  C O6    1 
ATOM   526 N N1    A DG  B 2 4  ? 15.284  -1.378  -4.428  0.56 33.20 ? 204 DG  C N1    1 
ATOM   527 C C2    A DG  B 2 4  ? 15.082  -1.723  -3.103  0.56 32.45 ? 204 DG  C C2    1 
ATOM   528 N N2    A DG  B 2 4  ? 16.105  -1.509  -2.264  0.56 30.27 ? 204 DG  C N2    1 
ATOM   529 N N3    A DG  B 2 4  ? 13.956  -2.240  -2.637  0.56 31.18 ? 204 DG  C N3    1 
ATOM   530 C C4    A DG  B 2 4  ? 13.026  -2.395  -3.618  0.56 31.79 ? 204 DG  C C4    1 
ATOM   531 P P     A DC  B 2 5  ? 13.877  -5.099  1.557   0.56 33.31 ? 205 DC  C P     1 
ATOM   532 O OP1   A DC  B 2 5  ? 13.479  -5.967  2.698   0.56 33.93 ? 205 DC  C OP1   1 
ATOM   533 O OP2   A DC  B 2 5  ? 14.704  -3.887  1.814   0.56 32.42 ? 205 DC  C OP2   1 
ATOM   534 O "O5'" A DC  B 2 5  ? 14.557  -5.990  0.414   0.56 33.85 ? 205 DC  C "O5'" 1 
ATOM   535 C "C5'" A DC  B 2 5  ? 15.353  -7.102  0.752   0.56 34.16 ? 205 DC  C "C5'" 1 
ATOM   536 C "C4'" A DC  B 2 5  ? 16.789  -6.835  0.368   0.56 36.93 ? 205 DC  C "C4'" 1 
ATOM   537 O "O4'" A DC  B 2 5  ? 16.901  -6.838  -1.082  0.56 33.15 ? 205 DC  C "O4'" 1 
ATOM   538 C "C3'" A DC  B 2 5  ? 17.328  -5.476  0.825   0.56 34.26 ? 205 DC  C "C3'" 1 
ATOM   539 O "O3'" A DC  B 2 5  ? 18.688  -5.586  1.123   0.56 31.57 ? 205 DC  C "O3'" 1 
ATOM   540 C "C2'" A DC  B 2 5  ? 17.127  -4.615  -0.416  0.56 34.30 ? 205 DC  C "C2'" 1 
ATOM   541 C "C1'" A DC  B 2 5  ? 17.467  -5.616  -1.504  0.56 34.85 ? 205 DC  C "C1'" 1 
ATOM   542 N N1    A DC  B 2 5  ? 16.907  -5.258  -2.832  0.56 34.58 ? 205 DC  C N1    1 
ATOM   543 C C2    A DC  B 2 5  ? 17.725  -4.627  -3.774  0.56 34.59 ? 205 DC  C C2    1 
ATOM   544 O O2    A DC  B 2 5  ? 18.907  -4.392  -3.483  0.56 36.31 ? 205 DC  C O2    1 
ATOM   545 N N3    A DC  B 2 5  ? 17.204  -4.303  -4.987  0.56 33.65 ? 205 DC  C N3    1 
ATOM   546 C C4    A DC  B 2 5  ? 15.926  -4.579  -5.262  0.56 34.39 ? 205 DC  C C4    1 
ATOM   547 N N4    A DC  B 2 5  ? 15.458  -4.239  -6.469  0.56 31.08 ? 205 DC  C N4    1 
ATOM   548 C C5    A DC  B 2 5  ? 15.074  -5.222  -4.311  0.56 33.36 ? 205 DC  C C5    1 
ATOM   549 C C6    A DC  B 2 5  ? 15.601  -5.539  -3.117  0.56 33.37 ? 205 DC  C C6    1 
ATOM   550 P P     A DA  B 2 6  ? 19.185  -5.936  2.611   0.56 35.69 ? 206 DA  C P     1 
ATOM   551 O OP1   A DA  B 2 6  ? 18.324  -5.201  3.558   0.56 35.38 ? 206 DA  C OP1   1 
ATOM   552 O OP2   A DA  B 2 6  ? 20.656  -5.751  2.593   0.56 41.30 ? 206 DA  C OP2   1 
ATOM   553 O "O5'" A DA  B 2 6  ? 18.914  -7.505  2.760   0.56 31.24 ? 206 DA  C "O5'" 1 
ATOM   554 C "C5'" A DA  B 2 6  ? 19.756  -8.431  2.102   0.56 37.62 ? 206 DA  C "C5'" 1 
ATOM   555 C "C4'" A DA  B 2 6  ? 19.148  -9.823  2.120   0.56 41.90 ? 206 DA  C "C4'" 1 
ATOM   556 O "O4'" A DA  B 2 6  ? 17.732  -9.743  1.844   0.56 40.35 ? 206 DA  C "O4'" 1 
ATOM   557 C "C3'" A DA  B 2 6  ? 19.715  -10.764 1.076   0.56 42.69 ? 206 DA  C "C3'" 1 
ATOM   558 O "O3'" A DA  B 2 6  ? 20.825  -11.466 1.631   0.56 50.20 ? 206 DA  C "O3'" 1 
ATOM   559 C "C2'" A DA  B 2 6  ? 18.547  -11.711 0.760   0.56 38.76 ? 206 DA  C "C2'" 1 
ATOM   560 C "C1'" A DA  B 2 6  ? 17.302  -10.907 1.150   0.56 40.33 ? 206 DA  C "C1'" 1 
ATOM   561 N N9    A DA  B 2 6  ? 16.469  -10.475 0.022   0.56 40.23 ? 206 DA  C N9    1 
ATOM   562 C C8    A DA  B 2 6  ? 15.100  -10.522 -0.052  0.56 37.99 ? 206 DA  C C8    1 
ATOM   563 N N7    A DA  B 2 6  ? 14.609  -10.035 -1.171  0.56 35.29 ? 206 DA  C N7    1 
ATOM   564 C C5    A DA  B 2 6  ? 15.733  -9.632  -1.879  0.56 37.26 ? 206 DA  C C5    1 
ATOM   565 C C6    A DA  B 2 6  ? 15.891  -9.031  -3.146  0.56 36.99 ? 206 DA  C C6    1 
ATOM   566 N N6    A DA  B 2 6  ? 14.861  -8.723  -3.948  0.56 33.69 ? 206 DA  C N6    1 
ATOM   567 N N1    A DA  B 2 6  ? 17.154  -8.763  -3.561  0.56 36.64 ? 206 DA  C N1    1 
ATOM   568 C C2    A DA  B 2 6  ? 18.180  -9.069  -2.755  0.56 37.50 ? 206 DA  C C2    1 
ATOM   569 N N3    A DA  B 2 6  ? 18.156  -9.628  -1.543  0.56 37.55 ? 206 DA  C N3    1 
ATOM   570 C C4    A DA  B 2 6  ? 16.890  -9.893  -1.160  0.56 37.68 ? 206 DA  C C4    1 
ATOM   571 P P     B U   C 3 1  ? 15.054  10.917  -9.789  0.44 44.68 ? 1   U   B P     1 
ATOM   572 O OP1   B U   C 3 1  ? 16.011  9.783   -9.932  0.44 44.66 ? 1   U   B OP1   1 
ATOM   573 O OP2   B U   C 3 1  ? 15.572  12.278  -9.483  0.44 45.48 ? 1   U   B OP2   1 
ATOM   574 O "O5'" B U   C 3 1  ? 14.004  10.540  -8.653  0.44 38.64 ? 1   U   B "O5'" 1 
ATOM   575 C "C5'" B U   C 3 1  ? 13.528  9.200   -8.510  0.44 41.29 ? 1   U   B "C5'" 1 
ATOM   576 C "C4'" B U   C 3 1  ? 13.232  8.846   -7.068  0.44 40.07 ? 1   U   B "C4'" 1 
ATOM   577 O "O4'" B U   C 3 1  ? 14.478  8.666   -6.336  0.44 33.10 ? 1   U   B "O4'" 1 
ATOM   578 C "C3'" B U   C 3 1  ? 12.436  9.887   -6.282  0.44 37.32 ? 1   U   B "C3'" 1 
ATOM   579 O "O3'" B U   C 3 1  ? 11.692  9.216   -5.272  0.44 38.06 ? 1   U   B "O3'" 1 
ATOM   580 C "C2'" B U   C 3 1  ? 13.535  10.673  -5.589  0.44 40.87 ? 1   U   B "C2'" 1 
ATOM   581 O "O2'" B U   C 3 1  ? 13.113  11.370  -4.444  0.44 40.97 ? 1   U   B "O2'" 1 
ATOM   582 C "C1'" B U   C 3 1  ? 14.501  9.554   -5.229  0.44 37.96 ? 1   U   B "C1'" 1 
ATOM   583 N N1    B U   C 3 1  ? 15.882  10.005  -4.979  0.44 35.29 ? 1   U   B N1    1 
ATOM   584 C C2    B U   C 3 1  ? 16.193  10.439  -3.697  0.44 34.11 ? 1   U   B C2    1 
ATOM   585 O O2    B U   C 3 1  ? 15.395  10.472  -2.781  0.44 37.39 ? 1   U   B O2    1 
ATOM   586 N N3    B U   C 3 1  ? 17.485  10.847  -3.510  0.44 36.81 ? 1   U   B N3    1 
ATOM   587 C C4    B U   C 3 1  ? 18.494  10.883  -4.440  0.44 36.80 ? 1   U   B C4    1 
ATOM   588 O O4    B U   C 3 1  ? 19.613  11.284  -4.093  0.44 33.83 ? 1   U   B O4    1 
ATOM   589 C C5    B U   C 3 1  ? 18.105  10.416  -5.740  0.44 38.87 ? 1   U   B C5    1 
ATOM   590 C C6    B U   C 3 1  ? 16.844  10.006  -5.962  0.44 38.24 ? 1   U   B C6    1 
ATOM   591 P P     B G   C 3 2  ? 10.105  9.024   -5.411  0.44 39.99 ? 2   G   B P     1 
ATOM   592 O OP1   B G   C 3 2  ? 9.598   10.031  -6.377  0.44 39.87 ? 2   G   B OP1   1 
ATOM   593 O OP2   B G   C 3 2  ? 9.577   8.949   -4.025  0.44 36.84 ? 2   G   B OP2   1 
ATOM   594 O "O5'" B G   C 3 2  ? 9.947   7.598   -6.096  0.44 40.03 ? 2   G   B "O5'" 1 
ATOM   595 C "C5'" B G   C 3 2  ? 10.402  6.421   -5.449  0.44 35.91 ? 2   G   B "C5'" 1 
ATOM   596 C "C4'" B G   C 3 2  ? 10.787  5.378   -6.460  0.44 37.26 ? 2   G   B "C4'" 1 
ATOM   597 O "O4'" B G   C 3 2  ? 11.805  5.898   -7.344  0.44 42.52 ? 2   G   B "O4'" 1 
ATOM   598 C "C3'" B G   C 3 2  ? 11.377  4.095   -5.908  0.44 38.25 ? 2   G   B "C3'" 1 
ATOM   599 O "O3'" B G   C 3 2  ? 10.347  3.200   -5.512  0.44 36.77 ? 2   G   B "O3'" 1 
ATOM   600 C "C2'" B G   C 3 2  ? 12.224  3.564   -7.073  0.44 38.98 ? 2   G   B "C2'" 1 
ATOM   601 O "O2'" B G   C 3 2  ? 11.443  2.761   -7.951  0.44 40.07 ? 2   G   B "O2'" 1 
ATOM   602 C "C1'" B G   C 3 2  ? 12.616  4.850   -7.816  0.44 38.20 ? 2   G   B "C1'" 1 
ATOM   603 N N9    B G   C 3 2  ? 14.036  5.251   -7.686  0.44 39.58 ? 2   G   B N9    1 
ATOM   604 C C8    B G   C 3 2  ? 14.937  5.375   -8.719  0.44 38.79 ? 2   G   B C8    1 
ATOM   605 N N7    B G   C 3 2  ? 16.121  5.778   -8.346  0.44 40.35 ? 2   G   B N7    1 
ATOM   606 C C5    B G   C 3 2  ? 15.985  5.957   -6.980  0.44 39.18 ? 2   G   B C5    1 
ATOM   607 C C6    B G   C 3 2  ? 16.933  6.390   -6.028  0.44 37.24 ? 2   G   B C6    1 
ATOM   608 O O6    B G   C 3 2  ? 18.117  6.707   -6.212  0.44 40.11 ? 2   G   B O6    1 
ATOM   609 N N1    B G   C 3 2  ? 16.377  6.422   -4.754  0.44 35.35 ? 2   G   B N1    1 
ATOM   610 C C2    B G   C 3 2  ? 15.086  6.093   -4.429  0.44 35.53 ? 2   G   B C2    1 
ATOM   611 N N2    B G   C 3 2  ? 14.741  6.204   -3.137  0.44 36.12 ? 2   G   B N2    1 
ATOM   612 N N3    B G   C 3 2  ? 14.192  5.694   -5.310  0.44 37.82 ? 2   G   B N3    1 
ATOM   613 C C4    B G   C 3 2  ? 14.707  5.645   -6.556  0.44 38.09 ? 2   G   B C4    1 
ATOM   614 P P     B C   C 3 3  ? 10.153  2.735   -3.983  0.44 32.08 ? 3   C   B P     1 
ATOM   615 O OP1   B C   C 3 3  ? 9.027   1.762   -3.957  0.44 30.85 ? 3   C   B OP1   1 
ATOM   616 O OP2   B C   C 3 3  ? 10.140  3.931   -3.103  0.44 39.51 ? 3   C   B OP2   1 
ATOM   617 O "O5'" B C   C 3 3  ? 11.487  1.934   -3.670  0.44 33.29 ? 3   C   B "O5'" 1 
ATOM   618 C "C5'" B C   C 3 3  ? 11.461  0.699   -2.959  0.44 34.18 ? 3   C   B "C5'" 1 
ATOM   619 C "C4'" B C   C 3 3  ? 12.677  0.555   -2.075  0.44 31.06 ? 3   C   B "C4'" 1 
ATOM   620 O "O4'" B C   C 3 3  ? 13.890  0.565   -2.888  0.44 32.83 ? 3   C   B "O4'" 1 
ATOM   621 C "C3'" B C   C 3 3  ? 12.858  1.674   -1.047  0.44 31.05 ? 3   C   B "C3'" 1 
ATOM   622 O "O3'" B C   C 3 3  ? 13.533  1.131   0.084   0.44 32.82 ? 3   C   B "O3'" 1 
ATOM   623 C "C2'" B C   C 3 3  ? 13.818  2.617   -1.764  0.44 33.64 ? 3   C   B "C2'" 1 
ATOM   624 O "O2'" B C   C 3 3  ? 14.528  3.484   -0.915  0.44 34.17 ? 3   C   B "O2'" 1 
ATOM   625 C "C1'" B C   C 3 3  ? 14.738  1.609   -2.435  0.44 31.58 ? 3   C   B "C1'" 1 
ATOM   626 N N1    B C   C 3 3  ? 15.546  2.121   -3.550  0.44 34.21 ? 3   C   B N1    1 
ATOM   627 C C2    B C   C 3 3  ? 16.737  2.744   -3.186  0.44 32.46 ? 3   C   B C2    1 
ATOM   628 O O2    B C   C 3 3  ? 16.985  2.850   -1.971  0.44 32.57 ? 3   C   B O2    1 
ATOM   629 N N3    B C   C 3 3  ? 17.562  3.228   -4.148  0.44 35.54 ? 3   C   B N3    1 
ATOM   630 C C4    B C   C 3 3  ? 17.243  3.085   -5.435  0.44 35.85 ? 3   C   B C4    1 
ATOM   631 N N4    B C   C 3 3  ? 18.096  3.574   -6.345  0.44 33.67 ? 3   C   B N4    1 
ATOM   632 C C5    B C   C 3 3  ? 16.032  2.441   -5.839  0.44 33.48 ? 3   C   B C5    1 
ATOM   633 C C6    B C   C 3 3  ? 15.222  1.967   -4.872  0.44 34.69 ? 3   C   B C6    1 
ATOM   634 P P     B G   C 3 4  ? 12.762  0.896   1.474   0.44 33.90 ? 4   G   B P     1 
ATOM   635 O OP1   B G   C 3 4  ? 11.793  1.999   1.713   0.44 31.56 ? 4   G   B OP1   1 
ATOM   636 O OP2   B G   C 3 4  ? 13.847  0.624   2.454   0.44 33.61 ? 4   G   B OP2   1 
ATOM   637 O "O5'" B G   C 3 4  ? 11.965  -0.461  1.240   0.44 32.33 ? 4   G   B "O5'" 1 
ATOM   638 C "C5'" B G   C 3 4  ? 12.677  -1.686  1.139   0.44 33.27 ? 4   G   B "C5'" 1 
ATOM   639 C "C4'" B G   C 3 4  ? 11.850  -2.790  0.533   0.44 33.19 ? 4   G   B "C4'" 1 
ATOM   640 O "O4'" B G   C 3 4  ? 11.355  -2.390  -0.766  0.44 32.22 ? 4   G   B "O4'" 1 
ATOM   641 C "C3'" B G   C 3 4  ? 12.631  -4.068  0.280   0.44 34.33 ? 4   G   B "C3'" 1 
ATOM   642 O "O3'" B G   C 3 4  ? 12.629  -4.893  1.430   0.44 35.48 ? 4   G   B "O3'" 1 
ATOM   643 C "C2'" B G   C 3 4  ? 11.934  -4.699  -0.927  0.44 33.92 ? 4   G   B "C2'" 1 
ATOM   644 O "O2'" B G   C 3 4  ? 10.859  -5.531  -0.521  0.44 36.06 ? 4   G   B "O2'" 1 
ATOM   645 C "C1'" B G   C 3 4  ? 11.354  -3.485  -1.654  0.44 32.59 ? 4   G   B "C1'" 1 
ATOM   646 N N9    B G   C 3 4  ? 12.078  -3.085  -2.876  0.44 32.37 ? 4   G   B N9    1 
ATOM   647 C C8    B G   C 3 4  ? 11.543  -2.991  -4.140  0.44 31.86 ? 4   G   B C8    1 
ATOM   648 N N7    B G   C 3 4  ? 12.394  -2.555  -5.031  0.44 34.80 ? 4   G   B N7    1 
ATOM   649 C C5    B G   C 3 4  ? 13.559  -2.325  -4.313  0.44 32.39 ? 4   G   B C5    1 
ATOM   650 C C6    B G   C 3 4  ? 14.833  -1.844  -4.738  0.44 33.94 ? 4   G   B C6    1 
ATOM   651 O O6    B G   C 3 4  ? 15.199  -1.513  -5.874  0.44 32.61 ? 4   G   B O6    1 
ATOM   652 N N1    B G   C 3 4  ? 15.736  -1.779  -3.677  0.44 33.39 ? 4   G   B N1    1 
ATOM   653 C C2    B G   C 3 4  ? 15.440  -2.113  -2.376  0.44 33.75 ? 4   G   B C2    1 
ATOM   654 N N2    B G   C 3 4  ? 16.422  -1.974  -1.480  0.44 34.61 ? 4   G   B N2    1 
ATOM   655 N N3    B G   C 3 4  ? 14.263  -2.553  -1.972  0.44 33.44 ? 4   G   B N3    1 
ATOM   656 C C4    B G   C 3 4  ? 13.376  -2.642  -2.980  0.44 32.73 ? 4   G   B C4    1 
ATOM   657 P P     B U   C 3 5  ? 13.991  -5.236  2.210   0.44 37.06 ? 5   U   B P     1 
ATOM   658 O OP1   B U   C 3 5  ? 13.587  -6.060  3.380   0.44 38.20 ? 5   U   B OP1   1 
ATOM   659 O OP2   B U   C 3 5  ? 14.736  -3.972  2.451   0.44 36.74 ? 5   U   B OP2   1 
ATOM   660 O "O5'" B U   C 3 5  ? 14.801  -6.119  1.160   0.44 37.79 ? 5   U   B "O5'" 1 
ATOM   661 C "C5'" B U   C 3 5  ? 15.623  -7.204  1.579   0.44 39.66 ? 5   U   B "C5'" 1 
ATOM   662 C "C4'" B U   C 3 5  ? 17.041  -7.032  1.093   0.44 40.36 ? 5   U   B "C4'" 1 
ATOM   663 O "O4'" B U   C 3 5  ? 17.063  -7.090  -0.361  0.44 39.66 ? 5   U   B "O4'" 1 
ATOM   664 C "C3'" B U   C 3 5  ? 17.701  -5.705  1.474   0.44 39.90 ? 5   U   B "C3'" 1 
ATOM   665 O "O3'" B U   C 3 5  ? 19.093  -5.930  1.680   0.44 41.48 ? 5   U   B "O3'" 1 
ATOM   666 C "C2'" B U   C 3 5  ? 17.524  -4.868  0.213   0.44 38.30 ? 5   U   B "C2'" 1 
ATOM   667 O "O2'" B U   C 3 5  ? 18.457  -3.814  0.071   0.44 38.14 ? 5   U   B "O2'" 1 
ATOM   668 C "C1'" B U   C 3 5  ? 17.691  -5.928  -0.867  0.44 38.83 ? 5   U   B "C1'" 1 
ATOM   669 N N1    B U   C 3 5  ? 17.079  -5.586  -2.155  0.44 37.51 ? 5   U   B N1    1 
ATOM   670 C C2    B U   C 3 5  ? 17.907  -5.027  -3.109  0.44 37.34 ? 5   U   B C2    1 
ATOM   671 O O2    B U   C 3 5  ? 19.098  -4.810  -2.922  0.44 38.17 ? 5   U   B O2    1 
ATOM   672 N N3    B U   C 3 5  ? 17.281  -4.729  -4.292  0.44 36.30 ? 5   U   B N3    1 
ATOM   673 C C4    B U   C 3 5  ? 15.954  -4.932  -4.611  0.44 35.48 ? 5   U   B C4    1 
ATOM   674 O O4    B U   C 3 5  ? 15.556  -4.612  -5.728  0.44 34.82 ? 5   U   B O4    1 
ATOM   675 C C5    B U   C 3 5  ? 15.168  -5.524  -3.568  0.44 35.68 ? 5   U   B C5    1 
ATOM   676 C C6    B U   C 3 5  ? 15.746  -5.827  -2.399  0.44 36.66 ? 5   U   B C6    1 
ATOM   677 P P     B G   C 3 6  ? 19.653  -6.177  3.161   0.44 43.30 ? 6   G   B P     1 
ATOM   678 O OP1   B G   C 3 6  ? 18.812  -5.397  4.098   0.44 42.46 ? 6   G   B OP1   1 
ATOM   679 O OP2   B G   C 3 6  ? 21.131  -6.015  3.135   0.44 44.73 ? 6   G   B OP2   1 
ATOM   680 O "O5'" B G   C 3 6  ? 19.382  -7.724  3.418   0.44 44.83 ? 6   G   B "O5'" 1 
ATOM   681 C "C5'" B G   C 3 6  ? 20.162  -8.705  2.758   0.44 46.23 ? 6   G   B "C5'" 1 
ATOM   682 C "C4'" B G   C 3 6  ? 19.528  -10.065 2.867   0.44 47.28 ? 6   G   B "C4'" 1 
ATOM   683 O "O4'" B G   C 3 6  ? 18.104  -9.957  2.619   0.44 45.53 ? 6   G   B "O4'" 1 
ATOM   684 C "C3'" B G   C 3 6  ? 20.006  -11.092 1.859   0.44 48.35 ? 6   G   B "C3'" 1 
ATOM   685 O "O3'" B G   C 3 6  ? 21.218  -11.712 2.252   0.44 51.90 ? 6   G   B "O3'" 1 
ATOM   686 C "C2'" B G   C 3 6  ? 18.828  -12.057 1.757   0.44 48.33 ? 6   G   B "C2'" 1 
ATOM   687 O "O2'" B G   C 3 6  ? 18.866  -13.021 2.798   0.44 51.04 ? 6   G   B "O2'" 1 
ATOM   688 C "C1'" B G   C 3 6  ? 17.631  -11.138 2.007   0.44 46.10 ? 6   G   B "C1'" 1 
ATOM   689 N N9    B G   C 3 6  ? 16.866  -10.774 0.796   0.44 44.17 ? 6   G   B N9    1 
ATOM   690 C C8    B G   C 3 6  ? 15.498  -10.890 0.693   0.44 43.06 ? 6   G   B C8    1 
ATOM   691 N N7    B G   C 3 6  ? 15.024  -10.479 -0.444  0.44 41.60 ? 6   G   B N7    1 
ATOM   692 C C5    B G   C 3 6  ? 16.142  -10.035 -1.139  0.44 41.67 ? 6   G   B C5    1 
ATOM   693 C C6    B G   C 3 6  ? 16.230  -9.472  -2.440  0.44 40.58 ? 6   G   B C6    1 
ATOM   694 O O6    B G   C 3 6  ? 15.307  -9.238  -3.245  0.44 39.36 ? 6   G   B O6    1 
ATOM   695 N N1    B G   C 3 6  ? 17.552  -9.166  -2.770  0.44 41.19 ? 6   G   B N1    1 
ATOM   696 C C2    B G   C 3 6  ? 18.639  -9.366  -1.949  0.44 42.70 ? 6   G   B C2    1 
ATOM   697 N N2    B G   C 3 6  ? 19.829  -8.994  -2.449  0.44 43.16 ? 6   G   B N2    1 
ATOM   698 N N3    B G   C 3 6  ? 18.566  -9.890  -0.733  0.44 43.82 ? 6   G   B N3    1 
ATOM   699 C C4    B G   C 3 6  ? 17.295  -10.201 -0.389  0.44 43.21 ? 6   G   B C4    1 
HETATM 700 O O     . HOH D 4 .  ? -5.985  8.977   -4.567  1.00 31.52 ? 101 HOH A O     1 
HETATM 701 O O     . HOH D 4 .  ? 6.627   2.694   -2.644  1.00 25.91 ? 102 HOH A O     1 
HETATM 702 O O     . HOH D 4 .  ? 7.147   -5.467  6.127   1.00 37.50 ? 103 HOH A O     1 
HETATM 703 O O     . HOH D 4 .  ? -6.508  2.569   -4.283  1.00 36.91 ? 104 HOH A O     1 
HETATM 704 O O     . HOH D 4 .  ? -6.609  -6.686  -3.825  1.00 42.02 ? 105 HOH A O     1 
HETATM 705 O O     . HOH D 4 .  ? 8.689   -7.890  -0.320  1.00 42.60 ? 106 HOH A O     1 
HETATM 706 O O     . HOH D 4 .  ? -1.692  8.485   12.146  1.00 42.88 ? 107 HOH A O     1 
HETATM 707 O O     . HOH D 4 .  ? -8.665  9.708   0.129   1.00 38.55 ? 108 HOH A O     1 
HETATM 708 O O     . HOH D 4 .  ? -7.787  5.726   2.782   1.00 31.19 ? 109 HOH A O     1 
HETATM 709 O O     . HOH D 4 .  ? 5.268   9.813   -0.321  1.00 33.39 ? 110 HOH A O     1 
HETATM 710 O O     . HOH D 4 .  ? 7.159   2.341   -7.215  1.00 42.37 ? 111 HOH A O     1 
HETATM 711 O O     . HOH D 4 .  ? 12.176  3.065   5.722   1.00 33.59 ? 112 HOH A O     1 
HETATM 712 O O     . HOH D 4 .  ? 9.183   6.089   6.994   1.00 40.64 ? 113 HOH A O     1 
HETATM 713 O O     . HOH D 4 .  ? -2.593  9.823   4.737   1.00 38.01 ? 114 HOH A O     1 
HETATM 714 O O     . HOH D 4 .  ? 1.522   -2.131  -11.311 1.00 50.90 ? 115 HOH A O     1 
HETATM 715 O O     . HOH D 4 .  ? 17.615  0.796   4.099   0.50 45.96 ? 116 HOH A O     1 
HETATM 716 O O     . HOH D 4 .  ? 4.502   10.408  6.140   1.00 32.54 ? 117 HOH A O     1 
HETATM 717 O O     . HOH D 4 .  ? -9.528  7.539   2.080   1.00 38.07 ? 118 HOH A O     1 
HETATM 718 O O     . HOH D 4 .  ? 3.477   11.694  0.747   1.00 37.64 ? 119 HOH A O     1 
HETATM 719 O O     . HOH D 4 .  ? 13.311  1.562   7.881   1.00 42.79 ? 120 HOH A O     1 
HETATM 720 O O     . HOH E 4 .  ? 10.905  7.176   -10.025 1.00 42.91 ? 301 HOH C O     1 
HETATM 721 O O     . HOH E 4 .  ? 13.307  0.385   -7.736  1.00 37.90 ? 302 HOH C O     1 
HETATM 722 O O     . HOH E 4 .  ? 12.228  -9.766  -1.660  1.00 43.67 ? 303 HOH C O     1 
HETATM 723 O O     . HOH E 4 .  ? 12.105  -8.205  2.507   1.00 40.38 ? 304 HOH C O     1 
HETATM 724 O O     . HOH E 4 .  ? 20.896  -2.997  1.726   1.00 43.52 ? 305 HOH C O     1 
HETATM 725 O O     . HOH E 4 .  ? 11.548  5.061   0.631   1.00 42.02 ? 306 HOH C O     1 
HETATM 726 O O     . HOH F 4 .  ? 16.321  -2.031  0.751   1.00 29.78 ? 101 HOH B O     1 
HETATM 727 O O     . HOH F 4 .  ? 9.005   4.438   -1.188  1.00 37.60 ? 102 HOH B O     1 
HETATM 728 O O     . HOH F 4 .  ? 9.994   8.091   -1.914  1.00 48.72 ? 103 HOH B O     1 
HETATM 729 O O     . HOH F 4 .  ? 10.908  0.234   -7.916  1.00 38.66 ? 104 HOH B O     1 
HETATM 730 O O     . HOH F 4 .  ? 11.208  -7.970  0.281   1.00 39.66 ? 105 HOH B O     1 
HETATM 731 O O     . HOH F 4 .  ? 14.097  3.038   3.664   1.00 43.25 ? 106 HOH B O     1 
HETATM 732 O O     . HOH F 4 .  ? 13.944  14.078  -8.132  1.00 46.28 ? 107 HOH B O     1 
HETATM 733 O O     . HOH F 4 .  ? 16.394  0.798   1.288   1.00 32.28 ? 108 HOH B O     1 
HETATM 734 O O     . HOH F 4 .  ? 12.024  5.984   -2.250  1.00 40.14 ? 109 HOH B O     1 
HETATM 735 O O     . HOH F 4 .  ? 14.450  1.996   -9.629  1.00 42.06 ? 110 HOH B O     1 
# 
loop_
_atom_site_anisotrop.id 
_atom_site_anisotrop.type_symbol 
_atom_site_anisotrop.pdbx_label_atom_id 
_atom_site_anisotrop.pdbx_label_alt_id 
_atom_site_anisotrop.pdbx_label_comp_id 
_atom_site_anisotrop.pdbx_label_asym_id 
_atom_site_anisotrop.pdbx_label_seq_id 
_atom_site_anisotrop.pdbx_PDB_ins_code 
_atom_site_anisotrop.U[1][1] 
_atom_site_anisotrop.U[2][2] 
_atom_site_anisotrop.U[3][3] 
_atom_site_anisotrop.U[1][2] 
_atom_site_anisotrop.U[1][3] 
_atom_site_anisotrop.U[2][3] 
_atom_site_anisotrop.pdbx_auth_seq_id 
_atom_site_anisotrop.pdbx_auth_comp_id 
_atom_site_anisotrop.pdbx_auth_asym_id 
_atom_site_anisotrop.pdbx_auth_atom_id 
1   N N     . ASP A 1  ? 0.7968 0.7162 0.7144 -0.0428 -0.0737 0.0425  12  ASP A N     
2   C CA    . ASP A 1  ? 0.8838 0.8244 0.8181 -0.0566 -0.0681 0.0650  12  ASP A CA    
3   C C     . ASP A 1  ? 0.7729 0.7565 0.7392 -0.0469 -0.0454 0.0711  12  ASP A C     
4   O O     . ASP A 1  ? 0.5775 0.5816 0.5835 -0.0533 -0.0476 0.0806  12  ASP A O     
5   C CB    . ASP A 1  ? 0.8881 0.8194 0.7927 -0.0583 -0.0633 0.0727  12  ASP A CB    
6   N N     . ASN A 2  ? 0.7194 0.7103 0.6612 -0.0272 -0.0249 0.0657  13  ASN A N     
7   C CA    . ASN A 2  ? 0.6939 0.7121 0.6476 -0.0064 -0.0026 0.0659  13  ASN A CA    
8   C C     . ASN A 2  ? 0.5571 0.5665 0.5219 -0.0003 -0.0137 0.0416  13  ASN A C     
9   O O     . ASN A 2  ? 0.5769 0.6126 0.5757 0.0038  -0.0049 0.0470  13  ASN A O     
10  C CB    . ASN A 2  ? 0.8217 0.8289 0.7223 0.0227  0.0164  0.0606  13  ASN A CB    
11  C CG    . ASN A 2  ? 1.0461 1.0542 0.9305 0.0552  0.0314  0.0475  13  ASN A CG    
12  O OD1   . ASN A 2  ? 1.0046 1.0477 0.9305 0.0587  0.0459  0.0608  13  ASN A OD1   
13  N ND2   . ASN A 2  ? 1.0784 1.0411 0.8989 0.0807  0.0231  0.0217  13  ASN A ND2   
14  N N     . LEU A 3  ? 0.5302 0.5067 0.4749 0.0004  -0.0327 0.0202  14  LEU A N     
15  C CA    . LEU A 3  ? 0.4913 0.4635 0.4586 0.0044  -0.0436 0.0060  14  LEU A CA    
16  C C     . LEU A 3  ? 0.4911 0.4767 0.4932 -0.0093 -0.0481 0.0162  14  LEU A C     
17  O O     . LEU A 3  ? 0.4154 0.4154 0.4455 -0.0046 -0.0462 0.0133  14  LEU A O     
18  C CB    . LEU A 3  ? 0.5492 0.4917 0.5050 0.0065  -0.0627 -0.0056 14  LEU A CB    
19  C CG    . LEU A 3  ? 0.5361 0.4784 0.5269 0.0111  -0.0739 -0.0111 14  LEU A CG    
20  C CD1   . LEU A 3  ? 0.4110 0.3564 0.4081 0.0244  -0.0726 -0.0230 14  LEU A CD1   
21  C CD2   . LEU A 3  ? 0.4979 0.4194 0.4946 0.0124  -0.0932 -0.0102 14  LEU A CD2   
22  N N     . GLU A 4  ? 0.4726 0.4448 0.4661 -0.0238 -0.0583 0.0271  15  GLU A N     
23  C CA    . GLU A 4  ? 0.4611 0.4300 0.4715 -0.0339 -0.0710 0.0364  15  GLU A CA    
24  C C     . GLU A 4  ? 0.4553 0.4599 0.5077 -0.0402 -0.0642 0.0498  15  GLU A C     
25  O O     . GLU A 4  ? 0.3934 0.4044 0.4691 -0.0390 -0.0695 0.0489  15  GLU A O     
26  C CB    . GLU A 4  ? 0.5798 0.5173 0.5645 -0.0475 -0.0896 0.0471  15  GLU A CB    
27  C CG    . GLU A 4  ? 0.6829 0.5864 0.6547 -0.0477 -0.1126 0.0483  15  GLU A CG    
28  C CD    . GLU A 4  ? 0.8628 0.7180 0.7956 -0.0575 -0.1391 0.0560  15  GLU A CD    
29  O OE1   . GLU A 4  ? 0.9543 0.8051 0.9071 -0.0785 -0.1619 0.0726  15  GLU A OE1   
30  O OE2   . GLU A 4  ? 0.9576 0.7790 0.8448 -0.0447 -0.1396 0.0490  15  GLU A OE2   
31  N N     . GLN A 5  ? 0.4336 0.4644 0.4995 -0.0454 -0.0510 0.0681  16  GLN A N     
32  C CA    . GLN A 5  ? 0.4001 0.4736 0.5180 -0.0489 -0.0410 0.0912  16  GLN A CA    
33  C C     . GLN A 5  ? 0.4466 0.5404 0.5726 -0.0255 -0.0205 0.0768  16  GLN A C     
34  O O     . GLN A 5  ? 0.3999 0.5182 0.5674 -0.0267 -0.0201 0.0859  16  GLN A O     
35  C CB    . GLN A 5  ? 0.5283 0.6331 0.6667 -0.0539 -0.0247 0.1246  16  GLN A CB    
36  C CG    . GLN A 5  ? 0.8358 0.9970 1.0218 -0.0393 0.0060  0.1512  16  GLN A CG    
37  C CD    . GLN A 5  ? 0.8589 1.0458 1.1152 -0.0583 -0.0120 0.1744  16  GLN A CD    
38  O OE1   . GLN A 5  ? 0.7887 0.9544 1.0650 -0.0879 -0.0503 0.1861  16  GLN A OE1   
39  N NE2   . GLN A 5  ? 0.6692 0.8945 0.9577 -0.0396 0.0113  0.1812  16  GLN A NE2   
40  N N     . LYS A 6  ? 0.3919 0.4685 0.4768 -0.0044 -0.0098 0.0539  17  LYS A N     
41  C CA    . LYS A 6  ? 0.4052 0.4863 0.4898 0.0189  0.0011  0.0381  17  LYS A CA    
42  C C     . LYS A 6  ? 0.3895 0.4636 0.4987 0.0128  -0.0159 0.0260  17  LYS A C     
43  O O     . LYS A 6  ? 0.3314 0.4255 0.4691 0.0209  -0.0092 0.0273  17  LYS A O     
44  C CB    . LYS A 6  ? 0.5275 0.5738 0.5572 0.0408  0.0013  0.0152  17  LYS A CB    
45  C CG    . LYS A 6  ? 0.5402 0.5744 0.5574 0.0682  0.0041  -0.0029 17  LYS A CG    
46  C CD    . LYS A 6  ? 0.6118 0.6830 0.6434 0.0889  0.0352  0.0157  17  LYS A CD    
47  C CE    . LYS A 6  ? 0.7051 0.7462 0.6929 0.1287  0.0400  -0.0048 17  LYS A CE    
48  N NZ    . LYS A 6  ? 0.6174 0.6969 0.6373 0.1475  0.0658  0.0114  17  LYS A NZ    
49  N N     . ILE A 7  ? 0.3406 0.3872 0.4380 0.0026  -0.0349 0.0180  18  ILE A N     
50  C CA    . ILE A 7  ? 0.3367 0.3769 0.4533 0.0024  -0.0461 0.0135  18  ILE A CA    
51  C C     . ILE A 7  ? 0.3372 0.3946 0.4828 -0.0078 -0.0504 0.0279  18  ILE A C     
52  O O     . ILE A 7  ? 0.3051 0.3745 0.4768 -0.0020 -0.0500 0.0261  18  ILE A O     
53  C CB    . ILE A 7  ? 0.3448 0.3545 0.4386 0.0006  -0.0585 0.0123  18  ILE A CB    
54  C CG1   . ILE A 7  ? 0.3203 0.3171 0.4055 0.0097  -0.0606 0.0025  18  ILE A CG1   
55  C CG2   . ILE A 7  ? 0.3618 0.3634 0.4655 0.0057  -0.0654 0.0169  18  ILE A CG2   
56  C CD1   . ILE A 7  ? 0.3726 0.3479 0.4414 0.0106  -0.0675 0.0094  18  ILE A CD1   
57  N N     . LEU A 8  ? 0.2770 0.3327 0.4219 -0.0243 -0.0598 0.0442  19  LEU A N     
58  C CA    . LEU A 8  ? 0.3275 0.3908 0.5037 -0.0379 -0.0765 0.0612  19  LEU A CA    
59  C C     . LEU A 8  ? 0.3194 0.4329 0.5486 -0.0349 -0.0591 0.0758  19  LEU A C     
60  O O     . LEU A 8  ? 0.3433 0.4669 0.6054 -0.0391 -0.0705 0.0836  19  LEU A O     
61  C CB    . LEU A 8  ? 0.3509 0.3937 0.5185 -0.0589 -0.0996 0.0788  19  LEU A CB    
62  C CG    . LEU A 8  ? 0.4105 0.3931 0.5167 -0.0567 -0.1208 0.0659  19  LEU A CG    
63  C CD1   . LEU A 8  ? 0.5341 0.4909 0.6306 -0.0777 -0.1474 0.0830  19  LEU A CD1   
64  C CD2   . LEU A 8  ? 0.3802 0.3256 0.4638 -0.0464 -0.1413 0.0584  19  LEU A CD2   
65  N N     . GLN A 9  ? 0.3096 0.4521 0.5428 -0.0231 -0.0309 0.0817  20  GLN A N     
66  C CA    . GLN A 9  ? 0.3650 0.5540 0.6408 -0.0092 -0.0071 0.0981  20  GLN A CA    
67  C C     . GLN A 9  ? 0.2944 0.4773 0.5662 0.0096  -0.0030 0.0739  20  GLN A C     
68  O O     . GLN A 9  ? 0.2616 0.4712 0.5760 0.0118  -0.0008 0.0850  20  GLN A O     
69  C CB    . GLN A 9  ? 0.3845 0.5955 0.6457 0.0113  0.0265  0.1107  20  GLN A CB    
70  C CG    . GLN A 9  ? 0.5045 0.7565 0.7890 0.0422  0.0611  0.1262  20  GLN A CG    
71  C CD    . GLN A 9  ? 0.6808 0.8991 0.9051 0.0782  0.0726  0.0895  20  GLN A CD    
72  O OE1   . GLN A 9  ? 0.6499 0.8327 0.8118 0.0938  0.0757  0.0708  20  GLN A OE1   
73  N NE2   . GLN A 9  ? 0.5133 0.7374 0.7558 0.0914  0.0740  0.0805  20  GLN A NE2   
74  N N     . VAL A 10 ? 0.2889 0.4364 0.5165 0.0216  -0.0056 0.0444  21  VAL A N     
75  C CA    . VAL A 10 ? 0.2641 0.4023 0.4938 0.0376  -0.0066 0.0251  21  VAL A CA    
76  C C     . VAL A 10 ? 0.2503 0.3894 0.5101 0.0256  -0.0233 0.0282  21  VAL A C     
77  O O     . VAL A 10 ? 0.2446 0.4010 0.5337 0.0336  -0.0195 0.0296  21  VAL A O     
78  C CB    . VAL A 10 ? 0.3045 0.4026 0.4944 0.0471  -0.0161 0.0010  21  VAL A CB    
79  C CG1   . VAL A 10 ? 0.3059 0.3915 0.5100 0.0584  -0.0256 -0.0131 21  VAL A CG1   
80  C CG2   . VAL A 10 ? 0.3304 0.4166 0.4767 0.0661  -0.0030 -0.0049 21  VAL A CG2   
81  N N     . LEU A 11 ? 0.2425 0.3574 0.4870 0.0112  -0.0416 0.0293  22  LEU A N     
82  C CA    . LEU A 11 ? 0.2689 0.3729 0.5231 0.0076  -0.0579 0.0328  22  LEU A CA    
83  C C     . LEU A 11 ? 0.2337 0.3613 0.5257 -0.0035 -0.0665 0.0514  22  LEU A C     
84  O O     . LEU A 11 ? 0.2900 0.4217 0.6026 0.0004  -0.0731 0.0525  22  LEU A O     
85  C CB    . LEU A 11 ? 0.3339 0.3972 0.5465 0.0035  -0.0744 0.0329  22  LEU A CB    
86  C CG    . LEU A 11 ? 0.2808 0.3252 0.4685 0.0154  -0.0674 0.0235  22  LEU A CG    
87  C CD1   . LEU A 11 ? 0.2834 0.2882 0.4253 0.0186  -0.0789 0.0285  22  LEU A CD1   
88  C CD2   . LEU A 11 ? 0.2934 0.3456 0.5068 0.0300  -0.0609 0.0204  22  LEU A CD2   
89  N N     . SER A 12 ? 0.2280 0.3731 0.5370 -0.0183 -0.0684 0.0708  23  SER A N     
90  C CA    . SER A 12 ? 0.2404 0.4093 0.6008 -0.0339 -0.0847 0.0981  23  SER A CA    
91  C C     . SER A 12 ? 0.2215 0.4424 0.6341 -0.0205 -0.0595 0.1090  23  SER A C     
92  O O     . SER A 12 ? 0.2481 0.4833 0.7017 -0.0256 -0.0737 0.1220  23  SER A O     
93  C CB    . SER A 12 ? 0.3039 0.4823 0.6830 -0.0549 -0.0948 0.1253  23  SER A CB    
94  O OG    . SER A 12 ? 0.3056 0.4268 0.6333 -0.0667 -0.1253 0.1158  23  SER A OG    
95  N N     . ASP A 13 ? 0.2264 0.4699 0.6314 0.0007  -0.0241 0.1046  24  ASP A N     
96  C CA    . ASP A 13 ? 0.2140 0.4965 0.6518 0.0239  0.0028  0.1123  24  ASP A CA    
97  C C     . ASP A 13 ? 0.2182 0.4826 0.6502 0.0343  -0.0048 0.0884  24  ASP A C     
98  O O     . ASP A 13 ? 0.2634 0.5570 0.7377 0.0424  0.0013  0.1003  24  ASP A O     
99  C CB    . ASP A 13 ? 0.2820 0.5713 0.6862 0.0545  0.0388  0.1075  24  ASP A CB    
100 C CG    . ASP A 13 ? 0.4079 0.7291 0.8286 0.0514  0.0565  0.1422  24  ASP A CG    
101 O OD1   . ASP A 13 ? 0.3778 0.7337 0.8632 0.0268  0.0447  0.1805  24  ASP A OD1   
102 O OD2   . ASP A 13 ? 0.3853 0.6950 0.7563 0.0750  0.0801  0.1345  24  ASP A OD2   
103 N N     . ASP A 14 ? 0.2861 0.5066 0.6733 0.0351  -0.0167 0.0599  25  ASP A N     
104 C CA    . ASP A 14 ? 0.3274 0.5325 0.7168 0.0435  -0.0245 0.0442  25  ASP A CA    
105 C C     . ASP A 14 ? 0.3312 0.5364 0.7449 0.0296  -0.0466 0.0565  25  ASP A C     
106 O O     . ASP A 14 ? 0.3538 0.5716 0.7934 0.0366  -0.0461 0.0585  25  ASP A O     
107 C CB    . ASP A 14 ? 0.2508 0.4166 0.6017 0.0468  -0.0319 0.0234  25  ASP A CB    
108 C CG    . ASP A 14 ? 0.3655 0.5210 0.7297 0.0578  -0.0367 0.0142  25  ASP A CG    
109 O OD1   . ASP A 14 ? 0.2659 0.4208 0.6438 0.0538  -0.0464 0.0223  25  ASP A OD1   
110 O OD2   . ASP A 14 ? 0.3535 0.4966 0.7125 0.0718  -0.0342 0.0005  25  ASP A OD2   
111 N N     . GLY A 15 ? 0.3328 0.5787 0.5137 -0.0208 -0.1422 0.0667  26  GLY A N     
112 C CA    . GLY A 15 ? 0.2911 0.5284 0.4634 -0.0343 -0.1646 0.0787  26  GLY A CA    
113 C C     . GLY A 15 ? 0.4151 0.6044 0.5540 -0.0299 -0.1720 0.0777  26  GLY A C     
114 O O     . GLY A 15 ? 0.4214 0.5919 0.5391 -0.0426 -0.1909 0.0870  26  GLY A O     
115 N N     . GLY A 16 ? 0.3326 0.4994 0.4621 -0.0155 -0.1581 0.0679  27  GLY A N     
116 C CA    . GLY A 16 ? 0.3121 0.4389 0.4117 -0.0148 -0.1618 0.0691  27  GLY A CA    
117 C C     . GLY A 16 ? 0.3059 0.4079 0.3824 -0.0153 -0.1436 0.0585  27  GLY A C     
118 O O     . GLY A 16 ? 0.3634 0.4723 0.4417 -0.0166 -0.1333 0.0509  27  GLY A O     
119 N N     . PRO A 17 ? 0.4409 0.5146 0.4956 -0.0157 -0.1406 0.0593  28  PRO A N     
120 C CA    . PRO A 17 ? 0.3575 0.4187 0.4020 -0.0154 -0.1229 0.0506  28  PRO A CA    
121 C C     . PRO A 17 ? 0.4257 0.5009 0.4992 -0.0036 -0.1163 0.0434  28  PRO A C     
122 O O     . PRO A 17 ? 0.3069 0.3843 0.3962 0.0060  -0.1227 0.0457  28  PRO A O     
123 C CB    . PRO A 17 ? 0.4193 0.4555 0.4399 -0.0215 -0.1216 0.0570  28  PRO A CB    
124 C CG    . PRO A 17 ? 0.4841 0.5087 0.4891 -0.0267 -0.1411 0.0685  28  PRO A CG    
125 C CD    . PRO A 17 ? 0.4249 0.4790 0.4659 -0.0173 -0.1541 0.0697  28  PRO A CD    
126 N N     . VAL A 18 ? 0.2806 0.3589 0.3566 -0.0030 -0.1062 0.0345  29  VAL A N     
127 C CA    . VAL A 18 ? 0.2618 0.3458 0.3563 0.0056  -0.1026 0.0275  29  VAL A CA    
128 C C     . VAL A 18 ? 0.2940 0.3689 0.3888 0.0035  -0.0954 0.0232  29  VAL A C     
129 O O     . VAL A 18 ? 0.2627 0.3367 0.3496 0.0002  -0.0894 0.0199  29  VAL A O     
130 C CB    . VAL A 18 ? 0.2510 0.3486 0.3493 0.0066  -0.1016 0.0224  29  VAL A CB    
131 C CG1   . VAL A 18 ? 0.2497 0.3443 0.3557 0.0148  -0.0986 0.0147  29  VAL A CG1   
132 C CG2   . VAL A 18 ? 0.3117 0.4315 0.4190 0.0058  -0.1069 0.0287  29  VAL A CG2   
133 N N     . LYS A 19 ? 0.2634 0.3316 0.3689 0.0058  -0.0975 0.0232  30  LYS A N     
134 C CA    . LYS A 19 ? 0.2630 0.3310 0.3786 0.0008  -0.0932 0.0216  30  LYS A CA    
135 C C     . LYS A 19 ? 0.2517 0.3234 0.3758 0.0054  -0.0949 0.0128  30  LYS A C     
136 O O     . LYS A 19 ? 0.2968 0.3638 0.4152 0.0111  -0.0998 0.0083  30  LYS A O     
137 C CB    . LYS A 19 ? 0.3141 0.3681 0.4349 -0.0036 -0.1000 0.0266  30  LYS A CB    
138 C CG    . LYS A 19 ? 0.3868 0.4268 0.4940 -0.0103 -0.1030 0.0373  30  LYS A CG    
139 C CD    . LYS A 19 ? 0.4401 0.4889 0.5420 -0.0246 -0.0903 0.0442  30  LYS A CD    
140 C CE    . LYS A 19 ? 0.6131 0.6434 0.6871 -0.0305 -0.0943 0.0545  30  LYS A CE    
141 N NZ    . LYS A 19 ? 0.5730 0.6068 0.6294 -0.0452 -0.0788 0.0609  30  LYS A NZ    
142 N N     . ILE A 20 ? 0.2726 0.3536 0.4103 0.0033  -0.0908 0.0107  31  ILE A N     
143 C CA    . ILE A 20 ? 0.2490 0.3290 0.3941 0.0084  -0.0975 0.0033  31  ILE A CA    
144 C C     . ILE A 20 ? 0.2717 0.3365 0.4162 0.0081  -0.1101 0.0018  31  ILE A C     
145 O O     . ILE A 20 ? 0.3651 0.4178 0.4958 0.0117  -0.1167 -0.0037 31  ILE A O     
146 C CB    . ILE A 20 ? 0.2452 0.3438 0.4156 0.0099  -0.0927 0.0016  31  ILE A CB    
147 C CG1   . ILE A 20 ? 0.3848 0.4781 0.5621 0.0178  -0.1049 -0.0056 31  ILE A CG1   
148 C CG2   . ILE A 20 ? 0.2551 0.3683 0.4516 -0.0004 -0.0913 0.0091  31  ILE A CG2   
149 C CD1   . ILE A 20 ? 0.4210 0.4965 0.5688 0.0236  -0.1068 -0.0109 31  ILE A CD1   
150 N N     . GLY A 21 ? 0.2605 0.3184 0.4113 0.0025  -0.1142 0.0068  32  GLY A N     
151 C CA    . GLY A 21 ? 0.2907 0.3232 0.4308 0.0033  -0.1279 0.0036  32  GLY A CA    
152 C C     . GLY A 21 ? 0.3807 0.3992 0.4944 0.0141  -0.1255 -0.0025 32  GLY A C     
153 O O     . GLY A 21 ? 0.3578 0.3559 0.4531 0.0180  -0.1322 -0.0092 32  GLY A O     
154 N N     . GLN A 22 ? 0.2805 0.3120 0.3922 0.0186  -0.1159 0.0003  33  GLN A N     
155 C CA    . GLN A 22 ? 0.3294 0.3620 0.4279 0.0293  -0.1111 -0.0041 33  GLN A CA    
156 C C     . GLN A 22 ? 0.3793 0.4219 0.4686 0.0270  -0.1063 -0.0078 33  GLN A C     
157 O O     . GLN A 22 ? 0.3351 0.3743 0.4085 0.0321  -0.1022 -0.0132 33  GLN A O     
158 C CB    . GLN A 22 ? 0.2970 0.3450 0.4029 0.0333  -0.1069 0.0021  33  GLN A CB    
159 C CG    . GLN A 22 ? 0.3220 0.3516 0.4290 0.0330  -0.1147 0.0081  33  GLN A CG    
160 C CD    . GLN A 22 ? 0.3304 0.3698 0.4408 0.0376  -0.1156 0.0151  33  GLN A CD    
161 O OE1   . GLN A 22 ? 0.3560 0.4128 0.4689 0.0293  -0.1117 0.0207  33  GLN A OE1   
162 N NE2   . GLN A 22 ? 0.3779 0.3994 0.4851 0.0509  -0.1243 0.0153  33  GLN A NE2   
163 N N     . LEU A 23 ? 0.2861 0.3374 0.3807 0.0191  -0.1063 -0.0051 34  LEU A N     
164 C CA    . LEU A 23 ? 0.2774 0.3258 0.3565 0.0146  -0.1074 -0.0076 34  LEU A CA    
165 C C     . LEU A 23 ? 0.3769 0.4014 0.4421 0.0141  -0.1174 -0.0130 34  LEU A C     
166 O O     . LEU A 23 ? 0.4154 0.4295 0.4555 0.0105  -0.1176 -0.0152 34  LEU A O     
167 C CB    . LEU A 23 ? 0.3183 0.3703 0.4003 0.0103  -0.1085 -0.0054 34  LEU A CB    
168 C CG    . LEU A 23 ? 0.3543 0.4202 0.4343 0.0064  -0.1026 0.0002  34  LEU A CG    
169 C CD1   . LEU A 23 ? 0.3755 0.4358 0.4532 0.0061  -0.1025 -0.0004 34  LEU A CD1   
170 C CD2   . LEU A 23 ? 0.3552 0.4245 0.4181 -0.0018 -0.1030 0.0024  34  LEU A CD2   
171 N N     . VAL A 24 ? 0.3355 0.3502 0.4144 0.0148  -0.1274 -0.0139 35  VAL A N     
172 C CA    . VAL A 24 ? 0.3364 0.3242 0.4005 0.0128  -0.1426 -0.0179 35  VAL A CA    
173 C C     . VAL A 24 ? 0.4165 0.3829 0.4459 0.0160  -0.1390 -0.0233 35  VAL A C     
174 O O     . VAL A 24 ? 0.3934 0.3372 0.3903 0.0125  -0.1441 -0.0269 35  VAL A O     
175 C CB    . VAL A 24 ? 0.3459 0.3321 0.4365 0.0097  -0.1555 -0.0155 35  VAL A CB    
176 C CG1   . VAL A 24 ? 0.4134 0.3646 0.4827 0.0061  -0.1757 -0.0190 35  VAL A CG1   
177 C CG2   . VAL A 24 ? 0.3867 0.3981 0.5117 0.0095  -0.1568 -0.0124 35  VAL A CG2   
178 N N     . LYS A 25 ? 0.4060 0.3763 0.4379 0.0238  -0.1299 -0.0245 36  LYS A N     
179 C CA    . LYS A 25 ? 0.4545 0.4043 0.4537 0.0328  -0.1238 -0.0327 36  LYS A CA    
180 C C     . LYS A 25 ? 0.4872 0.4554 0.4698 0.0325  -0.1070 -0.0339 36  LYS A C     
181 O O     . LYS A 25 ? 0.5106 0.4577 0.4551 0.0329  -0.1027 -0.0404 36  LYS A O     
182 C CB    . LYS A 25 ? 0.4437 0.3940 0.4519 0.0461  -0.1189 -0.0341 36  LYS A CB    
183 C CG    . LYS A 25 ? 0.5384 0.4513 0.5398 0.0449  -0.1369 -0.0351 36  LYS A CG    
184 C CD    . LYS A 25 ? 0.5325 0.4276 0.5237 0.0621  -0.1345 -0.0400 36  LYS A CD    
185 C CE    . LYS A 25 ? 0.6002 0.4820 0.6081 0.0535  -0.1500 -0.0310 36  LYS A CE    
186 N NZ    . LYS A 25 ? 0.8420 0.6663 0.8177 0.0516  -0.1703 -0.0357 36  LYS A NZ    
187 N N     . LYS A 26 ? 0.3850 0.3903 0.3918 0.0288  -0.0976 -0.0268 37  LYS A N     
188 C CA    . LYS A 26 ? 0.4446 0.4740 0.4417 0.0235  -0.0825 -0.0247 37  LYS A CA    
189 C C     . LYS A 26 ? 0.5186 0.5293 0.4874 0.0065  -0.0902 -0.0219 37  LYS A C     
190 O O     . LYS A 26 ? 0.5792 0.5894 0.5187 -0.0014 -0.0802 -0.0219 37  LYS A O     
191 C CB    . LYS A 26 ? 0.3984 0.4691 0.4295 0.0222  -0.0760 -0.0164 37  LYS A CB    
192 C CG    . LYS A 26 ? 0.4848 0.5737 0.5416 0.0396  -0.0707 -0.0174 37  LYS A CG    
193 C CD    . LYS A 26 ? 0.5838 0.6808 0.6318 0.0562  -0.0553 -0.0260 37  LYS A CD    
194 C CE    . LYS A 26 ? 0.6217 0.7547 0.7053 0.0732  -0.0492 -0.0240 37  LYS A CE    
195 N NZ    . LYS A 26 ? 0.7778 0.9671 0.8860 0.0657  -0.0363 -0.0161 37  LYS A NZ    
196 N N     . CYS A 27 ? 0.4450 0.4395 0.4210 0.0012  -0.1079 -0.0192 38  CYS A N     
197 C CA    . CYS A 27 ? 0.4449 0.4165 0.3954 -0.0119 -0.1202 -0.0162 38  CYS A CA    
198 C C     . CYS A 27 ? 0.5257 0.4548 0.4485 -0.0127 -0.1385 -0.0206 38  CYS A C     
199 O O     . CYS A 27 ? 0.5262 0.4283 0.4194 -0.0232 -0.1517 -0.0178 38  CYS A O     
200 C CB    . CYS A 27 ? 0.4483 0.4246 0.4202 -0.0129 -0.1300 -0.0122 38  CYS A CB    
201 S SG    . CYS A 27 ? 0.4347 0.4489 0.4292 -0.0154 -0.1159 -0.0060 38  CYS A SG    
202 N N     . GLN A 28 ? 0.4954 0.4129 0.4245 -0.0038 -0.1440 -0.0261 39  GLN A N     
203 C CA    . GLN A 28 ? 0.4712 0.3442 0.3685 -0.0070 -0.1647 -0.0297 39  GLN A CA    
204 C C     . GLN A 28 ? 0.5812 0.4380 0.4877 -0.0113 -0.1915 -0.0259 39  GLN A C     
205 O O     . GLN A 28 ? 0.5970 0.4129 0.4660 -0.0184 -0.2119 -0.0259 39  GLN A O     
206 C CB    . GLN A 28 ? 0.5975 0.4440 0.4344 -0.0138 -0.1549 -0.0333 39  GLN A CB    
207 C CG    . GLN A 28 ? 0.6034 0.4800 0.4421 -0.0044 -0.1237 -0.0378 39  GLN A CG    
208 C CD    . GLN A 28 ? 0.8126 0.6691 0.5933 -0.0069 -0.1072 -0.0438 39  GLN A CD    
209 O OE1   . GLN A 28 ? 0.8903 0.7182 0.6244 -0.0230 -0.1130 -0.0406 39  GLN A OE1   
210 N NE2   . GLN A 28 ? 0.7206 0.5897 0.5007 0.0103  -0.0857 -0.0531 39  GLN A NE2   
211 N N     . VAL A 29 ? 0.4618 0.3484 0.4160 -0.0053 -0.1922 -0.0230 40  VAL A N     
212 C CA    . VAL A 29 ? 0.4683 0.3497 0.4467 -0.0015 -0.2155 -0.0215 40  VAL A CA    
213 C C     . VAL A 29 ? 0.5134 0.4314 0.5510 0.0066  -0.2130 -0.0209 40  VAL A C     
214 O O     . VAL A 29 ? 0.4141 0.3574 0.4679 0.0078  -0.1928 -0.0203 40  VAL A O     
215 C CB    . VAL A 29 ? 0.5614 0.4388 0.5306 -0.0010 -0.2170 -0.0196 40  VAL A CB    
216 C CG1   . VAL A 29 ? 0.6044 0.4492 0.5133 -0.0157 -0.2165 -0.0169 40  VAL A CG1   
217 C CG2   . VAL A 29 ? 0.4485 0.3634 0.4452 0.0039  -0.1941 -0.0190 40  VAL A CG2   
218 N N     . PRO A 30 ? 0.4701 0.3932 0.5416 0.0114  -0.2337 -0.0200 41  PRO A N     
219 C CA    . PRO A 30 ? 0.4970 0.4620 0.6279 0.0151  -0.2290 -0.0175 41  PRO A CA    
220 C C     . PRO A 30 ? 0.4447 0.4458 0.6008 0.0235  -0.2042 -0.0181 41  PRO A C     
221 O O     . PRO A 30 ? 0.4729 0.4653 0.6078 0.0292  -0.1977 -0.0210 41  PRO A O     
222 C CB    . PRO A 30 ? 0.3986 0.3660 0.5626 0.0197  -0.2578 -0.0163 41  PRO A CB    
223 C CG    . PRO A 30 ? 0.5712 0.4816 0.6783 0.0139  -0.2785 -0.0172 41  PRO A CG    
224 C CD    . PRO A 30 ? 0.5096 0.4017 0.5683 0.0127  -0.2642 -0.0200 41  PRO A CD    
225 N N     . LYS A 31 ? 0.2890 0.4034 0.5473 0.0437  -0.1332 -0.0131 42  LYS A N     
226 C CA    . LYS A 31 ? 0.3589 0.4576 0.6331 0.0348  -0.1158 -0.0100 42  LYS A CA    
227 C C     . LYS A 31 ? 0.2812 0.3903 0.5804 0.0437  -0.1076 -0.0009 42  LYS A C     
228 O O     . LYS A 31 ? 0.3026 0.3946 0.5998 0.0435  -0.0924 0.0036  42  LYS A O     
229 C CB    . LYS A 31 ? 0.3759 0.4741 0.6662 0.0140  -0.1185 -0.0200 42  LYS A CB    
230 C CG    . LYS A 31 ? 0.4461 0.5362 0.7430 -0.0010 -0.1003 -0.0158 42  LYS A CG    
231 N N     . LYS A 32 ? 0.3002 0.4365 0.6266 0.0536  -0.1207 -0.0010 43  LYS A N     
232 C CA    . LYS A 32 ? 0.2365 0.3792 0.5957 0.0695  -0.1189 0.0018  43  LYS A CA    
233 C C     . LYS A 32 ? 0.3489 0.4556 0.6837 0.0807  -0.1210 0.0219  43  LYS A C     
234 O O     . LYS A 32 ? 0.3188 0.4064 0.6685 0.0873  -0.1121 0.0215  43  LYS A O     
235 C CB    . LYS A 32 ? 0.2416 0.4219 0.6385 0.0835  -0.1404 -0.0022 43  LYS A CB    
236 C CG    . LYS A 32 ? 0.2622 0.4410 0.6854 0.1041  -0.1392 -0.0049 43  LYS A CG    
237 C CD    . LYS A 32 ? 0.2930 0.5029 0.7361 0.1180  -0.1592 -0.0072 43  LYS A CD    
238 C CE    . LYS A 32 ? 0.2889 0.5485 0.7846 0.1206  -0.1470 -0.0351 43  LYS A CE    
239 N NZ    . LYS A 32 ? 0.3099 0.6159 0.8307 0.1277  -0.1655 -0.0401 43  LYS A NZ    
240 N N     . THR A 33 ? 0.2707 0.3707 0.5671 0.0799  -0.1334 0.0383  44  THR A N     
241 C CA    . THR A 33 ? 0.3235 0.3941 0.5901 0.0800  -0.1353 0.0625  44  THR A CA    
242 C C     . THR A 33 ? 0.3923 0.4423 0.6441 0.0676  -0.1117 0.0594  44  THR A C     
243 O O     . THR A 33 ? 0.3008 0.3210 0.5506 0.0666  -0.1087 0.0721  44  THR A O     
244 C CB    . THR A 33 ? 0.3956 0.4807 0.6179 0.0740  -0.1491 0.0777  44  THR A CB    
245 O OG1   . THR A 33 ? 0.3409 0.4507 0.5777 0.0841  -0.1731 0.0766  44  THR A OG1   
246 C CG2   . THR A 33 ? 0.4009 0.4617 0.5895 0.0662  -0.1548 0.1103  44  THR A CG2   
247 N N     . LEU A 34 ? 0.3164 0.3782 0.5589 0.0581  -0.0992 0.0428  45  LEU A N     
248 C CA    . LEU A 34 ? 0.3122 0.3589 0.5459 0.0483  -0.0812 0.0383  45  LEU A CA    
249 C C     . LEU A 34 ? 0.3457 0.3781 0.6067 0.0482  -0.0706 0.0312  45  LEU A C     
250 O O     . LEU A 34 ? 0.3744 0.3860 0.6308 0.0437  -0.0617 0.0354  45  LEU A O     
251 C CB    . LEU A 34 ? 0.2747 0.3304 0.4994 0.0427  -0.0789 0.0215  45  LEU A CB    
252 C CG    . LEU A 34 ? 0.4004 0.4746 0.5979 0.0447  -0.0836 0.0177  45  LEU A CG    
253 C CD1   . LEU A 34 ? 0.3515 0.4253 0.5493 0.0464  -0.0894 -0.0048 45  LEU A CD1   
254 C CD2   . LEU A 34 ? 0.4508 0.5286 0.6312 0.0384  -0.0718 0.0281  45  LEU A CD2   
255 N N     . ASN A 35 ? 0.2847 0.3345 0.5747 0.0506  -0.0709 0.0173  46  ASN A N     
256 C CA    . ASN A 35 ? 0.2379 0.2903 0.5516 0.0477  -0.0564 0.0028  46  ASN A CA    
257 C C     . ASN A 35 ? 0.3037 0.3385 0.6389 0.0644  -0.0601 0.0028  46  ASN A C     
258 O O     . ASN A 35 ? 0.3046 0.3278 0.6461 0.0618  -0.0473 -0.0095 46  ASN A O     
259 C CB    . ASN A 35 ? 0.2659 0.3562 0.6067 0.0407  -0.0534 -0.0133 46  ASN A CB    
260 C CG    . ASN A 35 ? 0.2743 0.3641 0.5921 0.0156  -0.0477 -0.0137 46  ASN A CG    
261 O OD1   . ASN A 35 ? 0.3075 0.3741 0.5993 0.0061  -0.0408 -0.0092 46  ASN A OD1   
262 N ND2   . ASN A 35 ? 0.2396 0.3513 0.5672 0.0036  -0.0549 -0.0175 46  ASN A ND2   
263 N N     . GLN A 36 ? 0.2579 0.2862 0.6029 0.0815  -0.0812 0.0158  47  GLN A N     
264 C CA    . GLN A 36 ? 0.2951 0.2886 0.6584 0.0985  -0.0935 0.0205  47  GLN A CA    
265 C C     . GLN A 36 ? 0.3503 0.3008 0.6825 0.0837  -0.0861 0.0331  47  GLN A C     
266 O O     . GLN A 36 ? 0.3959 0.3193 0.7456 0.0885  -0.0830 0.0201  47  GLN A O     
267 C CB    . GLN A 36 ? 0.3315 0.3148 0.6929 0.1129  -0.1236 0.0435  47  GLN A CB    
268 C CG    . GLN A 36 ? 0.4070 0.4324 0.7984 0.1274  -0.1313 0.0255  47  GLN A CG    
269 C CD    . GLN A 36 ? 0.4163 0.4422 0.7894 0.1341  -0.1592 0.0496  47  GLN A CD    
270 O OE1   . GLN A 36 ? 0.4039 0.4133 0.7373 0.1232  -0.1701 0.0789  47  GLN A OE1   
271 N NE2   . GLN A 36 ? 0.3839 0.4352 0.7867 0.1514  -0.1716 0.0372  47  GLN A NE2   
272 N N     . VAL A 37 ? 0.3279 0.2776 0.6175 0.0653  -0.0833 0.0540  48  VAL A N     
273 C CA    . VAL A 37 ? 0.3696 0.2910 0.6336 0.0471  -0.0764 0.0662  48  VAL A CA    
274 C C     . VAL A 37 ? 0.3763 0.3060 0.6423 0.0367  -0.0545 0.0434  48  VAL A C     
275 O O     . VAL A 37 ? 0.3751 0.2773 0.6424 0.0291  -0.0501 0.0389  48  VAL A O     
276 C CB    . VAL A 37 ? 0.4453 0.3822 0.6683 0.0302  -0.0777 0.0900  48  VAL A CB    
277 C CG1   . VAL A 37 ? 0.4678 0.3855 0.6704 0.0071  -0.0704 0.1029  48  VAL A CG1   
278 C CG2   . VAL A 37 ? 0.3628 0.2957 0.5734 0.0356  -0.1010 0.1157  48  VAL A CG2   
279 N N     . LEU A 38 ? 0.3176 0.2812 0.5813 0.0338  -0.0446 0.0304  49  LEU A N     
280 C CA    . LEU A 38 ? 0.2933 0.2645 0.5504 0.0206  -0.0293 0.0155  49  LEU A CA    
281 C C     . LEU A 38 ? 0.3003 0.2655 0.5787 0.0224  -0.0203 -0.0063 49  LEU A C     
282 O O     . LEU A 38 ? 0.3556 0.3094 0.6246 0.0107  -0.0121 -0.0143 49  LEU A O     
283 C CB    . LEU A 38 ? 0.2740 0.2706 0.5257 0.0167  -0.0286 0.0102  49  LEU A CB    
284 C CG    . LEU A 38 ? 0.2716 0.2750 0.5016 0.0154  -0.0358 0.0196  49  LEU A CG    
285 C CD1   . LEU A 38 ? 0.2630 0.2775 0.4937 0.0151  -0.0428 0.0127  49  LEU A CD1   
286 C CD2   . LEU A 38 ? 0.2786 0.2794 0.4935 0.0052  -0.0306 0.0198  49  LEU A CD2   
287 N N     . TYR A 39 ? 0.3096 0.2894 0.6198 0.0378  -0.0223 -0.0207 50  TYR A N     
288 C CA    . TYR A 39 ? 0.2678 0.2546 0.6035 0.0428  -0.0117 -0.0512 50  TYR A CA    
289 C C     . TYR A 39 ? 0.3957 0.3341 0.7418 0.0536  -0.0214 -0.0544 50  TYR A C     
290 O O     . TYR A 39 ? 0.4250 0.3583 0.7791 0.0514  -0.0117 -0.0818 50  TYR A O     
291 C CB    . TYR A 39 ? 0.2900 0.3196 0.6665 0.0582  -0.0109 -0.0714 50  TYR A CB    
292 C CG    . TYR A 39 ? 0.2788 0.3559 0.6434 0.0351  0.0045  -0.0765 50  TYR A CG    
293 C CD1   . TYR A 39 ? 0.3032 0.4105 0.6614 0.0160  0.0255  -0.0993 50  TYR A CD1   
294 C CD2   . TYR A 39 ? 0.2841 0.3713 0.6375 0.0276  -0.0043 -0.0567 50  TYR A CD2   
295 C CE1   . TYR A 39 ? 0.2634 0.4074 0.6027 -0.0132 0.0358  -0.0957 50  TYR A CE1   
296 C CE2   . TYR A 39 ? 0.2660 0.3829 0.6063 0.0015  0.0041  -0.0570 50  TYR A CE2   
297 C CZ    . TYR A 39 ? 0.2968 0.4401 0.6283 -0.0208 0.0234  -0.0727 50  TYR A CZ    
298 O OH    . TYR A 39 ? 0.3367 0.5042 0.6480 -0.0542 0.0282  -0.0652 50  TYR A OH    
299 N N     . ARG A 40 ? 0.3308 0.2314 0.6739 0.0619  -0.0425 -0.0270 51  ARG A N     
300 C CA    . ARG A 40 ? 0.3928 0.2341 0.7386 0.0634  -0.0564 -0.0223 51  ARG A CA    
301 C C     . ARG A 40 ? 0.4374 0.2646 0.7485 0.0336  -0.0458 -0.0140 51  ARG A C     
302 O O     . ARG A 40 ? 0.4777 0.2739 0.7942 0.0281  -0.0453 -0.0319 51  ARG A O     
303 C CB    . ARG A 40 ? 0.4979 0.3013 0.8424 0.0730  -0.0856 0.0126  51  ARG A CB    
304 C CG    . ARG A 40 ? 0.6344 0.3778 0.9549 0.0573  -0.1008 0.0338  51  ARG A CG    
305 C CD    . ARG A 40 ? 0.6671 0.3861 0.9680 0.0582  -0.1277 0.0728  51  ARG A CD    
306 N NE    . ARG A 40 ? 0.8588 0.5947 1.1255 0.0342  -0.1256 0.1102  51  ARG A NE    
307 C CZ    . ARG A 40 ? 0.9610 0.6776 1.1929 0.0000  -0.1252 0.1396  51  ARG A CZ    
308 N NH1   . ARG A 40 ? 0.9233 0.5991 1.1490 -0.0159 -0.1265 0.1356  51  ARG A NH1   
309 N NH2   . ARG A 40 ? 0.9115 0.6714 1.1068 -0.0206 -0.1176 0.1640  51  ARG A NH2   
310 N N     . LEU A 41 ? 0.3764 0.2306 0.6558 0.0155  -0.0386 0.0077  52  LEU A N     
311 C CA    . LEU A 41 ? 0.4101 0.2683 0.6649 -0.0100 -0.0286 0.0104  52  LEU A CA    
312 C C     . LEU A 41 ? 0.4608 0.3365 0.7180 -0.0149 -0.0136 -0.0212 52  LEU A C     
313 O O     . LEU A 41 ? 0.5019 0.3638 0.7504 -0.0315 -0.0109 -0.0299 52  LEU A O     
314 C CB    . LEU A 41 ? 0.4154 0.3108 0.6467 -0.0198 -0.0250 0.0295  52  LEU A CB    
315 C CG    . LEU A 41 ? 0.3987 0.2914 0.6151 -0.0251 -0.0355 0.0600  52  LEU A CG    
316 C CD1   . LEU A 41 ? 0.3680 0.3110 0.5675 -0.0291 -0.0290 0.0638  52  LEU A CD1   
317 C CD2   . LEU A 41 ? 0.5171 0.3769 0.7240 -0.0488 -0.0406 0.0760  52  LEU A CD2   
318 N N     . LYS A 42 ? 0.3864 0.2959 0.6521 -0.0055 -0.0047 -0.0377 53  LYS A N     
319 C CA    . LYS A 42 ? 0.4121 0.3453 0.6726 -0.0158 0.0099  -0.0653 53  LYS A CA    
320 C C     . LYS A 42 ? 0.4782 0.3896 0.7585 -0.0095 0.0120  -0.0976 53  LYS A C     
321 O O     . LYS A 42 ? 0.5479 0.4569 0.8126 -0.0261 0.0180  -0.1142 53  LYS A O     
322 C CB    . LYS A 42 ? 0.4121 0.3889 0.6781 -0.0135 0.0190  -0.0737 53  LYS A CB    
323 C CG    . LYS A 42 ? 0.5115 0.5220 0.7577 -0.0348 0.0342  -0.0928 53  LYS A CG    
324 C CD    . LYS A 42 ? 0.5228 0.5805 0.7790 -0.0385 0.0446  -0.1025 53  LYS A CD    
325 C CE    . LYS A 42 ? 0.6111 0.7056 0.8352 -0.0697 0.0588  -0.1131 53  LYS A CE    
326 N NZ    . LYS A 42 ? 0.7262 0.8281 0.9465 -0.0739 0.0707  -0.1470 53  LYS A NZ    
327 N N     . LYS A 43 ? 0.4789 0.3726 0.7958 0.0165  0.0033  -0.1095 54  LYS A N     
328 C CA    . LYS A 43 ? 0.5111 0.3726 0.8551 0.0300  -0.0016 -0.1449 54  LYS A CA    
329 C C     . LYS A 43 ? 0.6008 0.4062 0.9260 0.0111  -0.0123 -0.1351 54  LYS A C     
330 O O     . LYS A 43 ? 0.6517 0.4412 0.9818 0.0074  -0.0099 -0.1706 54  LYS A O     
331 C CB    . LYS A 43 ? 0.5122 0.3478 0.9016 0.0653  -0.0215 -0.1490 54  LYS A CB    
332 C CG    . LYS A 43 ? 0.6660 0.5170 1.0940 0.0904  -0.0200 -0.2009 54  LYS A CG    
333 C CD    . LYS A 43 ? 0.8388 0.7741 1.2955 0.1014  0.0017  -0.2326 54  LYS A CD    
334 C CE    . LYS A 43 ? 0.9077 0.8598 1.3817 0.1171  -0.0121 -0.2031 54  LYS A CE    
335 N NZ    . LYS A 43 ? 0.8493 0.8863 1.3354 0.1100  0.0113  -0.2161 54  LYS A NZ    
336 N N     . GLU A 44 ? 0.5845 0.3774 0.8487 -0.0770 0.0431  -0.1795 55  GLU A N     
337 C CA    . GLU A 44 ? 0.6133 0.3966 0.8894 -0.1032 0.0351  -0.1809 55  GLU A CA    
338 C C     . GLU A 44 ? 0.6498 0.4795 0.8769 -0.1301 0.0179  -0.1937 55  GLU A C     
339 O O     . GLU A 44 ? 0.5992 0.4347 0.8392 -0.1545 0.0082  -0.1945 55  GLU A O     
340 C CB    . GLU A 44 ? 0.6100 0.3912 0.9172 -0.0924 0.0240  -0.1300 55  GLU A CB    
341 C CG    . GLU A 44 ? 0.7325 0.4553 1.0980 -0.0802 0.0347  -0.1160 55  GLU A CG    
342 C CD    . GLU A 44 ? 0.7138 0.4445 1.0910 -0.0601 0.0226  -0.0586 55  GLU A CD    
343 O OE1   . GLU A 44 ? 0.7287 0.5038 1.0765 -0.0661 0.0102  -0.0339 55  GLU A OE1   
344 O OE2   . GLU A 44 ? 0.8430 0.5460 1.2518 -0.0376 0.0245  -0.0382 55  GLU A OE2   
345 N N     . ASP A 45 ? 0.6031 0.4665 0.7784 -0.1277 0.0124  -0.2013 56  ASP A N     
346 C CA    . ASP A 45 ? 0.6433 0.5549 0.7723 -0.1483 -0.0112 -0.2039 56  ASP A CA    
347 C C     . ASP A 45 ? 0.6402 0.5880 0.7902 -0.1445 -0.0339 -0.1665 56  ASP A C     
348 O O     . ASP A 45 ? 0.5830 0.5662 0.7280 -0.1667 -0.0536 -0.1713 56  ASP A O     
349 C CB    . ASP A 45 ? 0.6294 0.5363 0.7380 -0.1871 -0.0100 -0.2518 56  ASP A CB    
350 C CG    . ASP A 45 ? 0.7908 0.6591 0.8871 -0.1926 0.0210  -0.2983 56  ASP A CG    
351 O OD1   . ASP A 45 ? 0.8606 0.6939 0.9835 -0.2022 0.0369  -0.3235 56  ASP A OD1   
352 O OD2   . ASP A 45 ? 0.9147 0.7931 0.9726 -0.1811 0.0303  -0.2997 56  ASP A OD2   
353 N N     . ARG A 46 ? 0.4498 0.3945 0.6251 -0.1171 -0.0305 -0.1312 57  ARG A N     
354 C CA    . ARG A 46 ? 0.4884 0.4713 0.6820 -0.1114 -0.0449 -0.0993 57  ARG A CA    
355 C C     . ARG A 46 ? 0.4467 0.4655 0.6159 -0.0887 -0.0583 -0.0793 57  ARG A C     
356 O O     . ARG A 46 ? 0.4283 0.4893 0.6111 -0.0859 -0.0726 -0.0631 57  ARG A O     
357 C CB    . ARG A 46 ? 0.4419 0.3997 0.6731 -0.1014 -0.0320 -0.0738 57  ARG A CB    
358 C CG    . ARG A 46 ? 0.5340 0.4724 0.8003 -0.1294 -0.0263 -0.0785 57  ARG A CG    
359 C CD    . ARG A 46 ? 0.5438 0.5371 0.8226 -0.1488 -0.0395 -0.0728 57  ARG A CD    
360 N NE    . ARG A 46 ? 0.6918 0.6902 1.0010 -0.1528 -0.0305 -0.0417 57  ARG A NE    
361 C CZ    . ARG A 46 ? 0.5962 0.6517 0.9195 -0.1562 -0.0347 -0.0264 57  ARG A CZ    
362 N NH1   . ARG A 46 ? 0.5420 0.6534 0.8612 -0.1505 -0.0517 -0.0360 57  ARG A NH1   
363 N NH2   . ARG A 46 ? 0.8503 0.9077 1.1945 -0.1658 -0.0208 0.0002  57  ARG A NH2   
364 N N     . VAL A 47 ? 0.3701 0.3734 0.5105 -0.0735 -0.0524 -0.0816 58  VAL A N     
365 C CA    . VAL A 47 ? 0.3704 0.3979 0.4862 -0.0563 -0.0650 -0.0648 58  VAL A CA    
366 C C     . VAL A 47 ? 0.5279 0.5438 0.5963 -0.0649 -0.0624 -0.0820 58  VAL A C     
367 O O     . VAL A 47 ? 0.5011 0.4912 0.5603 -0.0789 -0.0451 -0.1097 58  VAL A O     
368 C CB    . VAL A 47 ? 0.3386 0.3601 0.4690 -0.0290 -0.0570 -0.0429 58  VAL A CB    
369 C CG1   . VAL A 47 ? 0.3622 0.4003 0.5274 -0.0249 -0.0568 -0.0261 58  VAL A CG1   
370 C CG2   . VAL A 47 ? 0.3277 0.3129 0.4587 -0.0215 -0.0375 -0.0513 58  VAL A CG2   
371 N N     . SER A 48 ? 0.4968 0.5309 0.5356 -0.0576 -0.0777 -0.0656 59  SER A N     
372 C CA    . SER A 48 ? 0.5206 0.5447 0.5061 -0.0680 -0.0732 -0.0740 59  SER A CA    
373 C C     . SER A 48 ? 0.5041 0.5208 0.4830 -0.0471 -0.0706 -0.0505 59  SER A C     
374 O O     . SER A 48 ? 0.4346 0.4585 0.4452 -0.0254 -0.0783 -0.0297 59  SER A O     
375 C CB    . SER A 48 ? 0.6010 0.6515 0.5422 -0.0906 -0.0994 -0.0745 59  SER A CB    
376 O OG    . SER A 48 ? 0.7294 0.8145 0.7005 -0.0814 -0.1291 -0.0518 59  SER A OG    
377 N N     . SER A 49 ? 0.5218 0.5248 0.4589 -0.0569 -0.0570 -0.0569 60  SER A N     
378 C CA    . SER A 49 ? 0.5038 0.4967 0.4340 -0.0436 -0.0527 -0.0360 60  SER A CA    
379 C C     . SER A 49 ? 0.6179 0.6132 0.4848 -0.0615 -0.0644 -0.0212 60  SER A C     
380 O O     . SER A 49 ? 0.6863 0.6731 0.5105 -0.0817 -0.0433 -0.0353 60  SER A O     
381 C CB    . SER A 49 ? 0.5499 0.5252 0.5006 -0.0385 -0.0209 -0.0527 60  SER A CB    
382 O OG    . SER A 49 ? 0.5606 0.5296 0.5189 -0.0254 -0.0195 -0.0330 60  SER A OG    
383 N N     . PRO A 50 ? 0.5573 0.5652 0.4188 -0.0545 -0.0975 0.0093  61  PRO A N     
384 C CA    . PRO A 50 ? 0.6397 0.6493 0.4371 -0.0727 -0.1164 0.0326  61  PRO A CA    
385 C C     . PRO A 50 ? 0.6642 0.6463 0.4360 -0.0743 -0.1008 0.0515  61  PRO A C     
386 O O     . PRO A 50 ? 0.6711 0.6487 0.3792 -0.0952 -0.1095 0.0729  61  PRO A O     
387 C CB    . PRO A 50 ? 0.5902 0.6203 0.4151 -0.0550 -0.1582 0.0636  61  PRO A CB    
388 C CG    . PRO A 50 ? 0.5167 0.5423 0.4159 -0.0234 -0.1487 0.0612  61  PRO A CG    
389 C CD    . PRO A 50 ? 0.5616 0.5849 0.4779 -0.0295 -0.1188 0.0251  61  PRO A CD    
390 N N     . GLU A 51 ? 0.5779 0.5434 0.3961 -0.0557 -0.0795 0.0460  62  GLU A N     
391 C CA    . GLU A 51 ? 0.6481 0.5884 0.4591 -0.0566 -0.0645 0.0621  62  GLU A CA    
392 C C     . GLU A 51 ? 0.6303 0.5671 0.4911 -0.0453 -0.0352 0.0363  62  GLU A C     
393 O O     . GLU A 51 ? 0.5449 0.4930 0.4519 -0.0277 -0.0368 0.0207  62  GLU A O     
394 C CB    . GLU A 51 ? 0.5642 0.4880 0.3968 -0.0362 -0.0912 0.0990  62  GLU A CB    
395 C CG    . GLU A 51 ? 0.8251 0.7386 0.6114 -0.0463 -0.1183 0.1387  62  GLU A CG    
396 C CD    . GLU A 51 ? 1.0661 0.9606 0.9035 -0.0166 -0.1404 0.1654  62  GLU A CD    
397 O OE1   . GLU A 51 ? 1.0837 0.9464 0.9371 -0.0137 -0.1238 0.1703  62  GLU A OE1   
398 O OE2   . GLU A 51 ? 0.9141 0.8274 0.7824 0.0030  -0.1715 0.1768  62  GLU A OE2   
399 N N     . PRO A 52 ? 0.6505 0.5747 0.5062 -0.0557 -0.0106 0.0350  63  PRO A N     
400 C CA    . PRO A 52 ? 0.5336 0.4619 0.4447 -0.0439 0.0110  0.0133  63  PRO A CA    
401 C C     . PRO A 52 ? 0.5176 0.4436 0.4788 -0.0164 -0.0068 0.0210  63  PRO A C     
402 O O     . PRO A 52 ? 0.4677 0.3782 0.4292 -0.0081 -0.0249 0.0437  63  PRO A O     
403 C CB    . PRO A 52 ? 0.6206 0.5393 0.5165 -0.0639 0.0357  0.0169  63  PRO A CB    
404 C CG    . PRO A 52 ? 0.7145 0.6115 0.5555 -0.0782 0.0195  0.0529  63  PRO A CG    
405 C CD    . PRO A 52 ? 0.6187 0.5262 0.4211 -0.0799 -0.0039 0.0577  63  PRO A CD    
406 N N     . ALA A 53 ? 0.4094 0.3505 0.4126 -0.0029 -0.0016 0.0015  64  ALA A N     
407 C CA    . ALA A 53 ? 0.3441 0.2914 0.3878 0.0187  -0.0142 0.0031  64  ALA A CA    
408 C C     . ALA A 53 ? 0.3808 0.3297 0.4210 0.0299  -0.0373 0.0171  64  ALA A C     
409 O O     . ALA A 53 ? 0.3287 0.2794 0.3942 0.0451  -0.0455 0.0199  64  ALA A O     
410 C CB    . ALA A 53 ? 0.4568 0.3970 0.5224 0.0214  -0.0098 0.0044  64  ALA A CB    
411 N N     . THR A 54 ? 0.3974 0.3507 0.4098 0.0215  -0.0472 0.0224  65  THR A N     
412 C CA    . THR A 54 ? 0.3437 0.3077 0.3618 0.0315  -0.0711 0.0358  65  THR A CA    
413 C C     . THR A 54 ? 0.4566 0.4423 0.4745 0.0242  -0.0750 0.0238  65  THR A C     
414 O O     . THR A 54 ? 0.4063 0.3898 0.3956 0.0056  -0.0658 0.0113  65  THR A O     
415 C CB    . THR A 54 ? 0.4503 0.4013 0.4363 0.0254  -0.0881 0.0606  65  THR A CB    
416 O OG1   . THR A 54 ? 0.4998 0.4221 0.4854 0.0262  -0.0798 0.0712  65  THR A OG1   
417 C CG2   . THR A 54 ? 0.4366 0.4027 0.4479 0.0425  -0.1158 0.0760  65  THR A CG2   
418 N N     . TRP A 55 ? 0.3009 0.3076 0.3517 0.0364  -0.0860 0.0246  66  TRP A N     
419 C CA    . TRP A 55 ? 0.2911 0.3155 0.3529 0.0275  -0.0850 0.0117  66  TRP A CA    
420 C C     . TRP A 55 ? 0.3224 0.3777 0.4037 0.0303  -0.1067 0.0195  66  TRP A C     
421 O O     . TRP A 55 ? 0.3066 0.3733 0.4133 0.0484  -0.1173 0.0314  66  TRP A O     
422 C CB    . TRP A 55 ? 0.3136 0.3376 0.4054 0.0348  -0.0691 0.0036  66  TRP A CB    
423 C CG    . TRP A 55 ? 0.3244 0.3270 0.4100 0.0341  -0.0522 -0.0036 66  TRP A CG    
424 C CD1   . TRP A 55 ? 0.3818 0.3758 0.4711 0.0434  -0.0469 0.0001  66  TRP A CD1   
425 C CD2   . TRP A 55 ? 0.3110 0.3007 0.3944 0.0231  -0.0376 -0.0192 66  TRP A CD2   
426 N NE1   . TRP A 55 ? 0.3028 0.2861 0.3953 0.0387  -0.0311 -0.0103 66  TRP A NE1   
427 C CE2   . TRP A 55 ? 0.3302 0.3099 0.4217 0.0286  -0.0241 -0.0226 66  TRP A CE2   
428 C CE3   . TRP A 55 ? 0.2889 0.2745 0.3707 0.0087  -0.0335 -0.0341 66  TRP A CE3   
429 C CZ2   . TRP A 55 ? 0.4425 0.4122 0.5471 0.0241  -0.0062 -0.0395 66  TRP A CZ2   
430 C CZ3   . TRP A 55 ? 0.3460 0.3135 0.4365 0.0037  -0.0140 -0.0534 66  TRP A CZ3   
431 C CH2   . TRP A 55 ? 0.3559 0.3174 0.4606 0.0133  -0.0002 -0.0554 66  TRP A CH2   
432 N N     . SER A 56 ? 0.3065 0.3772 0.3830 0.0121  -0.1127 0.0095  67  SER A N     
433 C CA    . SER A 56 ? 0.3087 0.4186 0.4125 0.0115  -0.1347 0.0148  67  SER A CA    
434 C C     . SER A 56 ? 0.3106 0.4326 0.4257 -0.0104 -0.1292 -0.0035 67  SER A C     
435 O O     . SER A 56 ? 0.3593 0.4532 0.4569 -0.0238 -0.1110 -0.0197 67  SER A O     
436 C CB    . SER A 56 ? 0.3761 0.4971 0.4538 0.0079  -0.1644 0.0309  67  SER A CB    
437 O OG    . SER A 56 ? 0.4693 0.5779 0.4914 -0.0191 -0.1641 0.0197  67  SER A OG    
438 N N     . ILE A 57 ? 0.3507 0.5145 0.5037 -0.0139 -0.1439 -0.0022 68  ILE A N     
439 C CA    . ILE A 57 ? 0.3147 0.4896 0.4838 -0.0393 -0.1393 -0.0191 68  ILE A CA    
440 C C     . ILE A 57 ? 0.4647 0.6357 0.5918 -0.0663 -0.1534 -0.0350 68  ILE A C     
441 O O     . ILE A 57 ? 0.4529 0.6516 0.5630 -0.0696 -0.1827 -0.0266 68  ILE A O     
442 C CB    . ILE A 57 ? 0.2994 0.5284 0.5266 -0.0396 -0.1487 -0.0150 68  ILE A CB    
443 C CG1   . ILE A 57 ? 0.4634 0.6924 0.7228 -0.0282 -0.1225 -0.0101 68  ILE A CG1   
444 C CG2   . ILE A 57 ? 0.3238 0.5677 0.5627 -0.0738 -0.1526 -0.0329 68  ILE A CG2   
445 C CD1   . ILE A 57 ? 0.3626 0.5524 0.6113 -0.0451 -0.0989 -0.0164 68  ILE A CD1   
446 N N     . GLY A 58 ? 0.5717 0.7079 0.6816 -0.0858 -0.1333 -0.0584 69  GLY A N     
447 C CA    . GLY A 58 ? 0.5802 0.7053 0.6406 -0.1126 -0.1375 -0.0827 69  GLY A CA    
448 C C     . GLY A 58 ? 0.6049 0.6813 0.6559 -0.1250 -0.1061 -0.1125 69  GLY A C     
449 O O     . GLY A 58 ? 0.6997 0.7693 0.7297 -0.1548 -0.1043 -0.1449 69  GLY A O     
450 P P     A DC  B 1  ? 0.5795 0.4564 0.6482 -0.0365 -0.0928 0.2086  201 DC  C P     
451 O OP1   A DC  B 1  ? 0.6041 0.4531 0.6924 -0.0271 -0.0938 0.2273  201 DC  C OP1   
452 O OP2   A DC  B 1  ? 0.6335 0.5132 0.6895 -0.0511 -0.0818 0.1860  201 DC  C OP2   
453 O "O5'" A DC  B 1  ? 0.6824 0.5689 0.7660 -0.0187 -0.0944 0.1899  201 DC  C "O5'" 
454 C "C5'" A DC  B 1  ? 0.5701 0.4448 0.6787 -0.0001 -0.0982 0.1975  201 DC  C "C5'" 
455 C "C4'" A DC  B 1  ? 0.4929 0.3730 0.6137 0.0130  -0.0957 0.1735  201 DC  C "C4'" 
456 O "O4'" A DC  B 1  ? 0.5324 0.4100 0.6475 0.0069  -0.0858 0.1471  201 DC  C "O4'" 
457 C "C3'" A DC  B 1  ? 0.5094 0.3706 0.6598 0.0303  -0.0942 0.1741  201 DC  C "C3'" 
458 O "O3'" A DC  B 1  ? 0.4771 0.3513 0.6348 0.0414  -0.0966 0.1612  201 DC  C "O3'" 
459 C "C2'" A DC  B 1  ? 0.4968 0.3371 0.6535 0.0268  -0.0820 0.1565  201 DC  C "C2'" 
460 C "C1'" A DC  B 1  ? 0.5035 0.3620 0.6406 0.0177  -0.0792 0.1343  201 DC  C "C1'" 
461 N N1    A DC  B 1  ? 0.4967 0.3448 0.6310 0.0079  -0.0688 0.1177  201 DC  C N1    
462 C C2    A DC  B 1  ? 0.4616 0.2985 0.6114 0.0147  -0.0614 0.0970  201 DC  C C2    
463 O O2    A DC  B 1  ? 0.4511 0.2858 0.6158 0.0283  -0.0631 0.0929  201 DC  C O2    
464 N N3    A DC  B 1  ? 0.4640 0.2948 0.6119 0.0053  -0.0525 0.0815  201 DC  C N3    
465 C C4    A DC  B 1  ? 0.4928 0.3276 0.6249 -0.0104 -0.0499 0.0852  201 DC  C C4    
466 N N4    A DC  B 1  ? 0.4782 0.3090 0.6104 -0.0198 -0.0406 0.0682  201 DC  C N4    
467 C C5    A DC  B 1  ? 0.4924 0.3375 0.6075 -0.0184 -0.0566 0.1059  201 DC  C C5    
468 C C6    A DC  B 1  ? 0.4980 0.3496 0.6145 -0.0089 -0.0662 0.1217  201 DC  C C6    
469 P P     A DA  B 2  ? 0.5016 0.3959 0.6620 0.0491  -0.1083 0.1776  202 DA  C P     
470 O OP1   A DA  B 2  ? 0.4933 0.3836 0.6552 0.0468  -0.1155 0.2076  202 DA  C OP1   
471 O OP2   A DA  B 2  ? 0.5239 0.4176 0.7054 0.0644  -0.1071 0.1652  202 DA  C OP2   
472 O "O5'" A DA  B 2  ? 0.4686 0.3893 0.5997 0.0369  -0.1119 0.1714  202 DA  C "O5'" 
473 C "C5'" A DA  B 2  ? 0.4767 0.4043 0.5984 0.0358  -0.1071 0.1458  202 DA  C "C5'" 
474 C "C4'" A DA  B 2  ? 0.4790 0.4292 0.5740 0.0230  -0.1104 0.1447  202 DA  C "C4'" 
475 O "O4'" A DA  B 2  ? 0.5148 0.4640 0.5953 0.0080  -0.1088 0.1545  202 DA  C "O4'" 
476 C "C3'" A DA  B 2  ? 0.4826 0.4389 0.5658 0.0209  -0.1058 0.1192  202 DA  C "C3'" 
477 O "O3'" A DA  B 2  ? 0.4618 0.4316 0.5437 0.0273  -0.1104 0.1157  202 DA  C "O3'" 
478 C "C2'" A DA  B 2  ? 0.5005 0.4686 0.5603 0.0040  -0.1040 0.1178  202 DA  C "C2'" 
479 C "C1'" A DA  B 2  ? 0.4646 0.4251 0.5249 -0.0041 -0.1044 0.1379  202 DA  C "C1'" 
480 N N9    A DA  B 2  ? 0.5205 0.4666 0.5812 -0.0110 -0.0957 0.1282  202 DA  C N9    
481 C C8    A DA  B 2  ? 0.4765 0.4253 0.5224 -0.0277 -0.0923 0.1331  202 DA  C C8    
482 N N7    A DA  B 2  ? 0.4851 0.4202 0.5361 -0.0313 -0.0838 0.1211  202 DA  C N7    
483 C C5    A DA  B 2  ? 0.4861 0.4089 0.5560 -0.0159 -0.0819 0.1081  202 DA  C C5    
484 C C6    A DA  B 2  ? 0.4682 0.3759 0.5510 -0.0124 -0.0741 0.0915  202 DA  C C6    
485 N N6    A DA  B 2  ? 0.4421 0.3448 0.5215 -0.0243 -0.0664 0.0848  202 DA  C N6    
486 N N1    A DA  B 2  ? 0.4374 0.3373 0.5363 0.0023  -0.0741 0.0812  202 DA  C N1    
487 C C2    A DA  B 2  ? 0.4540 0.3602 0.5561 0.0129  -0.0810 0.0869  202 DA  C C2    
488 N N3    A DA  B 2  ? 0.4886 0.4094 0.5807 0.0113  -0.0886 0.1018  202 DA  C N3    
489 C C4    A DA  B 2  ? 0.4851 0.4138 0.5608 -0.0034 -0.0889 0.1122  202 DA  C C4    
490 P P     A DC  B 3  ? 0.4221 0.3839 0.5137 0.0389  -0.1070 0.0951  203 DC  C P     
491 O OP1   A DC  B 3  ? 0.3734 0.3500 0.4618 0.0430  -0.1119 0.0949  203 DC  C OP1   
492 O OP2   A DC  B 3  ? 0.4307 0.3723 0.5453 0.0474  -0.1030 0.0962  203 DC  C OP2   
493 O "O5'" A DC  B 3  ? 0.4259 0.3859 0.5017 0.0321  -0.1016 0.0741  203 DC  C "O5'" 
494 C "C5'" A DC  B 3  ? 0.4076 0.3711 0.4746 0.0350  -0.1013 0.0570  203 DC  C "C5'" 
495 C "C4'" A DC  B 3  ? 0.4145 0.3667 0.4820 0.0358  -0.0959 0.0377  203 DC  C "C4'" 
496 O "O4'" A DC  B 3  ? 0.4029 0.3576 0.4627 0.0254  -0.0926 0.0367  203 DC  C "O4'" 
497 C "C3'" A DC  B 3  ? 0.3790 0.3146 0.4664 0.0437  -0.0922 0.0335  203 DC  C "C3'" 
498 O "O3'" A DC  B 3  ? 0.3769 0.3071 0.4625 0.0471  -0.0900 0.0141  203 DC  C "O3'" 
499 C "C2'" A DC  B 3  ? 0.4004 0.3303 0.4920 0.0366  -0.0883 0.0399  203 DC  C "C2'" 
500 C "C1'" A DC  B 3  ? 0.4007 0.3420 0.4739 0.0268  -0.0877 0.0316  203 DC  C "C1'" 
501 N N1    A DC  B 3  ? 0.4122 0.3553 0.4815 0.0152  -0.0844 0.0389  203 DC  C N1    
502 C C2    A DC  B 3  ? 0.4193 0.3527 0.4968 0.0124  -0.0783 0.0299  203 DC  C C2    
503 O O2    A DC  B 3  ? 0.4039 0.3285 0.4923 0.0201  -0.0761 0.0166  203 DC  C O2    
504 N N3    A DC  B 3  ? 0.4424 0.3776 0.5152 0.0000  -0.0744 0.0358  203 DC  C N3    
505 C C4    A DC  B 3  ? 0.4717 0.4177 0.5309 -0.0097 -0.0771 0.0506  203 DC  C C4    
506 N N4    A DC  B 3  ? 0.4523 0.3996 0.5050 -0.0236 -0.0728 0.0558  203 DC  C N4    
507 C C5    A DC  B 3  ? 0.4223 0.3795 0.4729 -0.0069 -0.0840 0.0600  203 DC  C C5    
508 C C6    A DC  B 3  ? 0.4188 0.3740 0.4754 0.0057  -0.0873 0.0535  203 DC  C C6    
509 P P     A DG  B 4  ? 0.3292 0.2542 0.4201 0.0563  -0.0910 0.0054  204 DG  C P     
510 O OP1   A DG  B 4  ? 0.3766 0.2988 0.4848 0.0619  -0.0909 0.0174  204 DG  C OP1   
511 O OP2   A DG  B 4  ? 0.4213 0.3383 0.5127 0.0577  -0.0882 -0.0126 204 DG  C OP2   
512 O "O5'" A DG  B 4  ? 0.3148 0.2512 0.3866 0.0548  -0.0956 0.0042  204 DG  C "O5'" 
513 C "C5'" A DG  B 4  ? 0.3902 0.3299 0.4450 0.0504  -0.0964 -0.0060 204 DG  C "C5'" 
514 C "C4'" A DG  B 4  ? 0.3889 0.3388 0.4272 0.0472  -0.0998 -0.0029 204 DG  C "C4'" 
515 O "O4'" A DG  B 4  ? 0.3649 0.3268 0.4032 0.0415  -0.1012 0.0136  204 DG  C "O4'" 
516 C "C3'" A DG  B 4  ? 0.4055 0.3571 0.4267 0.0429  -0.0997 -0.0139 204 DG  C "C3'" 
517 O "O3'" A DG  B 4  ? 0.4325 0.3753 0.4468 0.0482  -0.1013 -0.0260 204 DG  C "O3'" 
518 C "C2'" A DG  B 4  ? 0.4070 0.3725 0.4150 0.0348  -0.1009 -0.0051 204 DG  C "C2'" 
519 C "C1'" A DG  B 4  ? 0.4038 0.3769 0.4234 0.0333  -0.1021 0.0130  204 DG  C "C1'" 
520 N N9    A DG  B 4  ? 0.4196 0.4003 0.4378 0.0243  -0.1006 0.0214  204 DG  C N9    
521 C C8    A DG  B 4  ? 0.4036 0.3992 0.4147 0.0156  -0.1028 0.0362  204 DG  C C8    
522 N N7    A DG  B 4  ? 0.4284 0.4274 0.4383 0.0070  -0.1006 0.0415  204 DG  C N7    
523 C C5    A DG  B 4  ? 0.4252 0.4111 0.4430 0.0108  -0.0963 0.0286  204 DG  C C5    
524 C C6    A DG  B 4  ? 0.3904 0.3743 0.4108 0.0040  -0.0917 0.0261  204 DG  C C6    
525 O O6    A DG  B 4  ? 0.3877 0.3800 0.4020 -0.0076 -0.0902 0.0355  204 DG  C O6    
526 N N1    A DG  B 4  ? 0.4196 0.3919 0.4498 0.0107  -0.0886 0.0107  204 DG  C N1    
527 C C2    A DG  B 4  ? 0.4116 0.3747 0.4467 0.0221  -0.0903 0.0001  204 DG  C C2    
528 N N2    A DG  B 4  ? 0.3838 0.3388 0.4275 0.0263  -0.0878 -0.0136 204 DG  C N2    
529 N N3    A DG  B 4  ? 0.3968 0.3601 0.4279 0.0276  -0.0943 0.0027  204 DG  C N3    
530 C C4    A DG  B 4  ? 0.4031 0.3783 0.4264 0.0216  -0.0968 0.0166  204 DG  C C4    
531 P P     A DC  B 5  ? 0.4397 0.3739 0.4520 0.0513  -0.1013 -0.0414 205 DC  C P     
532 O OP1   A DC  B 5  ? 0.4542 0.3792 0.4557 0.0558  -0.1045 -0.0492 205 DC  C OP1   
533 O OP2   A DC  B 5  ? 0.4236 0.3552 0.4531 0.0531  -0.0989 -0.0430 205 DC  C OP2   
534 O "O5'" A DC  B 5  ? 0.4473 0.3894 0.4493 0.0448  -0.1002 -0.0441 205 DC  C "O5'" 
535 C "C5'" A DC  B 5  ? 0.4557 0.3929 0.4494 0.0471  -0.1014 -0.0569 205 DC  C "C5'" 
536 C "C4'" A DC  B 5  ? 0.4859 0.4278 0.4895 0.0460  -0.0989 -0.0646 205 DC  C "C4'" 
537 O "O4'" A DC  B 5  ? 0.4347 0.3892 0.4358 0.0361  -0.0946 -0.0598 205 DC  C "O4'" 
538 C "C3'" A DC  B 5  ? 0.4467 0.3876 0.4673 0.0481  -0.0977 -0.0643 205 DC  C "C3'" 
539 O "O3'" A DC  B 5  ? 0.4097 0.3520 0.4377 0.0506  -0.0976 -0.0771 205 DC  C "O3'" 
540 C "C2'" A DC  B 5  ? 0.4428 0.3926 0.4677 0.0394  -0.0934 -0.0524 205 DC  C "C2'" 
541 C "C1'" A DC  B 5  ? 0.4503 0.4098 0.4641 0.0321  -0.0914 -0.0557 205 DC  C "C1'" 
542 N N1    A DC  B 5  ? 0.4449 0.4150 0.4537 0.0213  -0.0888 -0.0423 205 DC  C N1    
543 C C2    A DC  B 5  ? 0.4408 0.4193 0.4543 0.0122  -0.0841 -0.0410 205 DC  C C2    
544 O O2    A DC  B 5  ? 0.4596 0.4374 0.4827 0.0135  -0.0815 -0.0524 205 DC  C O2    
545 N N3    A DC  B 5  ? 0.4280 0.4163 0.4343 0.0012  -0.0826 -0.0273 205 DC  C N3    
546 C C4    A DC  B 5  ? 0.4392 0.4311 0.4363 0.0001  -0.0862 -0.0155 205 DC  C C4    
547 N N4    A DC  B 5  ? 0.3957 0.3994 0.3856 -0.0112 -0.0858 -0.0012 205 DC  C N4    
548 C C5    A DC  B 5  ? 0.4295 0.4143 0.4235 0.0095  -0.0903 -0.0181 205 DC  C C5    
549 C C6    A DC  B 5  ? 0.4320 0.4049 0.4310 0.0195  -0.0912 -0.0313 205 DC  C C6    
550 P P     A DA  B 6  ? 0.4641 0.3979 0.4939 0.0602  -0.1031 -0.0884 206 DA  C P     
551 O OP1   A DA  B 6  ? 0.4625 0.3879 0.4940 0.0628  -0.1042 -0.0832 206 DA  C OP1   
552 O OP2   A DA  B 6  ? 0.5285 0.4700 0.5707 0.0607  -0.1022 -0.0997 206 DA  C OP2   
553 O "O5'" A DA  B 6  ? 0.4152 0.3429 0.4287 0.0639  -0.1074 -0.0920 206 DA  C "O5'" 
554 C "C5'" A DA  B 6  ? 0.4946 0.4275 0.5074 0.0636  -0.1067 -0.1003 206 DA  C "C5'" 
555 C "C4'" A DA  B 6  ? 0.5577 0.4812 0.5532 0.0654  -0.1092 -0.1007 206 DA  C "C4'" 
556 O "O4'" A DA  B 6  ? 0.5427 0.4641 0.5263 0.0598  -0.1075 -0.0893 206 DA  C "O4'" 
557 C "C3'" A DA  B 6  ? 0.5663 0.4955 0.5601 0.0622  -0.1053 -0.1077 206 DA  C "C3'" 
558 O "O3'" A DA  B 6  ? 0.6602 0.5860 0.6610 0.0713  -0.1095 -0.1198 206 DA  C "O3'" 
559 C "C2'" A DA  B 6  ? 0.5255 0.4473 0.4999 0.0580  -0.1043 -0.1023 206 DA  C "C2'" 
560 C "C1'" A DA  B 6  ? 0.5477 0.4677 0.5171 0.0556  -0.1055 -0.0898 206 DA  C "C1'" 
561 N N9    A DA  B 6  ? 0.5435 0.4755 0.5097 0.0452  -0.1007 -0.0797 206 DA  C N9    
562 C C8    A DA  B 6  ? 0.5186 0.4507 0.4740 0.0411  -0.1008 -0.0700 206 DA  C C8    
563 N N7    A DA  B 6  ? 0.4796 0.4260 0.4354 0.0320  -0.0975 -0.0608 206 DA  C N7    
564 C C5    A DA  B 6  ? 0.4985 0.4530 0.4642 0.0290  -0.0942 -0.0647 206 DA  C C5    
565 C C6    A DA  B 6  ? 0.4890 0.4587 0.4576 0.0185  -0.0899 -0.0582 206 DA  C C6    
566 N N6    A DA  B 6  ? 0.4459 0.4261 0.4080 0.0102  -0.0897 -0.0447 206 DA  C N6    
567 N N1    A DA  B 6  ? 0.4796 0.4547 0.4579 0.0163  -0.0864 -0.0660 206 DA  C N1    
568 C C2    A DA  B 6  ? 0.4903 0.4578 0.4769 0.0253  -0.0876 -0.0794 206 DA  C C2    
569 N N3    A DA  B 6  ? 0.4959 0.4496 0.4813 0.0363  -0.0929 -0.0852 206 DA  C N3    
570 C C4    A DA  B 6  ? 0.5039 0.4506 0.4773 0.0371  -0.0956 -0.0771 206 DA  C C4    
571 P P     B U   C 1  ? 0.3544 0.4844 0.8586 -0.0450 0.0168  -0.0257 1   U   B P     
572 O OP1   B U   C 1  ? 0.3519 0.4946 0.8503 -0.0417 0.0030  -0.0525 1   U   B OP1   
573 O OP2   B U   C 1  ? 0.3632 0.4911 0.8739 -0.0459 0.0344  -0.0339 1   U   B OP2   
574 O "O5'" B U   C 1  ? 0.2809 0.3959 0.7913 -0.0346 0.0127  -0.0112 1   U   B "O5'" 
575 C "C5'" B U   C 1  ? 0.3244 0.4300 0.8144 -0.0280 -0.0041 -0.0066 1   U   B "C5'" 
576 C "C4'" B U   C 1  ? 0.3165 0.4066 0.7994 -0.0132 -0.0075 -0.0101 1   U   B "C4'" 
577 O "O4'" B U   C 1  ? 0.2274 0.3248 0.7054 -0.0028 -0.0109 -0.0414 1   U   B "O4'" 
578 C "C3'" B U   C 1  ? 0.2787 0.3599 0.7793 -0.0130 0.0073  0.0047  1   U   B "C3'" 
579 O "O3'" B U   C 1  ? 0.2982 0.3624 0.7857 -0.0036 0.0007  0.0118  1   U   B "O3'" 
580 C "C2'" B U   C 1  ? 0.3172 0.4078 0.8278 -0.0097 0.0176  -0.0225 1   U   B "C2'" 
581 O "O2'" B U   C 1  ? 0.3178 0.3999 0.8389 -0.0063 0.0299  -0.0214 1   U   B "O2'" 
582 C "C1'" B U   C 1  ? 0.2858 0.3814 0.7750 0.0013  0.0009  -0.0471 1   U   B "C1'" 
583 N N1    B U   C 1  ? 0.2438 0.3578 0.7393 0.0032  0.0050  -0.0781 1   U   B N1    
584 C C2    B U   C 1  ? 0.2273 0.3436 0.7252 0.0097  0.0106  -0.0928 1   U   B C2    
585 O O2    B U   C 1  ? 0.2746 0.3773 0.7690 0.0136  0.0130  -0.0817 1   U   B O2    
586 N N3    B U   C 1  ? 0.2523 0.3896 0.7568 0.0103  0.0141  -0.1226 1   U   B N3    
587 C C4    B U   C 1  ? 0.2445 0.3994 0.7545 0.0054  0.0135  -0.1396 1   U   B C4    
588 O O4    B U   C 1  ? 0.2028 0.3720 0.7105 0.0057  0.0170  -0.1658 1   U   B O4    
589 C C5    B U   C 1  ? 0.2736 0.4233 0.7798 -0.0016 0.0082  -0.1233 1   U   B C5    
590 C C6    B U   C 1  ? 0.2744 0.4052 0.7734 -0.0028 0.0040  -0.0937 1   U   B C6    
591 P P     B G   C 2  ? 0.3266 0.3773 0.8157 -0.0075 0.0005  0.0447  2   G   B P     
592 O OP1   B G   C 2  ? 0.3138 0.3735 0.8274 -0.0196 0.0121  0.0657  2   G   B OP1   
593 O OP2   B G   C 2  ? 0.2933 0.3285 0.7780 0.0011  0.0031  0.0449  2   G   B OP2   
594 O "O5'" B G   C 2  ? 0.3360 0.3839 0.8010 -0.0080 -0.0177 0.0484  2   G   B "O5'" 
595 C "C5'" B G   C 2  ? 0.2952 0.3330 0.7361 0.0034  -0.0309 0.0324  2   G   B "C5'" 
596 C "C4'" B G   C 2  ? 0.3157 0.3579 0.7422 -0.0001 -0.0430 0.0265  2   G   B "C4'" 
597 O "O4'" B G   C 2  ? 0.3719 0.4345 0.8089 -0.0070 -0.0393 0.0118  2   G   B "O4'" 
598 C "C3'" B G   C 2  ? 0.3393 0.3700 0.7440 0.0130  -0.0565 0.0096  2   G   B "C3'" 
599 O "O3'" B G   C 2  ? 0.3327 0.3428 0.7216 0.0156  -0.0625 0.0255  2   G   B "O3'" 
600 C "C2'" B G   C 2  ? 0.3449 0.3889 0.7474 0.0073  -0.0619 -0.0053 2   G   B "C2'" 
601 O "O2'" B G   C 2  ? 0.3637 0.4026 0.7562 -0.0031 -0.0665 0.0087  2   G   B "O2'" 
602 C "C1'" B G   C 2  ? 0.3209 0.3865 0.7438 -0.0046 -0.0502 -0.0067 2   G   B "C1'" 
603 N N9    B G   C 2  ? 0.3308 0.4116 0.7616 0.0006  -0.0481 -0.0348 2   G   B N9    
604 C C8    B G   C 2  ? 0.3126 0.4119 0.7492 -0.0082 -0.0464 -0.0505 2   G   B C8    
605 N N7    B G   C 2  ? 0.3254 0.4374 0.7702 -0.0018 -0.0438 -0.0756 2   G   B N7    
606 C C5    B G   C 2  ? 0.3142 0.4167 0.7577 0.0116  -0.0441 -0.0759 2   G   B C5    
607 C C6    B G   C 2  ? 0.2842 0.3969 0.7339 0.0217  -0.0423 -0.0980 2   G   B C6    
608 O O6    B G   C 2  ? 0.3108 0.4434 0.7697 0.0217  -0.0400 -0.1228 2   G   B O6    
609 N N1    B G   C 2  ? 0.2667 0.3664 0.7101 0.0311  -0.0431 -0.0900 2   G   B N1    
610 C C2    B G   C 2  ? 0.2794 0.3575 0.7131 0.0313  -0.0446 -0.0647 2   G   B C2    
611 N N2    B G   C 2  ? 0.2918 0.3606 0.7198 0.0394  -0.0438 -0.0620 2   G   B N2    
612 N N3    B G   C 2  ? 0.3128 0.3815 0.7426 0.0226  -0.0462 -0.0442 2   G   B N3    
613 C C4    B G   C 2  ? 0.3101 0.3925 0.7448 0.0130  -0.0462 -0.0510 2   G   B C4    
614 P P     B C   C 3  ? 0.2853 0.2747 0.6589 0.0304  -0.0668 0.0244  3   C   B P     
615 O OP1   B C   C 3  ? 0.2820 0.2507 0.6396 0.0283  -0.0718 0.0422  3   C   B OP1   
616 O OP2   B C   C 3  ? 0.3730 0.3678 0.7605 0.0320  -0.0556 0.0236  3   C   B OP2   
617 O "O5'" B C   C 3  ? 0.3041 0.2946 0.6663 0.0446  -0.0781 -0.0003 3   C   B "O5'" 
618 C "C5'" B C   C 3  ? 0.3296 0.2991 0.6701 0.0572  -0.0894 -0.0009 3   C   B "C5'" 
619 C "C4'" B C   C 3  ? 0.2892 0.2650 0.6260 0.0737  -0.0968 -0.0211 3   C   B "C4'" 
620 O "O4'" B C   C 3  ? 0.3006 0.2969 0.6498 0.0746  -0.0993 -0.0423 3   C   B "O4'" 
621 C "C3'" B C   C 3  ? 0.2828 0.2702 0.6268 0.0757  -0.0896 -0.0257 3   C   B "C3'" 
622 O "O3'" B C   C 3  ? 0.3107 0.2959 0.6403 0.0918  -0.1003 -0.0357 3   C   B "O3'" 
623 C "C2'" B C   C 3  ? 0.2990 0.3142 0.6651 0.0698  -0.0828 -0.0434 3   C   B "C2'" 
624 O "O2'" B C   C 3  ? 0.2975 0.3296 0.6713 0.0736  -0.0781 -0.0587 3   C   B "O2'" 
625 C "C1'" B C   C 3  ? 0.2728 0.2916 0.6354 0.0770  -0.0944 -0.0581 3   C   B "C1'" 
626 N N1    B C   C 3  ? 0.2925 0.3342 0.6730 0.0683  -0.0893 -0.0734 3   C   B N1    
627 C C2    B C   C 3  ? 0.2588 0.3237 0.6509 0.0739  -0.0882 -0.0964 3   C   B C2    
628 O O2    B C   C 3  ? 0.2614 0.3280 0.6480 0.0847  -0.0917 -0.1011 3   C   B O2    
629 N N3    B C   C 3  ? 0.2853 0.3717 0.6935 0.0657  -0.0827 -0.1130 3   C   B N3    
630 C C4    B C   C 3  ? 0.2884 0.3740 0.6997 0.0523  -0.0792 -0.1067 3   C   B C4    
631 N N4    B C   C 3  ? 0.2489 0.3560 0.6743 0.0433  -0.0733 -0.1237 3   C   B N4    
632 C C5    B C   C 3  ? 0.2696 0.3339 0.6686 0.0461  -0.0812 -0.0830 3   C   B C5    
633 C C6    B C   C 3  ? 0.2969 0.3396 0.6816 0.0547  -0.0861 -0.0676 3   C   B C6    
634 P P     B G   C 4  ? 0.3377 0.3035 0.6467 0.0968  -0.1019 -0.0223 4   G   B P     
635 O OP1   B G   C 4  ? 0.3046 0.2706 0.6238 0.0834  -0.0859 -0.0113 4   G   B OP1   
636 O OP2   B G   C 4  ? 0.3335 0.3104 0.6333 0.1121  -0.1130 -0.0375 4   G   B OP2   
637 O "O5'" B G   C 4  ? 0.3345 0.2697 0.6242 0.0995  -0.1098 -0.0053 4   G   B "O5'" 
638 C "C5'" B G   C 4  ? 0.3528 0.2793 0.6319 0.1133  -0.1237 -0.0119 4   G   B "C5'" 
639 C "C4'" B G   C 4  ? 0.3648 0.2638 0.6323 0.1098  -0.1257 0.0021  4   G   B "C4'" 
640 O "O4'" B G   C 4  ? 0.3448 0.2519 0.6274 0.0928  -0.1166 0.0053  4   G   B "O4'" 
641 C "C3'" B G   C 4  ? 0.3848 0.2732 0.6465 0.1235  -0.1373 -0.0064 4   G   B "C3'" 
642 O "O3'" B G   C 4  ? 0.4140 0.2829 0.6512 0.1369  -0.1451 0.0013  4   G   B "O3'" 
643 C "C2'" B G   C 4  ? 0.3839 0.2586 0.6464 0.1108  -0.1326 -0.0001 4   G   B "C2'" 
644 O "O2'" B G   C 4  ? 0.4286 0.2713 0.6703 0.1093  -0.1326 0.0181  4   G   B "O2'" 
645 C "C1'" B G   C 4  ? 0.3550 0.2499 0.6333 0.0915  -0.1208 0.0042  4   G   B "C1'" 
646 N N9    B G   C 4  ? 0.3377 0.2569 0.6355 0.0836  -0.1177 -0.0108 4   G   B N9    
647 C C8    B G   C 4  ? 0.3265 0.2524 0.6315 0.0654  -0.1112 -0.0061 4   G   B C8    
648 N N7    B G   C 4  ? 0.3506 0.3004 0.6713 0.0600  -0.1089 -0.0219 4   G   B N7    
649 C C5    B G   C 4  ? 0.3147 0.2748 0.6410 0.0759  -0.1139 -0.0391 4   G   B C5    
650 C C6    B G   C 4  ? 0.3201 0.3062 0.6633 0.0781  -0.1136 -0.0619 4   G   B C6    
651 O O6    B G   C 4  ? 0.2931 0.2972 0.6486 0.0654  -0.1082 -0.0716 4   G   B O6    
652 N N1    B G   C 4  ? 0.3108 0.3032 0.6548 0.0961  -0.1206 -0.0743 4   G   B N1    
653 C C2    B G   C 4  ? 0.3260 0.3020 0.6545 0.1095  -0.1273 -0.0643 4   G   B C2    
654 N N2    B G   C 4  ? 0.3315 0.3214 0.6622 0.1248  -0.1345 -0.0776 4   G   B N2    
655 N N3    B G   C 4  ? 0.3365 0.2863 0.6478 0.1071  -0.1269 -0.0430 4   G   B N3    
656 C C4    B G   C 4  ? 0.3296 0.2724 0.6416 0.0906  -0.1200 -0.0320 4   G   B C4    
657 P P     B U   C 5  ? 0.4308 0.3130 0.6643 0.1564  -0.1568 -0.0115 5   U   B P     
658 O OP1   B U   C 5  ? 0.4631 0.3213 0.6671 0.1648  -0.1618 0.0045  5   U   B OP1   
659 O OP2   B U   C 5  ? 0.4088 0.3248 0.6625 0.1579  -0.1575 -0.0270 5   U   B OP2   
660 O "O5'" B U   C 5  ? 0.4364 0.3194 0.6801 0.1608  -0.1592 -0.0244 5   U   B "O5'" 
661 C "C5'" B U   C 5  ? 0.4653 0.3418 0.6997 0.1769  -0.1673 -0.0270 5   U   B "C5'" 
662 C "C4'" B U   C 5  ? 0.4570 0.3626 0.7141 0.1845  -0.1717 -0.0499 5   U   B "C4'" 
663 O "O4'" B U   C 5  ? 0.4407 0.3484 0.7176 0.1742  -0.1654 -0.0618 5   U   B "O4'" 
664 C "C3'" B U   C 5  ? 0.4345 0.3761 0.7054 0.1844  -0.1732 -0.0635 5   U   B "C3'" 
665 O "O3'" B U   C 5  ? 0.4440 0.4081 0.7240 0.1976  -0.1811 -0.0793 5   U   B "O3'" 
666 C "C2'" B U   C 5  ? 0.4021 0.3571 0.6962 0.1684  -0.1634 -0.0744 5   U   B "C2'" 
667 O "O2'" B U   C 5  ? 0.3812 0.3722 0.6956 0.1667  -0.1617 -0.0945 5   U   B "O2'" 
668 C "C1'" B U   C 5  ? 0.4114 0.3526 0.7115 0.1681  -0.1628 -0.0797 5   U   B "C1'" 
669 N N1    B U   C 5  ? 0.3894 0.3300 0.7058 0.1518  -0.1546 -0.0822 5   U   B N1    
670 C C2    B U   C 5  ? 0.3698 0.3383 0.7105 0.1458  -0.1507 -0.1037 5   U   B C2    
671 O O2    B U   C 5  ? 0.3691 0.3613 0.7197 0.1542  -0.1542 -0.1215 5   U   B O2    
672 N N3    B U   C 5  ? 0.3551 0.3251 0.6989 0.1236  -0.1396 -0.1013 5   U   B N3    
673 C C4    B U   C 5  ? 0.3564 0.3056 0.6863 0.1092  -0.1338 -0.0809 5   U   B C4    
674 O O4    B U   C 5  ? 0.3433 0.3013 0.6783 0.0894  -0.1252 -0.0806 5   U   B O4    
675 C C5    B U   C 5  ? 0.3753 0.2954 0.6848 0.1187  -0.1389 -0.0618 5   U   B C5    
676 C C6    B U   C 5  ? 0.3912 0.3066 0.6950 0.1399  -0.1492 -0.0630 5   U   B C6    
677 P P     B G   C 6  ? 0.4694 0.4410 0.7347 0.2146  -0.1937 -0.0733 6   G   B P     
678 O OP1   B G   C 6  ? 0.4637 0.4338 0.7160 0.2102  -0.1936 -0.0621 6   G   B OP1   
679 O OP2   B G   C 6  ? 0.4704 0.4759 0.7534 0.2237  -0.1998 -0.0941 6   G   B OP2   
680 O "O5'" B G   C 6  ? 0.5063 0.4435 0.7534 0.2251  -0.1975 -0.0553 6   G   B "O5'" 
681 C "C5'" B G   C 6  ? 0.5213 0.4548 0.7803 0.2333  -0.1985 -0.0632 6   G   B "C5'" 
682 C "C4'" B G   C 6  ? 0.5532 0.4475 0.7958 0.2386  -0.1969 -0.0442 6   G   B "C4'" 
683 O "O4'" B G   C 6  ? 0.5444 0.4131 0.7722 0.2233  -0.1879 -0.0313 6   G   B "O4'" 
684 C "C3'" B G   C 6  ? 0.5653 0.4481 0.8238 0.2423  -0.1930 -0.0534 6   G   B "C3'" 
685 O "O3'" B G   C 6  ? 0.6027 0.4975 0.8719 0.2609  -0.2012 -0.0578 6   G   B "O3'" 
686 C "C2'" B G   C 6  ? 0.5854 0.4257 0.8253 0.2377  -0.1855 -0.0350 6   G   B "C2'" 
687 O "O2'" B G   C 6  ? 0.6316 0.4528 0.8549 0.2529  -0.1903 -0.0164 6   G   B "O2'" 
688 C "C1'" B G   C 6  ? 0.5638 0.4003 0.7875 0.2221  -0.1816 -0.0248 6   G   B "C1'" 
689 N N9    B G   C 6  ? 0.5380 0.3694 0.7707 0.2034  -0.1719 -0.0312 6   G   B N9    
690 C C8    B G   C 6  ? 0.5379 0.3438 0.7544 0.1901  -0.1645 -0.0160 6   G   B C8    
691 N N7    B G   C 6  ? 0.5139 0.3226 0.7442 0.1745  -0.1584 -0.0234 6   G   B N7    
692 C C5    B G   C 6  ? 0.4964 0.3336 0.7531 0.1773  -0.1610 -0.0456 6   G   B C5    
693 C C6    B G   C 6  ? 0.4689 0.3221 0.7507 0.1647  -0.1566 -0.0619 6   G   B C6    
694 O O6    B G   C 6  ? 0.4546 0.2996 0.7412 0.1487  -0.1509 -0.0581 6   G   B O6    
695 N N1    B G   C 6  ? 0.4598 0.3423 0.7632 0.1715  -0.1597 -0.0841 6   G   B N1    
696 C C2    B G   C 6  ? 0.4749 0.3705 0.7769 0.1883  -0.1669 -0.0889 6   G   B C2    
697 N N2    B G   C 6  ? 0.4630 0.3887 0.7880 0.1907  -0.1681 -0.1118 6   G   B N2    
698 N N3    B G   C 6  ? 0.5009 0.3824 0.7816 0.2010  -0.1726 -0.0723 6   G   B N3    
699 C C4    B G   C 6  ? 0.5104 0.3625 0.7688 0.1946  -0.1689 -0.0514 6   G   B C4    
# 
